data_9J50
#
_entry.id   9J50
#
_cell.length_a   72.570
_cell.length_b   72.660
_cell.length_c   106.910
_cell.angle_alpha   95.67
_cell.angle_beta   107.84
_cell.angle_gamma   109.19
#
_symmetry.space_group_name_H-M   'P 1'
#
loop_
_entity.id
_entity.type
_entity.pdbx_description
1 polymer 'Polyamine:pyruvate transaminase'
2 non-polymer 'PHOSPHATE ION'
3 non-polymer 1,2-ETHANEDIOL
4 water water
#
_entity_poly.entity_id   1
_entity_poly.type   'polypeptide(L)'
_entity_poly.pdbx_seq_one_letter_code
;MSVNNPQTREWQTLSGEHHLAPFSDYKQLKEKGPRIITKAQGVHLWDSEGHKILDGMAGLWCVAVGYGREELVQAAEKQM
RELPYYNLFFQTAHPPALELAKAITDVAPKGMTHVFFTGSGSEGNDTVLRMVRHYWALKGKPHKQTIIGRINGYHGSTFA
GACLGGMSGMHEQGGLPIPGIVHIPQPYWFGEGGDMTPDEFGVWAAEQLEKKILEVGEDNVAAFIAEPIQGAGGVIIPPE
TYWPKVKEILARYDILFVADEVICGFGRTGEWFGSDYYDLKPDLMTIAKGLTSGYIPMGGVIVRDTVAKVISEGGDFNHG
FTYSGHPVAAAVGLENLRILRDEKIVEKARTEAAPYLQKRLRELQDHPLVGEVRGLGMLGAIELVKDKATRSRYEGKGVG
MICRTFCFENGLIMRAVGDTMIIAPPLVISHAEIDELVEKARKCLDLTLEAIQ
;
_entity_poly.pdbx_strand_id   A,B,C,D
#
loop_
_chem_comp.id
_chem_comp.type
_chem_comp.name
_chem_comp.formula
EDO non-polymer 1,2-ETHANEDIOL 'C2 H6 O2'
PO4 non-polymer 'PHOSPHATE ION' 'O4 P -3'
#
# COMPACT_ATOMS: atom_id res chain seq x y z
N ASN A 5 -53.05 -22.16 -10.01
CA ASN A 5 -54.40 -22.75 -10.24
C ASN A 5 -54.53 -24.17 -9.66
N PRO A 6 -53.62 -25.14 -9.93
CA PRO A 6 -53.77 -26.49 -9.40
C PRO A 6 -53.51 -26.57 -7.89
N GLN A 7 -52.40 -27.21 -7.51
CA GLN A 7 -52.09 -27.41 -6.09
C GLN A 7 -51.43 -26.15 -5.53
N THR A 8 -50.95 -25.28 -6.42
CA THR A 8 -50.38 -24.00 -6.06
C THR A 8 -51.27 -23.27 -5.07
N ARG A 9 -52.55 -23.10 -5.43
CA ARG A 9 -53.49 -22.33 -4.63
C ARG A 9 -53.54 -22.85 -3.20
N GLU A 10 -53.54 -24.18 -3.06
CA GLU A 10 -53.55 -24.80 -1.74
C GLU A 10 -52.28 -24.43 -0.98
N TRP A 11 -51.13 -24.52 -1.65
CA TRP A 11 -49.85 -24.15 -1.04
C TRP A 11 -49.83 -22.66 -0.70
N GLN A 12 -50.51 -21.84 -1.53
CA GLN A 12 -50.51 -20.39 -1.35
C GLN A 12 -51.33 -19.97 -0.15
N THR A 13 -52.57 -20.48 -0.02
CA THR A 13 -53.42 -20.19 1.13
C THR A 13 -52.73 -20.62 2.43
N LEU A 14 -51.93 -21.71 2.35
CA LEU A 14 -51.17 -22.21 3.48
C LEU A 14 -50.16 -21.17 3.96
N SER A 15 -49.30 -20.70 3.04
CA SER A 15 -48.29 -19.70 3.37
C SER A 15 -48.95 -18.56 4.14
N GLY A 16 -50.04 -18.04 3.57
CA GLY A 16 -50.79 -16.96 4.18
C GLY A 16 -51.14 -17.25 5.64
N GLU A 17 -51.59 -18.47 5.91
CA GLU A 17 -52.19 -18.80 7.19
C GLU A 17 -51.19 -19.35 8.21
N HIS A 18 -49.97 -19.73 7.79
CA HIS A 18 -49.08 -20.47 8.67
C HIS A 18 -47.59 -20.17 8.49
N HIS A 19 -47.20 -19.31 7.52
CA HIS A 19 -45.79 -19.14 7.23
C HIS A 19 -45.39 -17.67 7.30
N LEU A 20 -44.18 -17.44 7.84
CA LEU A 20 -43.58 -16.12 7.91
C LEU A 20 -42.23 -16.17 7.22
N ALA A 21 -42.17 -15.69 5.97
CA ALA A 21 -40.97 -15.80 5.15
C ALA A 21 -39.95 -14.70 5.50
N PRO A 22 -38.63 -15.01 5.38
CA PRO A 22 -37.58 -14.00 5.49
C PRO A 22 -37.85 -12.71 4.72
N PHE A 23 -37.62 -11.56 5.39
CA PHE A 23 -37.55 -10.25 4.77
C PHE A 23 -38.76 -9.95 3.90
N SER A 24 -39.96 -10.20 4.44
CA SER A 24 -41.19 -10.13 3.65
C SER A 24 -42.29 -9.33 4.34
N ASP A 25 -43.11 -8.67 3.51
CA ASP A 25 -44.32 -8.00 3.95
C ASP A 25 -45.47 -9.00 3.84
N TYR A 26 -45.83 -9.63 4.96
CA TYR A 26 -46.70 -10.79 4.98
C TYR A 26 -48.12 -10.42 4.55
N LYS A 27 -48.57 -9.19 4.81
CA LYS A 27 -49.86 -8.71 4.35
C LYS A 27 -49.94 -8.79 2.83
N GLN A 28 -48.90 -8.28 2.16
CA GLN A 28 -48.78 -8.28 0.70
C GLN A 28 -48.68 -9.71 0.16
N LEU A 29 -47.71 -10.47 0.68
CA LEU A 29 -47.50 -11.87 0.34
C LEU A 29 -48.83 -12.63 0.27
N LYS A 30 -49.77 -12.31 1.18
CA LYS A 30 -51.06 -13.00 1.25
C LYS A 30 -51.97 -12.57 0.10
N GLU A 31 -51.93 -11.29 -0.29
CA GLU A 31 -52.80 -10.76 -1.32
C GLU A 31 -52.43 -11.33 -2.69
N LYS A 32 -51.13 -11.56 -2.91
CA LYS A 32 -50.62 -12.11 -4.16
C LYS A 32 -50.63 -13.63 -4.11
N GLY A 33 -50.11 -14.19 -3.00
CA GLY A 33 -49.71 -15.58 -2.94
C GLY A 33 -48.27 -15.70 -3.45
N PRO A 34 -47.38 -16.42 -2.73
CA PRO A 34 -46.01 -16.61 -3.19
C PRO A 34 -45.89 -17.49 -4.43
N ARG A 35 -44.70 -17.47 -5.04
CA ARG A 35 -44.34 -18.39 -6.11
C ARG A 35 -43.65 -19.61 -5.50
N ILE A 36 -44.23 -20.79 -5.72
CA ILE A 36 -43.69 -22.04 -5.21
C ILE A 36 -42.72 -22.65 -6.24
N ILE A 37 -41.46 -22.87 -5.84
CA ILE A 37 -40.50 -23.60 -6.64
C ILE A 37 -40.42 -25.03 -6.09
N THR A 38 -40.49 -26.03 -6.98
CA THR A 38 -40.70 -27.42 -6.60
C THR A 38 -39.52 -28.29 -7.01
N LYS A 39 -39.06 -28.15 -8.27
CA LYS A 39 -37.95 -28.97 -8.77
C LYS A 39 -36.83 -28.06 -9.27
N ALA A 40 -35.65 -28.65 -9.49
CA ALA A 40 -34.55 -27.95 -10.14
C ALA A 40 -33.51 -28.95 -10.67
N GLN A 41 -32.72 -28.48 -11.63
CA GLN A 41 -31.69 -29.28 -12.28
C GLN A 41 -30.71 -28.33 -12.96
N GLY A 42 -29.41 -28.60 -12.84
CA GLY A 42 -28.40 -27.75 -13.44
C GLY A 42 -28.44 -26.33 -12.88
N VAL A 43 -28.79 -25.36 -13.75
CA VAL A 43 -28.90 -23.96 -13.35
C VAL A 43 -30.36 -23.52 -13.46
N HIS A 44 -31.25 -24.48 -13.74
CA HIS A 44 -32.64 -24.16 -14.01
C HIS A 44 -33.50 -24.62 -12.84
N LEU A 45 -34.77 -24.19 -12.85
CA LEU A 45 -35.73 -24.64 -11.87
C LEU A 45 -37.15 -24.48 -12.41
N TRP A 46 -38.10 -25.14 -11.74
CA TRP A 46 -39.48 -25.17 -12.19
C TRP A 46 -40.38 -24.74 -11.04
N ASP A 47 -41.42 -23.97 -11.38
CA ASP A 47 -42.45 -23.58 -10.44
C ASP A 47 -43.62 -24.56 -10.59
N SER A 48 -44.56 -24.49 -9.65
CA SER A 48 -45.66 -25.44 -9.56
C SER A 48 -46.62 -25.29 -10.74
N GLU A 49 -46.43 -24.25 -11.56
CA GLU A 49 -47.22 -24.02 -12.76
C GLU A 49 -46.49 -24.49 -14.02
N GLY A 50 -45.28 -25.05 -13.85
CA GLY A 50 -44.57 -25.72 -14.93
C GLY A 50 -43.59 -24.81 -15.68
N HIS A 51 -43.42 -23.57 -15.20
CA HIS A 51 -42.53 -22.63 -15.86
C HIS A 51 -41.08 -22.98 -15.53
N LYS A 52 -40.25 -23.22 -16.55
CA LYS A 52 -38.82 -23.38 -16.36
C LYS A 52 -38.21 -22.00 -16.14
N ILE A 53 -37.23 -21.89 -15.22
CA ILE A 53 -36.65 -20.61 -14.86
C ILE A 53 -35.15 -20.76 -14.65
N LEU A 54 -34.36 -19.95 -15.37
CA LEU A 54 -32.92 -19.92 -15.19
C LEU A 54 -32.63 -19.18 -13.88
N ASP A 55 -31.88 -19.84 -12.99
CA ASP A 55 -31.57 -19.25 -11.68
C ASP A 55 -30.20 -18.58 -11.73
N GLY A 56 -30.22 -17.25 -11.89
CA GLY A 56 -29.00 -16.46 -12.03
C GLY A 56 -28.38 -16.07 -10.69
N MET A 57 -29.03 -16.44 -9.57
CA MET A 57 -28.56 -16.07 -8.25
C MET A 57 -28.08 -17.30 -7.46
N ALA A 58 -28.15 -18.49 -8.08
CA ALA A 58 -27.73 -19.74 -7.46
C ALA A 58 -28.46 -19.94 -6.12
N GLY A 59 -29.80 -19.95 -6.20
CA GLY A 59 -30.62 -19.92 -5.01
C GLY A 59 -30.52 -18.56 -4.32
N LEU A 60 -29.57 -18.48 -3.37
CA LEU A 60 -29.17 -17.24 -2.73
C LEU A 60 -27.65 -17.24 -2.58
N TRP A 61 -26.95 -17.15 -3.73
CA TRP A 61 -25.50 -17.06 -3.81
C TRP A 61 -24.80 -18.33 -3.33
N CYS A 62 -25.51 -19.47 -3.21
CA CYS A 62 -24.97 -20.61 -2.48
C CYS A 62 -24.79 -21.87 -3.33
N VAL A 63 -25.67 -22.14 -4.32
CA VAL A 63 -25.60 -23.39 -5.07
C VAL A 63 -24.48 -23.32 -6.10
N ALA A 64 -23.24 -23.50 -5.65
CA ALA A 64 -22.07 -23.31 -6.49
C ALA A 64 -22.05 -24.33 -7.63
N VAL A 65 -22.16 -25.61 -7.30
CA VAL A 65 -21.95 -26.68 -8.27
C VAL A 65 -23.22 -26.93 -9.07
N GLY A 66 -24.30 -26.21 -8.75
CA GLY A 66 -25.54 -26.34 -9.49
C GLY A 66 -26.45 -27.40 -8.86
N TYR A 67 -27.71 -27.46 -9.32
CA TYR A 67 -28.70 -28.36 -8.77
C TYR A 67 -28.59 -29.75 -9.39
N GLY A 68 -28.63 -30.77 -8.51
CA GLY A 68 -28.88 -32.15 -8.90
C GLY A 68 -27.65 -33.06 -8.84
N ARG A 69 -26.53 -32.58 -8.28
CA ARG A 69 -25.31 -33.38 -8.20
C ARG A 69 -25.50 -34.53 -7.20
N GLU A 70 -25.59 -35.75 -7.72
CA GLU A 70 -25.95 -36.90 -6.91
C GLU A 70 -24.84 -37.30 -5.95
N GLU A 71 -23.59 -36.94 -6.26
CA GLU A 71 -22.46 -37.20 -5.39
C GLU A 71 -22.73 -36.68 -3.98
N LEU A 72 -23.44 -35.55 -3.88
CA LEU A 72 -23.74 -34.93 -2.60
C LEU A 72 -24.93 -35.61 -1.94
N VAL A 73 -25.90 -36.06 -2.76
CA VAL A 73 -27.07 -36.75 -2.25
C VAL A 73 -26.65 -38.06 -1.57
N GLN A 74 -25.65 -38.74 -2.15
CA GLN A 74 -25.18 -40.01 -1.64
C GLN A 74 -24.26 -39.79 -0.44
N ALA A 75 -23.48 -38.70 -0.46
CA ALA A 75 -22.62 -38.35 0.66
C ALA A 75 -23.47 -38.14 1.91
N ALA A 76 -24.63 -37.51 1.74
CA ALA A 76 -25.55 -37.24 2.83
C ALA A 76 -26.15 -38.55 3.35
N GLU A 77 -26.79 -39.29 2.43
CA GLU A 77 -27.51 -40.52 2.75
C GLU A 77 -26.62 -41.47 3.54
N LYS A 78 -25.39 -41.65 3.08
CA LYS A 78 -24.47 -42.59 3.69
C LYS A 78 -24.21 -42.17 5.14
N GLN A 79 -23.88 -40.88 5.30
CA GLN A 79 -23.50 -40.32 6.60
C GLN A 79 -24.69 -40.40 7.56
N MET A 80 -25.88 -40.01 7.07
CA MET A 80 -27.09 -39.96 7.87
C MET A 80 -27.46 -41.34 8.41
N ARG A 81 -27.13 -42.39 7.66
CA ARG A 81 -27.46 -43.75 8.06
C ARG A 81 -26.47 -44.24 9.12
N GLU A 82 -25.18 -44.05 8.84
CA GLU A 82 -24.11 -44.48 9.72
C GLU A 82 -24.17 -43.70 11.03
N LEU A 83 -24.01 -42.37 10.93
CA LEU A 83 -24.11 -41.49 12.09
C LEU A 83 -24.88 -40.22 11.73
N PRO A 84 -26.18 -40.13 12.10
CA PRO A 84 -26.99 -38.96 11.79
C PRO A 84 -26.51 -37.70 12.51
N TYR A 85 -26.16 -37.86 13.80
CA TYR A 85 -25.72 -36.74 14.60
C TYR A 85 -24.90 -37.23 15.79
N TYR A 86 -23.87 -36.46 16.13
CA TYR A 86 -23.39 -36.42 17.50
C TYR A 86 -22.77 -35.05 17.76
N ASN A 87 -22.89 -34.58 19.01
CA ASN A 87 -22.45 -33.25 19.39
C ASN A 87 -20.91 -33.16 19.39
N LEU A 88 -20.42 -31.92 19.34
CA LEU A 88 -19.01 -31.61 19.49
C LEU A 88 -18.73 -30.92 20.83
N PHE A 89 -19.67 -31.03 21.78
CA PHE A 89 -19.56 -30.41 23.09
C PHE A 89 -18.78 -31.27 24.07
N PHE A 90 -19.06 -32.58 24.11
CA PHE A 90 -18.73 -33.43 25.24
C PHE A 90 -17.28 -33.92 25.17
N GLN A 91 -16.36 -33.01 24.83
CA GLN A 91 -14.97 -33.37 24.52
C GLN A 91 -14.98 -34.47 23.46
N THR A 92 -15.94 -34.38 22.54
CA THR A 92 -16.22 -35.43 21.57
C THR A 92 -16.06 -34.84 20.17
N ALA A 93 -15.83 -35.73 19.19
CA ALA A 93 -15.73 -35.36 17.79
C ALA A 93 -16.26 -36.48 16.92
N HIS A 94 -16.33 -36.22 15.61
CA HIS A 94 -16.64 -37.24 14.62
C HIS A 94 -15.81 -36.97 13.36
N PRO A 95 -15.51 -38.01 12.54
CA PRO A 95 -14.57 -37.87 11.43
C PRO A 95 -14.94 -36.79 10.41
N PRO A 96 -16.20 -36.69 9.94
CA PRO A 96 -16.56 -35.68 8.95
C PRO A 96 -15.99 -34.30 9.28
N ALA A 97 -16.37 -33.78 10.46
CA ALA A 97 -16.08 -32.41 10.85
C ALA A 97 -14.58 -32.12 10.84
N LEU A 98 -13.78 -33.12 11.22
CA LEU A 98 -12.34 -32.92 11.33
C LEU A 98 -11.70 -32.82 9.95
N GLU A 99 -12.12 -33.71 9.04
CA GLU A 99 -11.53 -33.80 7.71
C GLU A 99 -12.04 -32.66 6.82
N LEU A 100 -13.22 -32.13 7.15
CA LEU A 100 -13.74 -30.94 6.48
C LEU A 100 -12.90 -29.73 6.89
N ALA A 101 -12.72 -29.55 8.20
CA ALA A 101 -11.86 -28.49 8.70
C ALA A 101 -10.52 -28.50 7.99
N LYS A 102 -9.95 -29.70 7.78
CA LYS A 102 -8.68 -29.86 7.11
C LYS A 102 -8.79 -29.44 5.64
N ALA A 103 -9.90 -29.82 4.97
CA ALA A 103 -10.11 -29.47 3.58
C ALA A 103 -10.15 -27.95 3.38
N ILE A 104 -10.99 -27.26 4.16
CA ILE A 104 -11.17 -25.82 4.10
C ILE A 104 -9.83 -25.12 4.26
N THR A 105 -9.11 -25.47 5.33
CA THR A 105 -7.85 -24.81 5.68
C THR A 105 -6.84 -24.90 4.53
N ASP A 106 -6.92 -25.98 3.75
CA ASP A 106 -6.00 -26.21 2.64
C ASP A 106 -6.27 -25.24 1.47
N VAL A 107 -7.54 -24.88 1.29
CA VAL A 107 -7.92 -23.97 0.21
C VAL A 107 -7.94 -22.52 0.73
N ALA A 108 -7.71 -22.35 2.04
CA ALA A 108 -7.69 -21.04 2.68
C ALA A 108 -6.27 -20.48 2.68
N PRO A 109 -6.11 -19.13 2.64
CA PRO A 109 -4.79 -18.50 2.59
C PRO A 109 -3.81 -18.93 3.69
N LYS A 110 -2.54 -18.61 3.46
CA LYS A 110 -1.43 -18.90 4.37
C LYS A 110 -1.80 -18.45 5.78
N GLY A 111 -1.74 -19.40 6.72
CA GLY A 111 -1.93 -19.10 8.13
C GLY A 111 -3.38 -19.28 8.59
N MET A 112 -4.33 -19.44 7.65
CA MET A 112 -5.69 -19.84 8.01
C MET A 112 -5.71 -21.34 8.31
N THR A 113 -5.53 -21.69 9.60
CA THR A 113 -5.23 -23.05 10.02
C THR A 113 -6.37 -23.71 10.80
N HIS A 114 -7.46 -22.99 11.14
CA HIS A 114 -8.49 -23.54 12.02
C HIS A 114 -9.89 -23.14 11.56
N VAL A 115 -10.87 -24.01 11.88
CA VAL A 115 -12.26 -23.75 11.58
C VAL A 115 -13.10 -23.97 12.84
N PHE A 116 -13.88 -22.95 13.22
CA PHE A 116 -14.96 -23.12 14.18
C PHE A 116 -16.25 -23.21 13.39
N PHE A 117 -17.09 -24.23 13.67
CA PHE A 117 -18.22 -24.56 12.82
C PHE A 117 -19.51 -23.94 13.38
N THR A 118 -20.34 -23.40 12.45
CA THR A 118 -21.64 -22.85 12.78
C THR A 118 -22.63 -23.31 11.70
N GLY A 119 -23.89 -22.93 11.86
CA GLY A 119 -24.96 -23.40 10.98
C GLY A 119 -25.27 -22.45 9.84
N SER A 120 -24.80 -21.19 9.95
CA SER A 120 -25.13 -20.12 9.02
C SER A 120 -24.02 -19.07 9.02
N GLY A 121 -24.13 -18.10 8.11
CA GLY A 121 -23.21 -16.97 8.05
C GLY A 121 -23.39 -16.04 9.25
N SER A 122 -24.66 -15.81 9.62
CA SER A 122 -25.02 -14.98 10.76
C SER A 122 -24.38 -15.50 12.05
N GLU A 123 -24.64 -16.78 12.36
CA GLU A 123 -24.00 -17.45 13.48
C GLU A 123 -22.48 -17.37 13.39
N GLY A 124 -21.97 -17.34 12.15
CA GLY A 124 -20.55 -17.14 11.91
C GLY A 124 -20.07 -15.78 12.44
N ASN A 125 -20.81 -14.71 12.10
CA ASN A 125 -20.40 -13.37 12.47
C ASN A 125 -20.58 -13.13 13.98
N ASP A 126 -21.62 -13.73 14.57
CA ASP A 126 -21.71 -13.79 16.02
C ASP A 126 -20.43 -14.40 16.57
N THR A 127 -19.94 -15.46 15.93
CA THR A 127 -18.77 -16.18 16.39
C THR A 127 -17.56 -15.25 16.37
N VAL A 128 -17.41 -14.48 15.28
CA VAL A 128 -16.30 -13.54 15.15
C VAL A 128 -16.37 -12.49 16.26
N LEU A 129 -17.59 -12.09 16.63
CA LEU A 129 -17.78 -10.97 17.54
C LEU A 129 -17.29 -11.36 18.93
N ARG A 130 -17.79 -12.50 19.44
CA ARG A 130 -17.39 -13.00 20.75
C ARG A 130 -15.91 -13.36 20.72
N MET A 131 -15.42 -13.84 19.58
CA MET A 131 -14.02 -14.24 19.46
C MET A 131 -13.09 -13.03 19.56
N VAL A 132 -13.36 -11.99 18.76
CA VAL A 132 -12.47 -10.84 18.64
C VAL A 132 -12.31 -10.17 20.00
N ARG A 133 -13.40 -10.05 20.75
CA ARG A 133 -13.41 -9.32 22.00
C ARG A 133 -12.78 -10.16 23.11
N HIS A 134 -13.05 -11.46 23.08
CA HIS A 134 -12.41 -12.41 23.96
C HIS A 134 -10.91 -12.40 23.70
N TYR A 135 -10.51 -12.36 22.42
CA TYR A 135 -9.11 -12.39 22.03
C TYR A 135 -8.37 -11.21 22.64
N TRP A 136 -8.98 -10.02 22.60
CA TRP A 136 -8.35 -8.82 23.13
C TRP A 136 -8.34 -8.84 24.65
N ALA A 137 -9.47 -9.20 25.26
CA ALA A 137 -9.58 -9.37 26.70
C ALA A 137 -8.52 -10.35 27.22
N LEU A 138 -8.22 -11.40 26.43
CA LEU A 138 -7.16 -12.35 26.73
C LEU A 138 -5.78 -11.71 26.64
N LYS A 139 -5.59 -10.77 25.70
CA LYS A 139 -4.31 -10.11 25.50
C LYS A 139 -4.13 -8.96 26.49
N GLY A 140 -5.10 -8.78 27.39
CA GLY A 140 -5.01 -7.85 28.50
C GLY A 140 -5.62 -6.48 28.18
N LYS A 141 -6.52 -6.42 27.19
CA LYS A 141 -7.10 -5.16 26.75
C LYS A 141 -8.61 -5.27 26.64
N PRO A 142 -9.34 -5.54 27.76
CA PRO A 142 -10.78 -5.81 27.70
C PRO A 142 -11.63 -4.61 27.31
N HIS A 143 -11.01 -3.41 27.31
CA HIS A 143 -11.66 -2.20 26.88
C HIS A 143 -11.79 -2.15 25.35
N LYS A 144 -10.98 -2.98 24.67
CA LYS A 144 -10.82 -2.92 23.22
C LYS A 144 -11.89 -3.77 22.57
N GLN A 145 -13.00 -3.13 22.18
CA GLN A 145 -14.17 -3.87 21.73
C GLN A 145 -14.76 -3.42 20.40
N THR A 146 -14.43 -2.19 19.94
CA THR A 146 -15.23 -1.57 18.90
C THR A 146 -14.93 -2.20 17.54
N ILE A 147 -16.02 -2.56 16.84
CA ILE A 147 -15.95 -3.16 15.51
C ILE A 147 -16.31 -2.09 14.50
N ILE A 148 -15.48 -1.95 13.45
CA ILE A 148 -15.75 -1.04 12.36
C ILE A 148 -16.31 -1.86 11.21
N GLY A 149 -17.56 -1.57 10.83
CA GLY A 149 -18.19 -2.09 9.63
C GLY A 149 -18.40 -0.98 8.61
N ARG A 150 -19.34 -1.18 7.69
CA ARG A 150 -19.58 -0.22 6.62
C ARG A 150 -21.07 -0.11 6.33
N ILE A 151 -21.47 1.03 5.76
CA ILE A 151 -22.84 1.24 5.31
C ILE A 151 -23.09 0.27 4.17
N ASN A 152 -24.32 -0.27 4.11
CA ASN A 152 -24.73 -1.15 3.02
C ASN A 152 -23.91 -2.45 3.00
N GLY A 153 -23.09 -2.70 4.04
CA GLY A 153 -22.51 -4.01 4.29
C GLY A 153 -23.53 -4.95 4.94
N TYR A 154 -23.49 -6.25 4.59
CA TYR A 154 -24.39 -7.25 5.17
C TYR A 154 -23.57 -8.32 5.87
N HIS A 155 -23.96 -8.67 7.10
CA HIS A 155 -23.19 -9.60 7.91
C HIS A 155 -24.07 -10.57 8.69
N GLY A 156 -25.38 -10.59 8.41
CA GLY A 156 -26.26 -11.56 9.05
C GLY A 156 -27.57 -10.93 9.53
N SER A 157 -28.45 -11.81 10.01
CA SER A 157 -29.76 -11.42 10.51
C SER A 157 -29.96 -11.88 11.96
N THR A 158 -28.91 -12.42 12.60
CA THR A 158 -28.88 -12.47 14.06
C THR A 158 -28.85 -11.02 14.55
N PHE A 159 -28.98 -10.85 15.86
CA PHE A 159 -28.93 -9.51 16.42
C PHE A 159 -27.56 -8.90 16.11
N ALA A 160 -26.51 -9.68 16.36
CA ALA A 160 -25.16 -9.23 16.12
C ALA A 160 -24.94 -8.91 14.64
N GLY A 161 -25.40 -9.81 13.75
CA GLY A 161 -25.17 -9.71 12.32
C GLY A 161 -25.89 -8.52 11.66
N ALA A 162 -27.06 -8.17 12.22
CA ALA A 162 -27.82 -7.02 11.76
C ALA A 162 -27.21 -5.71 12.27
N CYS A 163 -26.66 -5.73 13.50
CA CYS A 163 -26.00 -4.57 14.05
C CYS A 163 -24.63 -4.31 13.42
N LEU A 164 -24.01 -5.33 12.82
CA LEU A 164 -22.67 -5.23 12.26
C LEU A 164 -22.74 -4.67 10.84
N GLY A 165 -23.75 -5.09 10.09
CA GLY A 165 -24.03 -4.56 8.76
C GLY A 165 -24.62 -3.15 8.83
N GLY A 166 -24.83 -2.55 7.65
CA GLY A 166 -25.26 -1.16 7.58
C GLY A 166 -26.50 -0.97 6.71
N MET A 167 -27.50 -1.85 6.91
CA MET A 167 -28.82 -1.67 6.34
C MET A 167 -29.64 -0.90 7.36
N SER A 168 -30.12 0.29 7.00
CA SER A 168 -30.96 1.08 7.91
C SER A 168 -32.26 0.34 8.24
N GLY A 169 -32.82 -0.34 7.22
CA GLY A 169 -34.07 -1.07 7.35
C GLY A 169 -34.03 -2.10 8.47
N MET A 170 -32.86 -2.71 8.71
CA MET A 170 -32.71 -3.71 9.75
C MET A 170 -32.53 -3.05 11.11
N HIS A 171 -31.61 -2.07 11.18
CA HIS A 171 -31.32 -1.32 12.40
C HIS A 171 -32.57 -0.78 13.07
N GLU A 172 -33.63 -0.53 12.29
CA GLU A 172 -34.88 0.01 12.80
C GLU A 172 -35.73 -1.06 13.51
N GLN A 173 -35.27 -2.33 13.49
CA GLN A 173 -36.05 -3.44 14.00
CA GLN A 173 -36.05 -3.44 14.01
C GLN A 173 -35.20 -4.29 14.95
N GLY A 174 -35.57 -4.28 16.24
CA GLY A 174 -34.87 -5.03 17.28
C GLY A 174 -34.39 -4.17 18.45
N GLY A 175 -34.65 -2.86 18.45
CA GLY A 175 -34.35 -2.01 19.59
C GLY A 175 -32.89 -1.59 19.65
N LEU A 176 -32.48 -1.05 20.80
CA LEU A 176 -31.16 -0.46 21.00
C LEU A 176 -30.06 -1.41 20.54
N PRO A 177 -29.02 -0.89 19.85
CA PRO A 177 -27.98 -1.74 19.26
C PRO A 177 -27.00 -2.30 20.29
N ILE A 178 -26.16 -3.24 19.84
CA ILE A 178 -25.05 -3.76 20.61
C ILE A 178 -24.01 -2.65 20.73
N PRO A 179 -23.59 -2.24 21.95
CA PRO A 179 -22.54 -1.25 22.11
C PRO A 179 -21.24 -1.67 21.43
N GLY A 180 -20.57 -0.71 20.77
CA GLY A 180 -19.23 -0.91 20.25
C GLY A 180 -19.21 -1.35 18.78
N ILE A 181 -20.20 -0.90 17.99
CA ILE A 181 -20.23 -1.14 16.56
C ILE A 181 -20.45 0.21 15.86
N VAL A 182 -19.55 0.57 14.94
CA VAL A 182 -19.62 1.81 14.20
C VAL A 182 -19.39 1.52 12.72
N HIS A 183 -19.85 2.42 11.85
CA HIS A 183 -19.86 2.20 10.40
C HIS A 183 -19.20 3.35 9.64
N ILE A 184 -18.24 2.99 8.77
CA ILE A 184 -17.68 3.93 7.81
C ILE A 184 -18.43 3.79 6.49
N PRO A 185 -18.32 4.75 5.54
CA PRO A 185 -19.03 4.66 4.26
C PRO A 185 -18.49 3.58 3.31
N GLN A 186 -19.39 3.10 2.44
CA GLN A 186 -19.09 2.01 1.51
C GLN A 186 -18.35 2.56 0.29
N PRO A 187 -17.38 1.81 -0.29
CA PRO A 187 -16.73 2.22 -1.53
C PRO A 187 -17.56 1.93 -2.78
N TYR A 188 -18.74 2.56 -2.85
CA TYR A 188 -19.64 2.43 -3.99
C TYR A 188 -19.54 3.66 -4.88
N TRP A 189 -18.49 3.72 -5.71
CA TRP A 189 -18.23 4.86 -6.58
C TRP A 189 -19.49 5.29 -7.34
N PHE A 190 -20.19 4.31 -7.94
CA PHE A 190 -21.21 4.60 -8.93
C PHE A 190 -22.34 5.45 -8.34
N GLY A 191 -22.72 5.13 -7.10
CA GLY A 191 -23.84 5.76 -6.44
C GLY A 191 -23.45 6.85 -5.44
N GLU A 192 -22.24 6.78 -4.87
CA GLU A 192 -21.83 7.66 -3.78
C GLU A 192 -20.74 8.63 -4.24
N GLY A 193 -19.70 8.12 -4.92
CA GLY A 193 -18.59 8.94 -5.38
C GLY A 193 -19.04 9.89 -6.48
N GLY A 194 -19.18 11.18 -6.15
CA GLY A 194 -19.88 12.12 -7.01
C GLY A 194 -19.08 12.45 -8.27
N ASP A 195 -18.15 13.40 -8.15
CA ASP A 195 -17.38 13.89 -9.29
C ASP A 195 -15.95 13.38 -9.22
N MET A 196 -15.68 12.45 -8.30
CA MET A 196 -14.36 11.86 -8.16
C MET A 196 -14.19 10.79 -9.25
N THR A 197 -12.94 10.59 -9.69
CA THR A 197 -12.60 9.43 -10.50
C THR A 197 -12.62 8.19 -9.59
N PRO A 198 -12.94 6.98 -10.11
CA PRO A 198 -13.02 5.79 -9.26
C PRO A 198 -11.82 5.62 -8.33
N ASP A 199 -10.62 5.72 -8.88
CA ASP A 199 -9.38 5.47 -8.17
C ASP A 199 -9.26 6.35 -6.92
N GLU A 200 -9.61 7.64 -7.04
CA GLU A 200 -9.42 8.57 -5.93
C GLU A 200 -10.57 8.44 -4.92
N PHE A 201 -11.72 7.94 -5.37
CA PHE A 201 -12.81 7.61 -4.45
C PHE A 201 -12.38 6.44 -3.54
N GLY A 202 -11.84 5.39 -4.16
CA GLY A 202 -11.32 4.23 -3.46
C GLY A 202 -10.31 4.63 -2.38
N VAL A 203 -9.51 5.66 -2.65
CA VAL A 203 -8.55 6.14 -1.67
C VAL A 203 -9.31 6.87 -0.57
N TRP A 204 -10.28 7.72 -0.97
CA TRP A 204 -11.09 8.43 0.00
C TRP A 204 -11.76 7.46 0.96
N ALA A 205 -12.48 6.49 0.38
CA ALA A 205 -13.26 5.50 1.13
C ALA A 205 -12.37 4.72 2.09
N ALA A 206 -11.18 4.34 1.62
CA ALA A 206 -10.23 3.60 2.41
C ALA A 206 -9.73 4.44 3.59
N GLU A 207 -9.44 5.72 3.35
CA GLU A 207 -8.87 6.59 4.37
CA GLU A 207 -8.88 6.58 4.38
C GLU A 207 -9.91 6.88 5.46
N GLN A 208 -11.20 6.71 5.14
CA GLN A 208 -12.25 6.90 6.12
C GLN A 208 -12.12 5.88 7.25
N LEU A 209 -11.50 4.73 6.96
CA LEU A 209 -11.18 3.74 7.98
C LEU A 209 -10.25 4.35 9.02
N GLU A 210 -9.16 4.98 8.54
CA GLU A 210 -8.19 5.60 9.42
C GLU A 210 -8.85 6.71 10.23
N LYS A 211 -9.78 7.45 9.61
CA LYS A 211 -10.50 8.48 10.32
C LYS A 211 -11.21 7.88 11.53
N LYS A 212 -11.88 6.73 11.31
CA LYS A 212 -12.73 6.16 12.33
C LYS A 212 -11.89 5.53 13.46
N ILE A 213 -10.72 4.99 13.10
CA ILE A 213 -9.84 4.39 14.09
C ILE A 213 -9.42 5.48 15.08
N LEU A 214 -8.95 6.61 14.53
CA LEU A 214 -8.39 7.70 15.33
C LEU A 214 -9.51 8.40 16.10
N GLU A 215 -10.72 8.41 15.53
CA GLU A 215 -11.88 8.99 16.19
C GLU A 215 -12.19 8.20 17.46
N VAL A 216 -12.37 6.89 17.30
CA VAL A 216 -12.83 6.03 18.39
C VAL A 216 -11.69 5.77 19.36
N GLY A 217 -10.47 5.66 18.82
CA GLY A 217 -9.28 5.35 19.59
C GLY A 217 -8.76 3.95 19.24
N GLU A 218 -7.57 3.87 18.64
CA GLU A 218 -6.92 2.61 18.30
C GLU A 218 -7.09 1.59 19.42
N ASP A 219 -6.72 1.97 20.66
CA ASP A 219 -6.74 1.04 21.79
C ASP A 219 -8.17 0.69 22.20
N ASN A 220 -9.17 1.23 21.49
CA ASN A 220 -10.56 0.83 21.68
C ASN A 220 -11.07 -0.02 20.52
N VAL A 221 -10.27 -0.14 19.46
CA VAL A 221 -10.72 -0.76 18.22
C VAL A 221 -10.28 -2.22 18.22
N ALA A 222 -11.28 -3.11 18.09
CA ALA A 222 -11.07 -4.55 18.14
C ALA A 222 -10.81 -5.12 16.75
N ALA A 223 -11.58 -4.66 15.75
CA ALA A 223 -11.48 -5.23 14.41
C ALA A 223 -12.16 -4.35 13.37
N PHE A 224 -11.70 -4.51 12.12
CA PHE A 224 -12.42 -4.05 10.95
C PHE A 224 -13.05 -5.26 10.27
N ILE A 225 -14.35 -5.16 9.98
CA ILE A 225 -15.10 -6.23 9.32
C ILE A 225 -15.59 -5.71 7.97
N ALA A 226 -15.34 -6.48 6.92
CA ALA A 226 -15.82 -6.13 5.59
C ALA A 226 -15.90 -7.37 4.70
N GLU A 227 -16.88 -7.37 3.78
CA GLU A 227 -16.93 -8.32 2.70
C GLU A 227 -15.87 -7.90 1.68
N PRO A 228 -15.15 -8.82 1.00
CA PRO A 228 -14.24 -8.41 -0.06
C PRO A 228 -14.97 -7.65 -1.17
N ILE A 229 -16.14 -8.17 -1.58
CA ILE A 229 -17.07 -7.47 -2.46
C ILE A 229 -18.45 -7.57 -1.84
N GLN A 230 -19.04 -6.43 -1.47
CA GLN A 230 -20.37 -6.42 -0.86
C GLN A 230 -21.34 -7.12 -1.79
N GLY A 231 -22.24 -7.91 -1.19
CA GLY A 231 -23.14 -8.77 -1.93
C GLY A 231 -24.58 -8.27 -1.83
N ALA A 232 -25.18 -8.36 -0.63
CA ALA A 232 -26.60 -8.12 -0.46
C ALA A 232 -27.00 -6.71 -0.88
N GLY A 233 -26.08 -5.74 -0.70
CA GLY A 233 -26.40 -4.37 -1.02
C GLY A 233 -25.97 -3.97 -2.43
N GLY A 234 -26.23 -4.85 -3.41
CA GLY A 234 -25.67 -4.71 -4.75
C GLY A 234 -24.27 -5.32 -4.77
N VAL A 235 -23.71 -5.55 -5.96
CA VAL A 235 -22.36 -6.09 -6.06
C VAL A 235 -21.42 -4.91 -6.16
N ILE A 236 -21.21 -4.23 -5.02
CA ILE A 236 -20.37 -3.04 -4.98
C ILE A 236 -18.93 -3.48 -5.15
N ILE A 237 -18.48 -3.58 -6.40
CA ILE A 237 -17.09 -3.91 -6.67
C ILE A 237 -16.28 -2.66 -6.32
N PRO A 238 -15.28 -2.77 -5.42
CA PRO A 238 -14.50 -1.59 -5.04
C PRO A 238 -13.63 -1.07 -6.18
N PRO A 239 -13.29 0.24 -6.18
CA PRO A 239 -12.21 0.73 -7.03
C PRO A 239 -10.92 -0.05 -6.78
N GLU A 240 -10.03 -0.07 -7.78
CA GLU A 240 -8.79 -0.81 -7.70
C GLU A 240 -7.96 -0.37 -6.48
N THR A 241 -8.07 0.91 -6.10
CA THR A 241 -7.20 1.51 -5.09
C THR A 241 -7.62 1.15 -3.67
N TYR A 242 -8.89 0.77 -3.49
CA TYR A 242 -9.47 0.63 -2.15
C TYR A 242 -8.69 -0.38 -1.31
N TRP A 243 -8.74 -1.67 -1.67
CA TRP A 243 -8.15 -2.69 -0.82
C TRP A 243 -6.67 -2.41 -0.57
N PRO A 244 -5.85 -2.10 -1.61
CA PRO A 244 -4.44 -1.79 -1.40
C PRO A 244 -4.24 -0.69 -0.38
N LYS A 245 -5.07 0.35 -0.45
CA LYS A 245 -4.97 1.48 0.47
C LYS A 245 -5.32 1.01 1.88
N VAL A 246 -6.38 0.21 1.98
CA VAL A 246 -6.88 -0.31 3.25
C VAL A 246 -5.78 -1.16 3.91
N LYS A 247 -5.07 -1.97 3.11
CA LYS A 247 -4.01 -2.83 3.61
C LYS A 247 -2.93 -1.99 4.29
N GLU A 248 -2.62 -0.81 3.72
CA GLU A 248 -1.57 0.06 4.23
C GLU A 248 -1.97 0.61 5.60
N ILE A 249 -3.27 0.86 5.77
CA ILE A 249 -3.80 1.31 7.05
C ILE A 249 -3.70 0.17 8.07
N LEU A 250 -4.21 -1.02 7.71
CA LEU A 250 -4.24 -2.19 8.57
C LEU A 250 -2.87 -2.50 9.18
N ALA A 251 -1.81 -2.31 8.40
CA ALA A 251 -0.45 -2.62 8.85
C ALA A 251 -0.02 -1.70 9.98
N ARG A 252 -0.45 -0.42 9.91
CA ARG A 252 -0.02 0.62 10.83
C ARG A 252 -0.70 0.47 12.20
N TYR A 253 -1.89 -0.12 12.23
CA TYR A 253 -2.69 -0.19 13.45
C TYR A 253 -2.84 -1.63 13.93
N ASP A 254 -3.11 -1.75 15.23
CA ASP A 254 -3.10 -3.05 15.90
C ASP A 254 -4.54 -3.49 16.16
N ILE A 255 -5.24 -3.83 15.08
CA ILE A 255 -6.60 -4.32 15.14
C ILE A 255 -6.73 -5.52 14.21
N LEU A 256 -7.79 -6.32 14.42
CA LEU A 256 -8.00 -7.55 13.68
C LEU A 256 -8.78 -7.25 12.41
N PHE A 257 -8.50 -8.00 11.34
CA PHE A 257 -9.23 -7.85 10.08
C PHE A 257 -10.14 -9.05 9.91
N VAL A 258 -11.42 -8.77 9.66
CA VAL A 258 -12.42 -9.79 9.44
C VAL A 258 -12.95 -9.65 8.02
N ALA A 259 -12.63 -10.64 7.19
CA ALA A 259 -13.14 -10.74 5.84
C ALA A 259 -14.39 -11.61 5.86
N ASP A 260 -15.54 -11.04 5.47
CA ASP A 260 -16.76 -11.83 5.39
C ASP A 260 -16.83 -12.47 4.01
N GLU A 261 -16.35 -13.72 3.92
CA GLU A 261 -16.29 -14.47 2.69
C GLU A 261 -17.57 -15.29 2.46
N VAL A 262 -18.64 -15.02 3.21
CA VAL A 262 -19.87 -15.80 3.06
C VAL A 262 -20.23 -15.94 1.58
N ILE A 263 -20.30 -14.80 0.87
CA ILE A 263 -20.61 -14.79 -0.56
C ILE A 263 -19.36 -15.05 -1.39
N CYS A 264 -18.28 -14.32 -1.09
CA CYS A 264 -17.07 -14.38 -1.89
C CYS A 264 -16.39 -15.75 -1.77
N GLY A 265 -16.78 -16.54 -0.76
CA GLY A 265 -16.13 -17.81 -0.48
C GLY A 265 -16.56 -18.92 -1.43
N PHE A 266 -15.57 -19.66 -1.92
CA PHE A 266 -15.71 -20.90 -2.67
C PHE A 266 -16.11 -20.62 -4.11
N GLY A 267 -15.24 -19.87 -4.82
CA GLY A 267 -15.22 -19.85 -6.27
C GLY A 267 -16.00 -18.70 -6.92
N ARG A 268 -16.66 -17.87 -6.11
CA ARG A 268 -17.59 -16.86 -6.64
C ARG A 268 -16.87 -15.78 -7.44
N THR A 269 -15.62 -15.46 -7.08
CA THR A 269 -14.86 -14.41 -7.74
C THR A 269 -13.71 -15.01 -8.54
N GLY A 270 -13.87 -16.26 -8.99
CA GLY A 270 -12.87 -16.92 -9.81
C GLY A 270 -11.80 -17.60 -8.96
N GLU A 271 -11.37 -16.95 -7.88
CA GLU A 271 -10.47 -17.55 -6.91
C GLU A 271 -11.30 -18.30 -5.88
N TRP A 272 -10.61 -19.03 -4.99
CA TRP A 272 -11.26 -19.68 -3.87
C TRP A 272 -11.98 -18.65 -3.01
N PHE A 273 -11.27 -17.58 -2.66
CA PHE A 273 -11.81 -16.52 -1.82
C PHE A 273 -11.53 -15.15 -2.43
N GLY A 274 -12.33 -14.16 -2.01
CA GLY A 274 -12.07 -12.76 -2.35
C GLY A 274 -10.75 -12.30 -1.72
N SER A 275 -10.41 -12.87 -0.55
CA SER A 275 -9.17 -12.57 0.14
C SER A 275 -7.97 -13.00 -0.69
N ASP A 276 -8.16 -14.05 -1.51
CA ASP A 276 -7.18 -14.46 -2.49
C ASP A 276 -7.18 -13.49 -3.67
N TYR A 277 -8.36 -13.03 -4.07
CA TYR A 277 -8.49 -12.12 -5.21
C TYR A 277 -7.70 -10.84 -4.96
N TYR A 278 -7.94 -10.18 -3.82
CA TYR A 278 -7.30 -8.91 -3.50
C TYR A 278 -6.08 -9.10 -2.60
N ASP A 279 -5.50 -10.31 -2.57
CA ASP A 279 -4.32 -10.60 -1.77
C ASP A 279 -4.44 -9.94 -0.40
N LEU A 280 -5.51 -10.31 0.32
CA LEU A 280 -5.74 -9.85 1.68
C LEU A 280 -5.23 -10.91 2.64
N LYS A 281 -4.71 -10.45 3.78
CA LYS A 281 -4.24 -11.34 4.84
C LYS A 281 -5.13 -11.12 6.07
N PRO A 282 -6.38 -11.63 6.09
CA PRO A 282 -7.25 -11.47 7.25
C PRO A 282 -6.86 -12.34 8.43
N ASP A 283 -7.53 -12.09 9.55
CA ASP A 283 -7.37 -12.85 10.78
C ASP A 283 -8.48 -13.87 10.90
N LEU A 284 -9.69 -13.48 10.48
CA LEU A 284 -10.87 -14.32 10.55
C LEU A 284 -11.63 -14.22 9.23
N MET A 285 -12.31 -15.33 8.87
CA MET A 285 -13.01 -15.46 7.61
C MET A 285 -14.37 -16.10 7.86
N THR A 286 -15.43 -15.32 7.66
CA THR A 286 -16.79 -15.83 7.78
C THR A 286 -17.11 -16.63 6.52
N ILE A 287 -17.76 -17.79 6.69
CA ILE A 287 -18.09 -18.65 5.55
C ILE A 287 -19.46 -19.28 5.74
N ALA A 288 -20.06 -19.66 4.60
CA ALA A 288 -21.32 -20.38 4.56
C ALA A 288 -21.66 -20.60 3.08
N LYS A 289 -22.96 -20.78 2.79
CA LYS A 289 -23.50 -20.76 1.44
C LYS A 289 -22.87 -21.84 0.56
N GLY A 290 -21.74 -21.50 -0.06
CA GLY A 290 -21.12 -22.35 -1.06
C GLY A 290 -20.31 -23.50 -0.44
N LEU A 291 -20.08 -23.41 0.87
CA LEU A 291 -19.39 -24.47 1.59
C LEU A 291 -20.01 -25.82 1.26
N THR A 292 -21.34 -25.92 1.37
CA THR A 292 -22.07 -27.12 1.03
C THR A 292 -22.91 -26.92 -0.23
N SER A 293 -22.59 -25.91 -1.04
CA SER A 293 -23.40 -25.53 -2.18
C SER A 293 -24.87 -25.39 -1.76
N GLY A 294 -25.12 -25.20 -0.47
CA GLY A 294 -26.48 -24.97 0.02
C GLY A 294 -27.35 -26.23 0.03
N TYR A 295 -26.77 -27.38 -0.34
CA TYR A 295 -27.49 -28.65 -0.33
C TYR A 295 -27.92 -29.01 1.10
N ILE A 296 -27.11 -28.59 2.08
CA ILE A 296 -27.42 -28.78 3.48
C ILE A 296 -26.95 -27.56 4.27
N PRO A 297 -27.71 -27.09 5.29
CA PRO A 297 -27.31 -25.94 6.08
C PRO A 297 -25.96 -26.12 6.77
N MET A 298 -25.06 -25.16 6.55
CA MET A 298 -23.80 -25.13 7.29
C MET A 298 -23.11 -23.79 7.09
N GLY A 299 -22.35 -23.36 8.11
CA GLY A 299 -21.49 -22.20 8.04
C GLY A 299 -20.24 -22.41 8.91
N GLY A 300 -19.46 -21.35 9.10
CA GLY A 300 -18.29 -21.46 9.95
C GLY A 300 -17.46 -20.19 9.99
N VAL A 301 -16.33 -20.29 10.73
CA VAL A 301 -15.35 -19.23 10.81
C VAL A 301 -13.97 -19.87 10.67
N ILE A 302 -13.19 -19.37 9.71
CA ILE A 302 -11.81 -19.81 9.53
C ILE A 302 -10.93 -18.85 10.34
N VAL A 303 -9.99 -19.42 11.11
CA VAL A 303 -9.28 -18.69 12.14
C VAL A 303 -7.78 -18.82 11.91
N ARG A 304 -7.09 -17.67 11.93
CA ARG A 304 -5.66 -17.62 11.68
C ARG A 304 -4.92 -18.25 12.87
N ASP A 305 -3.76 -18.85 12.60
CA ASP A 305 -3.01 -19.57 13.61
C ASP A 305 -2.77 -18.68 14.81
N THR A 306 -2.33 -17.43 14.58
CA THR A 306 -1.94 -16.53 15.65
C THR A 306 -3.15 -16.17 16.52
N VAL A 307 -4.32 -16.01 15.90
CA VAL A 307 -5.53 -15.70 16.66
C VAL A 307 -5.97 -16.93 17.43
N ALA A 308 -5.68 -18.12 16.88
CA ALA A 308 -6.06 -19.37 17.51
C ALA A 308 -5.17 -19.68 18.71
N LYS A 309 -4.52 -18.64 19.26
CA LYS A 309 -3.79 -18.79 20.51
C LYS A 309 -4.82 -18.63 21.62
N VAL A 310 -6.11 -18.46 21.24
CA VAL A 310 -7.21 -18.52 22.19
C VAL A 310 -7.09 -19.86 22.91
N ILE A 311 -6.51 -20.85 22.22
CA ILE A 311 -6.18 -22.13 22.84
C ILE A 311 -5.51 -21.87 24.18
N SER A 312 -4.39 -21.14 24.19
CA SER A 312 -3.72 -20.80 25.45
C SER A 312 -4.71 -19.99 26.29
N GLU A 313 -4.64 -20.12 27.62
CA GLU A 313 -5.56 -19.40 28.50
C GLU A 313 -6.98 -19.41 27.92
N GLY A 314 -7.27 -20.52 27.24
CA GLY A 314 -8.59 -20.75 26.66
C GLY A 314 -9.52 -21.29 27.71
N GLY A 315 -9.57 -20.61 28.87
CA GLY A 315 -10.38 -21.05 30.00
C GLY A 315 -11.81 -21.38 29.57
N ASP A 316 -11.92 -22.35 28.66
CA ASP A 316 -13.12 -22.62 27.90
C ASP A 316 -13.46 -21.42 27.02
N PHE A 317 -13.75 -21.67 25.73
CA PHE A 317 -14.37 -20.67 24.89
C PHE A 317 -15.86 -20.99 24.87
N ASN A 318 -16.60 -20.42 25.84
CA ASN A 318 -17.99 -20.78 26.06
C ASN A 318 -18.84 -20.30 24.90
N HIS A 319 -18.78 -21.05 23.78
CA HIS A 319 -19.45 -20.72 22.54
C HIS A 319 -19.76 -21.99 21.78
N GLY A 320 -20.73 -21.91 20.86
CA GLY A 320 -21.00 -22.99 19.93
C GLY A 320 -22.49 -23.33 19.90
N PHE A 321 -22.87 -24.12 18.89
CA PHE A 321 -24.26 -24.49 18.67
C PHE A 321 -24.33 -26.01 18.61
N THR A 322 -25.51 -26.54 18.96
CA THR A 322 -25.79 -27.97 18.92
C THR A 322 -25.23 -28.56 17.62
N TYR A 323 -25.65 -27.97 16.49
CA TYR A 323 -25.36 -28.52 15.17
C TYR A 323 -24.05 -28.01 14.58
N SER A 324 -23.14 -27.52 15.43
CA SER A 324 -21.81 -27.16 15.00
C SER A 324 -21.14 -28.42 14.48
N GLY A 325 -20.65 -28.35 13.24
CA GLY A 325 -19.96 -29.47 12.62
C GLY A 325 -20.87 -30.70 12.50
N HIS A 326 -22.14 -30.48 12.14
CA HIS A 326 -23.11 -31.56 12.06
C HIS A 326 -22.65 -32.57 11.01
N PRO A 327 -22.55 -33.88 11.36
CA PRO A 327 -21.81 -34.84 10.54
C PRO A 327 -22.32 -34.99 9.11
N VAL A 328 -23.65 -34.92 8.94
CA VAL A 328 -24.25 -35.03 7.63
C VAL A 328 -23.83 -33.81 6.82
N ALA A 329 -23.87 -32.63 7.46
CA ALA A 329 -23.52 -31.37 6.85
C ALA A 329 -22.04 -31.33 6.44
N ALA A 330 -21.19 -31.99 7.23
CA ALA A 330 -19.75 -31.98 6.99
C ALA A 330 -19.39 -32.89 5.82
N ALA A 331 -20.09 -34.03 5.70
CA ALA A 331 -19.87 -34.98 4.63
C ALA A 331 -20.22 -34.32 3.29
N VAL A 332 -21.37 -33.64 3.27
CA VAL A 332 -21.80 -32.89 2.09
C VAL A 332 -20.78 -31.81 1.80
N GLY A 333 -20.23 -31.19 2.85
CA GLY A 333 -19.21 -30.16 2.69
C GLY A 333 -17.91 -30.72 2.12
N LEU A 334 -17.42 -31.80 2.74
CA LEU A 334 -16.16 -32.43 2.34
C LEU A 334 -16.25 -32.88 0.88
N GLU A 335 -17.37 -33.54 0.55
CA GLU A 335 -17.60 -34.07 -0.79
C GLU A 335 -17.73 -32.92 -1.80
N ASN A 336 -18.31 -31.80 -1.35
CA ASN A 336 -18.49 -30.61 -2.18
C ASN A 336 -17.13 -30.00 -2.54
N LEU A 337 -16.21 -29.93 -1.57
CA LEU A 337 -14.89 -29.38 -1.79
C LEU A 337 -14.09 -30.26 -2.73
N ARG A 338 -14.30 -31.58 -2.69
CA ARG A 338 -13.60 -32.49 -3.56
C ARG A 338 -13.98 -32.20 -5.00
N ILE A 339 -15.27 -32.02 -5.25
CA ILE A 339 -15.80 -31.74 -6.58
C ILE A 339 -15.26 -30.39 -7.06
N LEU A 340 -15.41 -29.34 -6.24
CA LEU A 340 -14.92 -28.01 -6.58
C LEU A 340 -13.46 -28.07 -7.02
N ARG A 341 -12.64 -28.82 -6.25
CA ARG A 341 -11.20 -28.84 -6.43
C ARG A 341 -10.82 -29.77 -7.58
N ASP A 342 -11.15 -31.07 -7.43
CA ASP A 342 -10.63 -32.13 -8.30
C ASP A 342 -11.26 -32.09 -9.69
N GLU A 343 -12.54 -31.71 -9.78
CA GLU A 343 -13.21 -31.52 -11.06
C GLU A 343 -12.95 -30.10 -11.59
N LYS A 344 -12.13 -29.32 -10.87
CA LYS A 344 -11.61 -28.04 -11.36
C LYS A 344 -12.75 -27.09 -11.73
N ILE A 345 -13.79 -27.01 -10.88
CA ILE A 345 -14.91 -26.13 -11.11
C ILE A 345 -14.50 -24.67 -10.89
N VAL A 346 -13.69 -24.41 -9.84
CA VAL A 346 -13.21 -23.07 -9.56
C VAL A 346 -12.26 -22.65 -10.68
N GLU A 347 -11.38 -23.57 -11.11
CA GLU A 347 -10.45 -23.31 -12.20
C GLU A 347 -11.22 -23.04 -13.49
N LYS A 348 -12.25 -23.86 -13.77
CA LYS A 348 -13.08 -23.70 -14.95
C LYS A 348 -13.89 -22.41 -14.87
N ALA A 349 -14.27 -22.00 -13.66
CA ALA A 349 -14.99 -20.76 -13.47
C ALA A 349 -14.12 -19.56 -13.90
N ARG A 350 -12.86 -19.55 -13.46
CA ARG A 350 -11.94 -18.44 -13.73
C ARG A 350 -11.56 -18.40 -15.21
N THR A 351 -11.25 -19.58 -15.77
CA THR A 351 -10.66 -19.67 -17.09
C THR A 351 -11.72 -19.65 -18.18
N GLU A 352 -12.84 -20.36 -17.97
CA GLU A 352 -13.77 -20.69 -19.04
C GLU A 352 -15.09 -19.92 -18.91
N ALA A 353 -15.71 -19.95 -17.71
CA ALA A 353 -17.04 -19.39 -17.52
C ALA A 353 -16.97 -17.86 -17.39
N ALA A 354 -16.11 -17.37 -16.49
CA ALA A 354 -16.11 -15.97 -16.08
C ALA A 354 -15.86 -15.02 -17.25
N PRO A 355 -14.81 -15.22 -18.09
CA PRO A 355 -14.52 -14.29 -19.18
C PRO A 355 -15.67 -14.23 -20.19
N TYR A 356 -16.33 -15.38 -20.38
CA TYR A 356 -17.46 -15.46 -21.29
C TYR A 356 -18.64 -14.71 -20.70
N LEU A 357 -18.90 -14.90 -19.41
CA LEU A 357 -19.99 -14.20 -18.71
C LEU A 357 -19.74 -12.69 -18.74
N GLN A 358 -18.49 -12.28 -18.47
N GLN A 358 -18.49 -12.28 -18.47
CA GLN A 358 -18.17 -10.87 -18.37
CA GLN A 358 -18.17 -10.87 -18.36
C GLN A 358 -18.34 -10.18 -19.72
C GLN A 358 -18.34 -10.18 -19.72
N LYS A 359 -17.93 -10.86 -20.80
CA LYS A 359 -18.05 -10.34 -22.16
C LYS A 359 -19.53 -10.17 -22.55
N ARG A 360 -20.30 -11.26 -22.46
CA ARG A 360 -21.67 -11.27 -22.94
C ARG A 360 -22.54 -10.32 -22.11
N LEU A 361 -22.16 -10.05 -20.86
CA LEU A 361 -22.93 -9.17 -20.00
C LEU A 361 -22.60 -7.70 -20.30
N ARG A 362 -21.35 -7.42 -20.69
CA ARG A 362 -20.92 -6.05 -20.94
C ARG A 362 -21.35 -5.54 -22.32
N GLU A 363 -22.00 -6.39 -23.13
CA GLU A 363 -22.57 -5.93 -24.39
C GLU A 363 -23.95 -5.31 -24.15
N LEU A 364 -24.38 -5.29 -22.88
CA LEU A 364 -25.57 -4.58 -22.46
C LEU A 364 -25.24 -3.12 -22.16
N GLN A 365 -23.96 -2.75 -22.21
CA GLN A 365 -23.51 -1.37 -22.04
C GLN A 365 -24.28 -0.41 -22.95
N ASP A 366 -24.59 -0.86 -24.18
CA ASP A 366 -25.16 -0.01 -25.22
C ASP A 366 -26.61 0.39 -24.91
N HIS A 367 -27.33 -0.46 -24.17
CA HIS A 367 -28.76 -0.31 -23.94
C HIS A 367 -29.11 1.03 -23.29
N PRO A 368 -30.16 1.74 -23.78
CA PRO A 368 -30.50 3.06 -23.25
C PRO A 368 -30.56 3.16 -21.73
N LEU A 369 -31.03 2.08 -21.09
CA LEU A 369 -31.32 2.09 -19.67
C LEU A 369 -30.05 1.83 -18.86
N VAL A 370 -29.03 1.23 -19.48
CA VAL A 370 -27.87 0.76 -18.76
C VAL A 370 -26.86 1.89 -18.63
N GLY A 371 -26.59 2.30 -17.39
CA GLY A 371 -25.53 3.26 -17.11
C GLY A 371 -24.15 2.58 -17.11
N GLU A 372 -24.11 1.36 -16.55
CA GLU A 372 -22.87 0.63 -16.35
C GLU A 372 -23.17 -0.87 -16.32
N VAL A 373 -22.21 -1.66 -16.78
CA VAL A 373 -22.17 -3.08 -16.47
C VAL A 373 -20.83 -3.34 -15.80
N ARG A 374 -20.88 -3.90 -14.60
CA ARG A 374 -19.68 -4.33 -13.88
C ARG A 374 -19.88 -5.76 -13.41
N GLY A 375 -18.78 -6.52 -13.36
CA GLY A 375 -18.83 -7.88 -12.87
C GLY A 375 -17.43 -8.44 -12.70
N LEU A 376 -17.32 -9.48 -11.88
CA LEU A 376 -16.05 -10.09 -11.55
C LEU A 376 -16.28 -11.59 -11.34
N GLY A 377 -15.44 -12.42 -11.95
CA GLY A 377 -15.66 -13.85 -11.90
C GLY A 377 -17.13 -14.19 -12.20
N MET A 378 -17.84 -14.74 -11.21
CA MET A 378 -19.22 -15.14 -11.36
C MET A 378 -20.13 -14.21 -10.57
N LEU A 379 -19.71 -12.94 -10.48
CA LEU A 379 -20.55 -11.84 -10.01
C LEU A 379 -20.82 -10.88 -11.17
N GLY A 380 -21.97 -10.20 -11.14
CA GLY A 380 -22.31 -9.25 -12.18
C GLY A 380 -23.45 -8.32 -11.77
N ALA A 381 -23.28 -7.03 -12.09
CA ALA A 381 -24.29 -6.01 -11.80
C ALA A 381 -24.51 -5.11 -13.00
N ILE A 382 -25.77 -4.67 -13.17
CA ILE A 382 -26.16 -3.75 -14.22
C ILE A 382 -26.84 -2.55 -13.59
N GLU A 383 -26.27 -1.35 -13.78
CA GLU A 383 -26.85 -0.13 -13.24
C GLU A 383 -27.89 0.41 -14.22
N LEU A 384 -29.11 0.65 -13.70
CA LEU A 384 -30.19 1.23 -14.47
C LEU A 384 -30.31 2.72 -14.11
N VAL A 385 -30.24 3.56 -15.14
CA VAL A 385 -30.11 5.00 -14.95
C VAL A 385 -31.11 5.75 -15.82
N LYS A 386 -31.33 7.01 -15.45
CA LYS A 386 -32.10 7.95 -16.25
C LYS A 386 -31.18 8.74 -17.17
N ASP A 387 -29.90 8.89 -16.77
CA ASP A 387 -28.93 9.62 -17.58
C ASP A 387 -27.53 9.06 -17.31
N LYS A 388 -26.86 8.58 -18.36
CA LYS A 388 -25.61 7.84 -18.23
C LYS A 388 -24.48 8.73 -17.72
N ALA A 389 -24.43 9.99 -18.19
CA ALA A 389 -23.32 10.86 -17.90
C ALA A 389 -23.36 11.37 -16.47
N THR A 390 -24.56 11.68 -15.95
CA THR A 390 -24.74 12.13 -14.57
C THR A 390 -24.85 10.94 -13.62
N ARG A 391 -25.11 9.73 -14.15
CA ARG A 391 -25.35 8.52 -13.37
C ARG A 391 -26.60 8.67 -12.51
N SER A 392 -27.59 9.42 -13.01
CA SER A 392 -28.82 9.67 -12.26
C SER A 392 -29.73 8.45 -12.28
N ARG A 393 -30.74 8.47 -11.40
CA ARG A 393 -31.70 7.39 -11.25
C ARG A 393 -33.11 7.93 -11.45
N TYR A 394 -34.08 7.04 -11.68
CA TYR A 394 -35.47 7.46 -11.76
C TYR A 394 -36.09 7.54 -10.36
N GLU A 395 -35.75 8.59 -9.60
CA GLU A 395 -36.45 8.97 -8.37
C GLU A 395 -37.73 8.16 -8.12
N GLY A 396 -37.73 7.35 -7.06
CA GLY A 396 -38.84 6.47 -6.76
C GLY A 396 -39.05 5.49 -7.92
N LYS A 397 -40.16 5.67 -8.65
CA LYS A 397 -40.53 4.85 -9.80
C LYS A 397 -40.43 3.35 -9.51
N GLY A 398 -39.27 2.89 -9.03
CA GLY A 398 -39.05 1.50 -8.69
C GLY A 398 -38.59 0.69 -9.92
N VAL A 399 -37.72 1.30 -10.73
CA VAL A 399 -37.23 0.72 -11.96
C VAL A 399 -36.75 -0.71 -11.73
N GLY A 400 -35.96 -0.91 -10.66
CA GLY A 400 -35.33 -2.19 -10.40
C GLY A 400 -36.34 -3.31 -10.20
N MET A 401 -37.42 -2.98 -9.48
CA MET A 401 -38.50 -3.93 -9.18
C MET A 401 -39.27 -4.29 -10.46
N ILE A 402 -39.28 -3.37 -11.42
CA ILE A 402 -39.98 -3.56 -12.69
C ILE A 402 -39.20 -4.58 -13.51
N CYS A 403 -37.88 -4.39 -13.65
CA CYS A 403 -37.03 -5.33 -14.36
C CYS A 403 -37.17 -6.72 -13.72
N ARG A 404 -36.94 -6.79 -12.41
CA ARG A 404 -37.06 -8.04 -11.68
C ARG A 404 -38.33 -8.78 -12.09
N THR A 405 -39.46 -8.08 -12.12
CA THR A 405 -40.76 -8.69 -12.35
C THR A 405 -40.85 -9.22 -13.79
N PHE A 406 -40.39 -8.43 -14.77
CA PHE A 406 -40.25 -8.92 -16.13
C PHE A 406 -39.31 -10.11 -16.14
N CYS A 407 -38.11 -9.90 -15.56
CA CYS A 407 -37.08 -10.93 -15.48
C CYS A 407 -37.66 -12.26 -15.03
N PHE A 408 -38.50 -12.25 -13.99
CA PHE A 408 -39.15 -13.47 -13.49
C PHE A 408 -40.05 -14.06 -14.57
N GLU A 409 -40.97 -13.25 -15.11
CA GLU A 409 -42.01 -13.73 -16.01
C GLU A 409 -41.41 -14.25 -17.31
N ASN A 410 -40.17 -13.85 -17.65
CA ASN A 410 -39.47 -14.36 -18.81
C ASN A 410 -38.39 -15.35 -18.37
N GLY A 411 -38.60 -16.04 -17.24
CA GLY A 411 -37.79 -17.16 -16.83
C GLY A 411 -36.35 -16.79 -16.51
N LEU A 412 -36.16 -15.70 -15.75
CA LEU A 412 -34.84 -15.34 -15.26
C LEU A 412 -34.94 -14.83 -13.82
N ILE A 413 -34.11 -15.42 -12.95
CA ILE A 413 -33.84 -14.84 -11.65
C ILE A 413 -32.59 -13.98 -11.78
N MET A 414 -32.81 -12.67 -11.89
CA MET A 414 -31.79 -11.65 -11.76
C MET A 414 -32.38 -10.60 -10.82
N ARG A 415 -31.75 -10.40 -9.65
CA ARG A 415 -32.40 -9.67 -8.58
C ARG A 415 -32.06 -8.18 -8.63
N ALA A 416 -32.89 -7.36 -7.96
CA ALA A 416 -32.76 -5.92 -7.95
C ALA A 416 -32.43 -5.44 -6.54
N VAL A 417 -31.30 -4.73 -6.42
CA VAL A 417 -30.99 -3.98 -5.20
C VAL A 417 -31.08 -2.49 -5.55
N GLY A 418 -32.18 -1.85 -5.15
CA GLY A 418 -32.52 -0.54 -5.65
C GLY A 418 -32.70 -0.57 -7.17
N ASP A 419 -31.83 0.11 -7.90
CA ASP A 419 -31.84 0.09 -9.35
C ASP A 419 -30.58 -0.60 -9.88
N THR A 420 -30.01 -1.52 -9.09
CA THR A 420 -28.89 -2.34 -9.53
C THR A 420 -29.37 -3.77 -9.71
N MET A 421 -29.46 -4.21 -10.98
CA MET A 421 -29.73 -5.60 -11.30
C MET A 421 -28.50 -6.42 -10.93
N ILE A 422 -28.71 -7.61 -10.37
CA ILE A 422 -27.62 -8.43 -9.84
C ILE A 422 -27.70 -9.85 -10.43
N ILE A 423 -26.53 -10.44 -10.70
CA ILE A 423 -26.46 -11.89 -10.92
C ILE A 423 -25.26 -12.48 -10.19
N ALA A 424 -25.40 -13.77 -9.84
CA ALA A 424 -24.31 -14.60 -9.33
C ALA A 424 -24.71 -16.05 -9.53
N PRO A 425 -24.68 -16.55 -10.78
CA PRO A 425 -25.20 -17.88 -11.09
C PRO A 425 -24.26 -18.99 -10.64
N PRO A 426 -24.68 -20.28 -10.69
CA PRO A 426 -23.78 -21.38 -10.40
C PRO A 426 -22.49 -21.29 -11.24
N LEU A 427 -21.39 -21.77 -10.66
CA LEU A 427 -20.08 -21.68 -11.27
C LEU A 427 -20.01 -22.58 -12.52
N VAL A 428 -20.93 -23.54 -12.62
CA VAL A 428 -20.90 -24.60 -13.61
C VAL A 428 -21.78 -24.23 -14.81
N ILE A 429 -22.17 -22.96 -14.90
CA ILE A 429 -23.05 -22.49 -15.98
C ILE A 429 -22.32 -22.57 -17.32
N SER A 430 -22.98 -23.15 -18.33
CA SER A 430 -22.40 -23.32 -19.65
C SER A 430 -22.58 -22.06 -20.49
N HIS A 431 -21.73 -21.90 -21.52
CA HIS A 431 -21.80 -20.76 -22.42
C HIS A 431 -23.21 -20.63 -23.01
N ALA A 432 -23.86 -21.78 -23.27
CA ALA A 432 -25.22 -21.80 -23.79
C ALA A 432 -26.19 -21.15 -22.79
N GLU A 433 -26.08 -21.54 -21.51
CA GLU A 433 -26.97 -21.02 -20.47
C GLU A 433 -26.67 -19.55 -20.20
N ILE A 434 -25.41 -19.12 -20.42
CA ILE A 434 -25.02 -17.73 -20.34
C ILE A 434 -25.67 -16.94 -21.48
N ASP A 435 -25.75 -17.57 -22.67
CA ASP A 435 -26.45 -16.99 -23.79
C ASP A 435 -27.89 -16.72 -23.38
N GLU A 436 -28.52 -17.75 -22.79
CA GLU A 436 -29.92 -17.73 -22.41
C GLU A 436 -30.21 -16.56 -21.46
N LEU A 437 -29.30 -16.34 -20.50
CA LEU A 437 -29.43 -15.28 -19.52
C LEU A 437 -29.44 -13.91 -20.21
N VAL A 438 -28.38 -13.63 -20.96
CA VAL A 438 -28.15 -12.33 -21.57
C VAL A 438 -29.29 -11.98 -22.53
N GLU A 439 -29.75 -12.99 -23.28
CA GLU A 439 -30.86 -12.83 -24.20
C GLU A 439 -32.10 -12.38 -23.43
N LYS A 440 -32.45 -13.14 -22.39
CA LYS A 440 -33.60 -12.78 -21.55
C LYS A 440 -33.40 -11.42 -20.88
N ALA A 441 -32.16 -11.13 -20.47
CA ALA A 441 -31.87 -9.89 -19.76
C ALA A 441 -32.17 -8.69 -20.64
N ARG A 442 -31.67 -8.71 -21.89
CA ARG A 442 -31.89 -7.62 -22.83
C ARG A 442 -33.39 -7.39 -23.04
N LYS A 443 -34.14 -8.48 -23.21
CA LYS A 443 -35.57 -8.41 -23.48
C LYS A 443 -36.29 -7.65 -22.36
N CYS A 444 -35.87 -7.88 -21.12
CA CYS A 444 -36.55 -7.33 -19.95
C CYS A 444 -36.13 -5.89 -19.69
N LEU A 445 -34.86 -5.56 -20.03
CA LEU A 445 -34.39 -4.19 -20.03
C LEU A 445 -35.14 -3.35 -21.06
N ASP A 446 -35.44 -3.95 -22.22
CA ASP A 446 -36.28 -3.33 -23.23
C ASP A 446 -37.68 -3.11 -22.67
N LEU A 447 -38.26 -4.16 -22.08
CA LEU A 447 -39.61 -4.09 -21.54
C LEU A 447 -39.67 -3.06 -20.41
N THR A 448 -38.62 -3.04 -19.57
CA THR A 448 -38.56 -2.10 -18.45
C THR A 448 -38.69 -0.67 -19.03
N LEU A 449 -37.74 -0.31 -19.90
CA LEU A 449 -37.69 0.99 -20.56
C LEU A 449 -39.04 1.40 -21.14
N GLU A 450 -39.73 0.43 -21.78
CA GLU A 450 -41.04 0.68 -22.35
C GLU A 450 -42.01 1.14 -21.26
N ALA A 451 -41.90 0.55 -20.05
CA ALA A 451 -42.85 0.81 -18.98
C ALA A 451 -42.65 2.18 -18.35
N ILE A 452 -41.52 2.84 -18.60
CA ILE A 452 -41.30 4.18 -18.09
C ILE A 452 -41.60 5.19 -19.20
N GLN A 453 -40.79 5.14 -20.26
CA GLN A 453 -40.88 6.08 -21.39
C GLN A 453 -40.20 5.42 -22.60
N GLN B 7 -6.97 -44.72 12.05
CA GLN B 7 -6.48 -44.45 13.42
C GLN B 7 -7.20 -43.24 14.03
N THR B 8 -7.80 -43.48 15.20
CA THR B 8 -8.16 -42.46 16.15
C THR B 8 -7.08 -41.37 16.23
N ARG B 9 -5.84 -41.80 16.47
CA ARG B 9 -4.71 -40.92 16.69
C ARG B 9 -4.60 -39.89 15.57
N GLU B 10 -4.78 -40.32 14.32
CA GLU B 10 -4.75 -39.45 13.16
C GLU B 10 -5.86 -38.40 13.26
N TRP B 11 -7.07 -38.85 13.60
CA TRP B 11 -8.21 -37.95 13.74
C TRP B 11 -8.01 -37.02 14.94
N GLN B 12 -7.29 -37.49 15.96
CA GLN B 12 -7.06 -36.72 17.17
C GLN B 12 -6.08 -35.58 16.94
N THR B 13 -4.93 -35.87 16.31
CA THR B 13 -3.95 -34.84 15.98
C THR B 13 -4.57 -33.79 15.05
N LEU B 14 -5.53 -34.21 14.20
CA LEU B 14 -6.26 -33.32 13.31
C LEU B 14 -7.04 -32.29 14.11
N SER B 15 -7.90 -32.76 15.03
CA SER B 15 -8.70 -31.87 15.87
C SER B 15 -7.80 -30.78 16.44
N GLY B 16 -6.69 -31.21 17.05
CA GLY B 16 -5.71 -30.29 17.63
C GLY B 16 -5.29 -29.19 16.65
N GLU B 17 -5.02 -29.58 15.40
CA GLU B 17 -4.39 -28.70 14.43
C GLU B 17 -5.38 -27.88 13.59
N HIS B 18 -6.68 -28.24 13.61
CA HIS B 18 -7.62 -27.63 12.66
C HIS B 18 -9.03 -27.38 13.21
N HIS B 19 -9.35 -27.85 14.42
CA HIS B 19 -10.74 -27.79 14.87
C HIS B 19 -10.87 -27.01 16.18
N LEU B 20 -11.96 -26.24 16.26
CA LEU B 20 -12.34 -25.51 17.47
C LEU B 20 -13.75 -25.94 17.85
N ALA B 21 -13.84 -26.87 18.81
CA ALA B 21 -15.10 -27.48 19.20
C ALA B 21 -15.90 -26.57 20.14
N PRO B 22 -17.24 -26.59 20.08
CA PRO B 22 -18.09 -25.90 21.04
C PRO B 22 -17.68 -26.09 22.51
N PHE B 23 -17.65 -24.97 23.26
CA PHE B 23 -17.59 -24.98 24.72
C PHE B 23 -16.43 -25.82 25.24
N SER B 24 -15.23 -25.62 24.65
CA SER B 24 -14.09 -26.48 24.92
C SER B 24 -12.82 -25.68 25.22
N ASP B 25 -11.97 -26.25 26.08
CA ASP B 25 -10.64 -25.74 26.36
C ASP B 25 -9.66 -26.41 25.39
N TYR B 26 -9.33 -25.71 24.30
CA TYR B 26 -8.66 -26.33 23.16
C TYR B 26 -7.23 -26.76 23.51
N LYS B 27 -6.59 -26.06 24.45
CA LYS B 27 -5.26 -26.46 24.92
C LYS B 27 -5.31 -27.86 25.53
N GLN B 28 -6.32 -28.08 26.40
CA GLN B 28 -6.55 -29.35 27.06
C GLN B 28 -6.93 -30.44 26.05
N LEU B 29 -7.96 -30.17 25.25
CA LEU B 29 -8.41 -31.04 24.17
C LEU B 29 -7.23 -31.63 23.38
N LYS B 30 -6.18 -30.83 23.16
CA LYS B 30 -5.02 -31.25 22.40
C LYS B 30 -4.15 -32.23 23.20
N GLU B 31 -4.03 -32.01 24.51
CA GLU B 31 -3.17 -32.85 25.36
C GLU B 31 -3.76 -34.24 25.51
N LYS B 32 -5.10 -34.35 25.53
CA LYS B 32 -5.78 -35.63 25.66
C LYS B 32 -6.02 -36.25 24.28
N GLY B 33 -6.52 -35.42 23.35
CA GLY B 33 -7.18 -35.92 22.15
C GLY B 33 -8.66 -36.17 22.46
N PRO B 34 -9.60 -35.67 21.63
CA PRO B 34 -11.03 -35.91 21.87
C PRO B 34 -11.47 -37.34 21.62
N ARG B 35 -12.68 -37.67 22.07
CA ARG B 35 -13.24 -39.00 21.85
C ARG B 35 -14.14 -38.95 20.62
N ILE B 36 -13.78 -39.71 19.60
CA ILE B 36 -14.40 -39.68 18.27
C ILE B 36 -15.52 -40.71 18.21
N ILE B 37 -16.72 -40.22 17.88
CA ILE B 37 -17.91 -41.05 17.69
C ILE B 37 -18.11 -41.29 16.20
N THR B 38 -18.31 -42.55 15.78
CA THR B 38 -18.34 -42.91 14.37
C THR B 38 -19.69 -43.50 13.97
N LYS B 39 -20.22 -44.44 14.76
CA LYS B 39 -21.44 -45.14 14.42
C LYS B 39 -22.47 -44.96 15.55
N ALA B 40 -23.73 -45.27 15.25
CA ALA B 40 -24.78 -45.33 16.25
C ALA B 40 -25.99 -46.09 15.72
N GLN B 41 -26.80 -46.59 16.65
CA GLN B 41 -27.99 -47.36 16.36
C GLN B 41 -28.87 -47.37 17.61
N GLY B 42 -30.18 -47.18 17.45
CA GLY B 42 -31.09 -47.17 18.58
C GLY B 42 -30.77 -46.05 19.55
N VAL B 43 -30.36 -46.42 20.78
CA VAL B 43 -29.98 -45.46 21.80
C VAL B 43 -28.48 -45.60 22.10
N HIS B 44 -27.79 -46.43 21.31
CA HIS B 44 -26.40 -46.75 21.56
C HIS B 44 -25.51 -46.06 20.53
N LEU B 45 -24.19 -46.08 20.80
CA LEU B 45 -23.21 -45.37 20.01
C LEU B 45 -21.86 -46.10 20.12
N TRP B 46 -20.99 -45.94 19.13
CA TRP B 46 -19.69 -46.57 19.12
C TRP B 46 -18.62 -45.51 18.87
N ASP B 47 -17.49 -45.66 19.56
CA ASP B 47 -16.32 -44.83 19.34
C ASP B 47 -15.37 -45.56 18.40
N SER B 48 -14.35 -44.85 17.92
CA SER B 48 -13.46 -45.38 16.90
C SER B 48 -12.58 -46.52 17.43
N GLU B 49 -12.69 -46.80 18.74
CA GLU B 49 -12.01 -47.94 19.35
C GLU B 49 -12.96 -49.12 19.54
N GLY B 50 -14.22 -48.98 19.11
CA GLY B 50 -15.17 -50.08 19.09
C GLY B 50 -16.03 -50.19 20.35
N HIS B 51 -15.90 -49.23 21.28
CA HIS B 51 -16.60 -49.29 22.55
C HIS B 51 -18.06 -48.87 22.35
N LYS B 52 -18.99 -49.74 22.73
CA LYS B 52 -20.41 -49.40 22.70
C LYS B 52 -20.74 -48.49 23.88
N ILE B 53 -21.61 -47.49 23.66
CA ILE B 53 -21.95 -46.53 24.70
C ILE B 53 -23.44 -46.20 24.62
N LEU B 54 -24.16 -46.35 25.74
CA LEU B 54 -25.56 -45.94 25.82
C LEU B 54 -25.61 -44.43 25.89
N ASP B 55 -26.38 -43.79 24.98
CA ASP B 55 -26.47 -42.35 24.93
C ASP B 55 -27.71 -41.87 25.68
N GLY B 56 -27.50 -41.42 26.93
CA GLY B 56 -28.58 -41.00 27.79
C GLY B 56 -29.01 -39.54 27.57
N MET B 57 -28.31 -38.83 26.67
CA MET B 57 -28.59 -37.42 26.42
C MET B 57 -29.19 -37.20 25.03
N ALA B 58 -29.36 -38.28 24.26
CA ALA B 58 -29.90 -38.21 22.91
C ALA B 58 -29.09 -37.25 22.05
N GLY B 59 -27.78 -37.54 21.94
CA GLY B 59 -26.85 -36.61 21.35
C GLY B 59 -26.65 -35.38 22.23
N LEU B 60 -27.47 -34.35 21.97
CA LEU B 60 -27.59 -33.17 22.81
C LEU B 60 -29.07 -32.79 22.88
N TRP B 61 -29.86 -33.65 23.55
CA TRP B 61 -31.27 -33.43 23.80
C TRP B 61 -32.12 -33.48 22.53
N CYS B 62 -31.59 -33.99 21.41
CA CYS B 62 -32.23 -33.76 20.11
C CYS B 62 -32.70 -35.04 19.41
N VAL B 63 -31.99 -36.17 19.55
CA VAL B 63 -32.33 -37.38 18.79
C VAL B 63 -33.53 -38.08 19.45
N ALA B 64 -34.73 -37.55 19.17
CA ALA B 64 -35.95 -38.02 19.81
C ALA B 64 -36.24 -39.48 19.45
N VAL B 65 -36.27 -39.76 18.14
CA VAL B 65 -36.74 -41.06 17.65
C VAL B 65 -35.60 -42.08 17.70
N GLY B 66 -34.40 -41.66 18.12
CA GLY B 66 -33.27 -42.57 18.22
C GLY B 66 -32.49 -42.64 16.92
N TYR B 67 -31.33 -43.30 16.97
CA TYR B 67 -30.43 -43.39 15.84
C TYR B 67 -30.84 -44.53 14.91
N GLY B 68 -30.85 -44.23 13.60
CA GLY B 68 -30.88 -45.25 12.56
C GLY B 68 -32.23 -45.37 11.84
N ARG B 69 -33.15 -44.43 12.08
CA ARG B 69 -34.46 -44.49 11.43
C ARG B 69 -34.30 -44.14 9.94
N GLU B 70 -34.47 -45.16 9.08
CA GLU B 70 -34.22 -45.04 7.66
C GLU B 70 -35.26 -44.15 6.99
N GLU B 71 -36.46 -44.04 7.57
CA GLU B 71 -37.52 -43.20 7.04
C GLU B 71 -37.01 -41.77 6.82
N LEU B 72 -36.12 -41.32 7.71
CA LEU B 72 -35.60 -39.96 7.65
C LEU B 72 -34.46 -39.88 6.63
N VAL B 73 -33.67 -40.96 6.51
CA VAL B 73 -32.57 -41.02 5.56
C VAL B 73 -33.13 -40.91 4.13
N GLN B 74 -34.28 -41.56 3.90
CA GLN B 74 -34.89 -41.59 2.58
C GLN B 74 -35.63 -40.27 2.31
N ALA B 75 -36.22 -39.68 3.35
CA ALA B 75 -36.89 -38.39 3.23
C ALA B 75 -35.89 -37.33 2.77
N ALA B 76 -34.66 -37.40 3.29
CA ALA B 76 -33.61 -36.46 2.95
C ALA B 76 -33.17 -36.66 1.50
N GLU B 77 -32.76 -37.91 1.21
CA GLU B 77 -32.22 -38.29 -0.09
C GLU B 77 -33.16 -37.84 -1.21
N LYS B 78 -34.45 -38.14 -1.03
CA LYS B 78 -35.44 -37.85 -2.05
C LYS B 78 -35.48 -36.34 -2.29
N GLN B 79 -35.58 -35.56 -1.21
CA GLN B 79 -35.72 -34.12 -1.28
C GLN B 79 -34.48 -33.49 -1.91
N MET B 80 -33.31 -33.95 -1.45
CA MET B 80 -32.02 -33.41 -1.90
C MET B 80 -31.86 -33.58 -3.42
N ARG B 81 -32.42 -34.68 -3.96
CA ARG B 81 -32.29 -35.00 -5.37
C ARG B 81 -33.25 -34.14 -6.18
N GLU B 82 -34.51 -34.08 -5.73
CA GLU B 82 -35.56 -33.33 -6.41
C GLU B 82 -35.23 -31.83 -6.36
N LEU B 83 -35.14 -31.29 -5.14
CA LEU B 83 -34.83 -29.88 -4.94
C LEU B 83 -33.90 -29.74 -3.73
N PRO B 84 -32.58 -29.58 -3.94
CA PRO B 84 -31.64 -29.45 -2.83
C PRO B 84 -31.85 -28.17 -2.03
N TYR B 85 -32.11 -27.06 -2.72
CA TYR B 85 -32.30 -25.78 -2.06
C TYR B 85 -33.05 -24.81 -2.97
N TYR B 86 -33.89 -23.97 -2.35
CA TYR B 86 -34.22 -22.66 -2.88
C TYR B 86 -34.59 -21.75 -1.70
N ASN B 87 -34.29 -20.46 -1.85
CA ASN B 87 -34.48 -19.48 -0.80
C ASN B 87 -35.96 -19.21 -0.55
N LEU B 88 -36.25 -18.63 0.62
CA LEU B 88 -37.59 -18.16 0.97
C LEU B 88 -37.64 -16.64 1.01
N PHE B 89 -36.66 -15.97 0.38
CA PHE B 89 -36.58 -14.52 0.38
C PHE B 89 -37.40 -13.90 -0.75
N PHE B 90 -37.29 -14.47 -1.96
CA PHE B 90 -37.64 -13.78 -3.19
C PHE B 90 -39.14 -13.85 -3.47
N GLN B 91 -39.97 -13.60 -2.45
CA GLN B 91 -41.41 -13.83 -2.52
C GLN B 91 -41.64 -15.26 -3.02
N THR B 92 -40.77 -16.18 -2.59
CA THR B 92 -40.73 -17.54 -3.09
C THR B 92 -40.93 -18.49 -1.92
N ALA B 93 -41.40 -19.71 -2.22
CA ALA B 93 -41.48 -20.78 -1.25
C ALA B 93 -41.21 -22.12 -1.93
N HIS B 94 -41.19 -23.18 -1.13
CA HIS B 94 -41.15 -24.55 -1.63
C HIS B 94 -42.05 -25.42 -0.74
N PRO B 95 -42.58 -26.55 -1.28
CA PRO B 95 -43.60 -27.32 -0.57
C PRO B 95 -43.19 -27.82 0.82
N PRO B 96 -41.98 -28.40 1.01
CA PRO B 96 -41.59 -28.89 2.32
C PRO B 96 -41.91 -27.90 3.44
N ALA B 97 -41.34 -26.69 3.34
CA ALA B 97 -41.39 -25.70 4.40
C ALA B 97 -42.82 -25.35 4.77
N LEU B 98 -43.72 -25.33 3.80
CA LEU B 98 -45.10 -24.91 4.05
C LEU B 98 -45.85 -26.00 4.82
N GLU B 99 -45.66 -27.26 4.42
CA GLU B 99 -46.38 -28.37 5.01
C GLU B 99 -45.81 -28.73 6.37
N LEU B 100 -44.53 -28.41 6.58
CA LEU B 100 -43.91 -28.55 7.89
C LEU B 100 -44.50 -27.52 8.85
N ALA B 101 -44.51 -26.25 8.43
CA ALA B 101 -45.14 -25.21 9.21
C ALA B 101 -46.54 -25.63 9.66
N LYS B 102 -47.30 -26.24 8.74
CA LYS B 102 -48.65 -26.71 9.03
C LYS B 102 -48.62 -27.83 10.06
N ALA B 103 -47.67 -28.76 9.93
CA ALA B 103 -47.53 -29.88 10.85
C ALA B 103 -47.28 -29.39 12.28
N ILE B 104 -46.26 -28.53 12.45
CA ILE B 104 -45.87 -27.98 13.74
C ILE B 104 -47.07 -27.31 14.42
N THR B 105 -47.73 -26.40 13.69
CA THR B 105 -48.83 -25.60 14.22
C THR B 105 -49.95 -26.50 14.76
N ASP B 106 -50.12 -27.68 14.15
CA ASP B 106 -51.17 -28.61 14.54
C ASP B 106 -50.86 -29.27 15.89
N VAL B 107 -49.57 -29.48 16.18
CA VAL B 107 -49.16 -30.09 17.44
C VAL B 107 -48.87 -29.00 18.48
N ALA B 108 -48.95 -27.72 18.07
CA ALA B 108 -48.72 -26.58 18.95
C ALA B 108 -50.03 -26.12 19.58
N PRO B 109 -50.00 -25.56 20.82
CA PRO B 109 -51.22 -25.15 21.51
C PRO B 109 -52.11 -24.18 20.74
N LYS B 110 -53.35 -24.04 21.23
CA LYS B 110 -54.40 -23.29 20.56
C LYS B 110 -53.89 -21.87 20.28
N GLY B 111 -53.97 -21.45 19.01
CA GLY B 111 -53.61 -20.10 18.65
C GLY B 111 -52.14 -19.94 18.20
N MET B 112 -51.31 -20.98 18.41
CA MET B 112 -50.00 -21.03 17.78
C MET B 112 -50.16 -21.43 16.32
N THR B 113 -50.26 -20.42 15.43
CA THR B 113 -50.71 -20.60 14.06
C THR B 113 -49.62 -20.36 13.01
N HIS B 114 -48.41 -19.92 13.39
CA HIS B 114 -47.38 -19.55 12.42
C HIS B 114 -45.99 -20.01 12.85
N VAL B 115 -45.13 -20.24 11.85
CA VAL B 115 -43.76 -20.63 12.08
C VAL B 115 -42.83 -19.73 11.24
N PHE B 116 -41.87 -19.09 11.90
CA PHE B 116 -40.72 -18.50 11.23
C PHE B 116 -39.55 -19.47 11.38
N PHE B 117 -38.87 -19.79 10.26
CA PHE B 117 -37.88 -20.87 10.25
C PHE B 117 -36.47 -20.32 10.42
N THR B 118 -35.67 -21.03 11.25
CA THR B 118 -34.27 -20.71 11.49
C THR B 118 -33.47 -22.01 11.48
N GLY B 119 -32.15 -21.91 11.63
CA GLY B 119 -31.27 -23.06 11.50
C GLY B 119 -30.92 -23.71 12.85
N SER B 120 -31.19 -22.98 13.94
CA SER B 120 -30.80 -23.39 15.28
C SER B 120 -31.75 -22.76 16.30
N GLY B 121 -31.62 -23.17 17.57
CA GLY B 121 -32.38 -22.56 18.65
C GLY B 121 -31.90 -21.14 18.96
N SER B 122 -30.58 -20.93 18.90
CA SER B 122 -29.97 -19.63 19.10
C SER B 122 -30.52 -18.61 18.09
N GLU B 123 -30.42 -18.94 16.79
CA GLU B 123 -31.02 -18.12 15.73
C GLU B 123 -32.52 -17.92 15.99
N GLY B 124 -33.15 -18.91 16.62
CA GLY B 124 -34.54 -18.80 17.04
C GLY B 124 -34.74 -17.66 18.03
N ASN B 125 -33.88 -17.60 19.06
CA ASN B 125 -34.03 -16.61 20.12
C ASN B 125 -33.66 -15.22 19.64
N ASP B 126 -32.68 -15.13 18.73
CA ASP B 126 -32.44 -13.89 18.02
C ASP B 126 -33.73 -13.44 17.34
N THR B 127 -34.45 -14.40 16.74
CA THR B 127 -35.66 -14.11 16.00
C THR B 127 -36.71 -13.55 16.94
N VAL B 128 -36.86 -14.16 18.13
CA VAL B 128 -37.82 -13.71 19.12
C VAL B 128 -37.50 -12.27 19.54
N LEU B 129 -36.20 -11.95 19.62
CA LEU B 129 -35.77 -10.68 20.17
C LEU B 129 -36.17 -9.54 19.24
N ARG B 130 -35.78 -9.66 17.97
CA ARG B 130 -36.13 -8.66 16.96
C ARG B 130 -37.64 -8.61 16.79
N MET B 131 -38.31 -9.76 16.93
CA MET B 131 -39.76 -9.83 16.75
C MET B 131 -40.49 -9.07 17.85
N VAL B 132 -40.16 -9.37 19.11
CA VAL B 132 -40.88 -8.84 20.26
C VAL B 132 -40.81 -7.32 20.25
N ARG B 133 -39.64 -6.76 19.92
CA ARG B 133 -39.41 -5.34 20.01
C ARG B 133 -40.05 -4.62 18.83
N HIS B 134 -39.97 -5.27 17.65
CA HIS B 134 -40.67 -4.81 16.47
C HIS B 134 -42.17 -4.80 16.74
N TYR B 135 -42.66 -5.85 17.39
CA TYR B 135 -44.09 -5.98 17.66
C TYR B 135 -44.58 -4.80 18.50
N TRP B 136 -43.81 -4.42 19.52
CA TRP B 136 -44.20 -3.32 20.40
C TRP B 136 -44.05 -1.97 19.70
N ALA B 137 -42.93 -1.78 18.99
CA ALA B 137 -42.70 -0.60 18.17
C ALA B 137 -43.83 -0.39 17.17
N LEU B 138 -44.36 -1.50 16.62
CA LEU B 138 -45.51 -1.49 15.74
C LEU B 138 -46.79 -1.07 16.47
N LYS B 139 -46.94 -1.47 17.73
CA LYS B 139 -48.12 -1.13 18.52
C LYS B 139 -48.01 0.26 19.12
N GLY B 140 -46.93 0.98 18.79
CA GLY B 140 -46.79 2.38 19.12
C GLY B 140 -46.00 2.63 20.40
N LYS B 141 -45.21 1.64 20.83
CA LYS B 141 -44.49 1.73 22.09
C LYS B 141 -43.03 1.32 21.89
N PRO B 142 -42.24 2.06 21.06
CA PRO B 142 -40.87 1.67 20.73
C PRO B 142 -39.91 1.70 21.90
N HIS B 143 -40.33 2.33 23.00
CA HIS B 143 -39.56 2.39 24.22
C HIS B 143 -39.60 1.04 24.95
N LYS B 144 -40.56 0.19 24.59
CA LYS B 144 -40.89 -1.01 25.34
C LYS B 144 -40.02 -2.14 24.80
N GLN B 145 -38.88 -2.38 25.46
CA GLN B 145 -37.89 -3.28 24.89
C GLN B 145 -37.38 -4.34 25.86
N THR B 146 -37.60 -4.16 27.18
CA THR B 146 -36.82 -4.93 28.15
C THR B 146 -37.33 -6.37 28.22
N ILE B 147 -36.38 -7.31 28.13
CA ILE B 147 -36.65 -8.73 28.20
C ILE B 147 -36.22 -9.21 29.58
N ILE B 148 -37.12 -9.94 30.25
CA ILE B 148 -36.82 -10.53 31.53
C ILE B 148 -36.50 -12.01 31.28
N GLY B 149 -35.27 -12.40 31.61
CA GLY B 149 -34.87 -13.80 31.64
C GLY B 149 -34.57 -14.23 33.06
N ARG B 150 -33.72 -15.25 33.23
CA ARG B 150 -33.48 -15.85 34.53
C ARG B 150 -32.03 -16.30 34.63
N ILE B 151 -31.54 -16.40 35.87
CA ILE B 151 -30.18 -16.85 36.11
C ILE B 151 -30.16 -18.34 35.77
N ASN B 152 -29.04 -18.82 35.22
CA ASN B 152 -28.87 -20.23 34.89
C ASN B 152 -29.89 -20.68 33.82
N GLY B 153 -30.61 -19.75 33.19
CA GLY B 153 -31.35 -20.00 31.96
C GLY B 153 -30.41 -20.03 30.74
N TYR B 154 -30.72 -20.90 29.78
CA TYR B 154 -29.93 -21.03 28.55
C TYR B 154 -30.84 -20.76 27.36
N HIS B 155 -30.38 -19.90 26.45
CA HIS B 155 -31.21 -19.47 25.32
C HIS B 155 -30.41 -19.37 24.02
N GLY B 156 -29.17 -19.86 24.02
CA GLY B 156 -28.38 -19.87 22.80
C GLY B 156 -26.94 -19.39 23.01
N SER B 157 -26.15 -19.48 21.93
CA SER B 157 -24.76 -19.06 21.94
C SER B 157 -24.49 -18.01 20.86
N THR B 158 -25.54 -17.53 20.18
CA THR B 158 -25.43 -16.26 19.47
C THR B 158 -25.20 -15.17 20.51
N PHE B 159 -24.92 -13.94 20.07
CA PHE B 159 -24.70 -12.86 21.00
C PHE B 159 -25.99 -12.65 21.79
N ALA B 160 -27.12 -12.62 21.10
CA ALA B 160 -28.41 -12.41 21.74
C ALA B 160 -28.70 -13.56 22.71
N GLY B 161 -28.47 -14.80 22.29
CA GLY B 161 -28.82 -15.98 23.07
C GLY B 161 -27.98 -16.15 24.34
N ALA B 162 -26.72 -15.70 24.26
CA ALA B 162 -25.80 -15.71 25.39
C ALA B 162 -26.12 -14.58 26.37
N CYS B 163 -26.51 -13.42 25.85
CA CYS B 163 -27.23 -12.44 26.66
C CYS B 163 -28.53 -13.24 26.78
N LEU B 164 -29.66 -12.69 27.19
CA LEU B 164 -30.87 -13.50 27.35
C LEU B 164 -30.71 -14.58 28.42
N GLY B 165 -29.80 -15.55 28.23
CA GLY B 165 -29.52 -16.55 29.25
C GLY B 165 -28.72 -15.97 30.40
N GLY B 166 -28.56 -16.75 31.47
CA GLY B 166 -27.95 -16.28 32.70
C GLY B 166 -26.80 -17.18 33.15
N MET B 167 -25.96 -17.63 32.20
CA MET B 167 -24.69 -18.23 32.55
C MET B 167 -23.65 -17.11 32.61
N SER B 168 -23.01 -16.95 33.77
CA SER B 168 -21.93 -15.99 33.97
C SER B 168 -20.77 -16.25 33.01
N GLY B 169 -20.47 -17.55 32.78
CA GLY B 169 -19.37 -17.96 31.92
C GLY B 169 -19.47 -17.36 30.52
N MET B 170 -20.69 -17.19 30.01
CA MET B 170 -20.91 -16.64 28.68
C MET B 170 -20.81 -15.13 28.72
N HIS B 171 -21.51 -14.49 29.68
CA HIS B 171 -21.51 -13.05 29.84
C HIS B 171 -20.10 -12.46 29.90
N GLU B 172 -19.12 -13.25 30.34
CA GLU B 172 -17.74 -12.83 30.44
C GLU B 172 -17.02 -12.83 29.08
N GLN B 173 -17.71 -13.27 28.00
CA GLN B 173 -17.09 -13.44 26.70
C GLN B 173 -17.95 -12.81 25.61
N GLY B 174 -17.45 -11.72 25.00
CA GLY B 174 -18.13 -11.03 23.92
C GLY B 174 -18.37 -9.53 24.19
N GLY B 175 -17.94 -9.02 25.35
CA GLY B 175 -18.01 -7.60 25.63
C GLY B 175 -19.40 -7.17 26.13
N LEU B 176 -19.60 -5.86 26.17
CA LEU B 176 -20.79 -5.25 26.77
C LEU B 176 -22.05 -5.89 26.20
N PRO B 177 -23.07 -6.16 27.04
CA PRO B 177 -24.29 -6.84 26.60
C PRO B 177 -25.21 -5.97 25.73
N ILE B 178 -26.23 -6.64 25.17
CA ILE B 178 -27.32 -5.98 24.46
C ILE B 178 -28.15 -5.22 25.48
N PRO B 179 -28.36 -3.89 25.31
CA PRO B 179 -29.23 -3.14 26.21
C PRO B 179 -30.65 -3.70 26.28
N GLY B 180 -31.22 -3.73 27.49
CA GLY B 180 -32.63 -4.04 27.70
C GLY B 180 -32.87 -5.52 28.01
N ILE B 181 -31.89 -6.17 28.68
CA ILE B 181 -32.03 -7.54 29.15
C ILE B 181 -31.66 -7.58 30.63
N VAL B 182 -32.60 -8.11 31.44
CA VAL B 182 -32.41 -8.25 32.87
C VAL B 182 -32.80 -9.65 33.29
N HIS B 183 -32.27 -10.11 34.43
CA HIS B 183 -32.45 -11.48 34.90
C HIS B 183 -32.98 -11.56 36.32
N ILE B 184 -34.07 -12.32 36.52
CA ILE B 184 -34.58 -12.65 37.83
C ILE B 184 -34.02 -14.01 38.26
N PRO B 185 -34.11 -14.41 39.55
CA PRO B 185 -33.58 -15.70 39.99
C PRO B 185 -34.35 -16.92 39.49
N GLN B 186 -33.61 -18.05 39.39
CA GLN B 186 -34.13 -19.31 38.87
C GLN B 186 -34.90 -20.03 39.98
N PRO B 187 -36.02 -20.74 39.67
CA PRO B 187 -36.71 -21.54 40.66
C PRO B 187 -36.05 -22.91 40.91
N TYR B 188 -34.80 -22.87 41.39
CA TYR B 188 -34.03 -24.06 41.70
C TYR B 188 -34.03 -24.32 43.22
N TRP B 189 -35.14 -24.85 43.75
CA TRP B 189 -35.31 -25.09 45.17
C TRP B 189 -34.09 -25.79 45.77
N PHE B 190 -33.61 -26.85 45.11
CA PHE B 190 -32.67 -27.76 45.74
C PHE B 190 -31.37 -27.04 46.11
N GLY B 191 -30.92 -26.13 45.24
CA GLY B 191 -29.64 -25.44 45.41
C GLY B 191 -29.78 -24.02 45.97
N GLU B 192 -30.94 -23.38 45.77
CA GLU B 192 -31.11 -21.97 46.10
C GLU B 192 -32.08 -21.79 47.28
N GLY B 193 -33.22 -22.46 47.24
CA GLY B 193 -34.31 -22.33 48.22
C GLY B 193 -34.00 -22.37 49.72
N GLY B 194 -32.91 -23.00 50.16
CA GLY B 194 -32.50 -22.90 51.55
C GLY B 194 -33.44 -23.68 52.47
N ASP B 195 -34.14 -22.97 53.37
CA ASP B 195 -34.99 -23.60 54.36
C ASP B 195 -36.46 -23.36 54.05
N MET B 196 -36.76 -22.86 52.83
CA MET B 196 -38.14 -22.78 52.37
C MET B 196 -38.62 -24.17 51.95
N THR B 197 -39.93 -24.44 52.08
CA THR B 197 -40.52 -25.62 51.48
C THR B 197 -40.61 -25.37 49.97
N PRO B 198 -40.55 -26.41 49.10
CA PRO B 198 -40.58 -26.21 47.66
C PRO B 198 -41.69 -25.26 47.19
N ASP B 199 -42.92 -25.53 47.64
CA ASP B 199 -44.10 -24.80 47.22
C ASP B 199 -43.94 -23.30 47.44
N GLU B 200 -43.41 -22.89 48.60
CA GLU B 200 -43.34 -21.47 48.93
C GLU B 200 -42.14 -20.82 48.24
N PHE B 201 -41.12 -21.62 47.89
CA PHE B 201 -40.03 -21.12 47.08
C PHE B 201 -40.53 -20.77 45.68
N GLY B 202 -41.27 -21.70 45.08
CA GLY B 202 -41.89 -21.50 43.78
C GLY B 202 -42.73 -20.23 43.73
N VAL B 203 -43.38 -19.88 44.85
CA VAL B 203 -44.16 -18.65 44.91
C VAL B 203 -43.20 -17.48 44.99
N TRP B 204 -42.15 -17.60 45.81
CA TRP B 204 -41.15 -16.56 45.93
C TRP B 204 -40.55 -16.25 44.57
N ALA B 205 -40.05 -17.29 43.91
CA ALA B 205 -39.36 -17.19 42.63
C ALA B 205 -40.26 -16.55 41.58
N ALA B 206 -41.53 -16.95 41.57
CA ALA B 206 -42.51 -16.42 40.64
C ALA B 206 -42.76 -14.93 40.87
N GLU B 207 -42.88 -14.54 42.15
CA GLU B 207 -43.21 -13.17 42.50
C GLU B 207 -42.04 -12.25 42.17
N GLN B 208 -40.83 -12.80 42.04
CA GLN B 208 -39.67 -12.00 41.67
C GLN B 208 -39.85 -11.45 40.25
N LEU B 209 -40.67 -12.11 39.43
CA LEU B 209 -41.04 -11.59 38.13
C LEU B 209 -41.79 -10.26 38.27
N GLU B 210 -42.80 -10.24 39.16
CA GLU B 210 -43.58 -9.04 39.41
C GLU B 210 -42.68 -7.94 39.97
N LYS B 211 -41.70 -8.31 40.79
CA LYS B 211 -40.74 -7.35 41.32
C LYS B 211 -40.05 -6.65 40.16
N LYS B 212 -39.61 -7.44 39.17
CA LYS B 212 -38.78 -6.92 38.09
C LYS B 212 -39.61 -6.07 37.14
N ILE B 213 -40.89 -6.42 36.96
CA ILE B 213 -41.77 -5.64 36.10
C ILE B 213 -41.90 -4.24 36.67
N LEU B 214 -42.21 -4.16 37.96
CA LEU B 214 -42.47 -2.91 38.64
C LEU B 214 -41.17 -2.11 38.80
N GLU B 215 -40.03 -2.81 38.91
CA GLU B 215 -38.73 -2.17 38.98
C GLU B 215 -38.47 -1.41 37.68
N VAL B 216 -38.54 -2.14 36.57
CA VAL B 216 -38.14 -1.63 35.26
C VAL B 216 -39.20 -0.69 34.73
N GLY B 217 -40.47 -1.00 35.03
CA GLY B 217 -41.62 -0.30 34.48
C GLY B 217 -42.36 -1.15 33.43
N GLU B 218 -43.61 -1.51 33.75
CA GLU B 218 -44.47 -2.26 32.84
C GLU B 218 -44.32 -1.76 31.41
N ASP B 219 -44.48 -0.44 31.21
CA ASP B 219 -44.50 0.14 29.87
C ASP B 219 -43.11 0.10 29.23
N ASN B 220 -42.12 -0.44 29.94
CA ASN B 220 -40.78 -0.66 29.38
C ASN B 220 -40.52 -2.14 29.14
N VAL B 221 -41.43 -3.01 29.60
CA VAL B 221 -41.19 -4.45 29.57
C VAL B 221 -41.84 -5.03 28.32
N ALA B 222 -41.02 -5.69 27.50
CA ALA B 222 -41.43 -6.25 26.22
C ALA B 222 -41.91 -7.69 26.38
N ALA B 223 -41.19 -8.49 27.17
CA ALA B 223 -41.49 -9.90 27.29
C ALA B 223 -40.79 -10.54 28.49
N PHE B 224 -41.38 -11.65 28.95
CA PHE B 224 -40.69 -12.59 29.81
C PHE B 224 -40.31 -13.81 28.98
N ILE B 225 -39.04 -14.23 29.08
CA ILE B 225 -38.54 -15.40 28.38
C ILE B 225 -38.12 -16.43 29.42
N ALA B 226 -38.58 -17.68 29.24
CA ALA B 226 -38.16 -18.78 30.09
C ALA B 226 -38.36 -20.12 29.40
N GLU B 227 -37.50 -21.08 29.74
CA GLU B 227 -37.69 -22.47 29.39
C GLU B 227 -38.76 -23.02 30.32
N PRO B 228 -39.67 -23.92 29.88
CA PRO B 228 -40.62 -24.53 30.81
C PRO B 228 -39.92 -25.29 31.93
N ILE B 229 -38.89 -26.07 31.57
CA ILE B 229 -37.95 -26.67 32.51
C ILE B 229 -36.54 -26.38 32.00
N GLN B 230 -35.76 -25.63 32.78
CA GLN B 230 -34.39 -25.31 32.38
C GLN B 230 -33.63 -26.60 32.08
N GLY B 231 -32.83 -26.58 31.00
CA GLY B 231 -32.16 -27.77 30.50
C GLY B 231 -30.66 -27.71 30.75
N ALA B 232 -29.97 -26.81 30.03
CA ALA B 232 -28.51 -26.78 30.05
C ALA B 232 -27.96 -26.54 31.46
N GLY B 233 -28.70 -25.79 32.30
CA GLY B 233 -28.22 -25.49 33.63
C GLY B 233 -28.71 -26.49 34.67
N GLY B 234 -28.68 -27.79 34.34
CA GLY B 234 -29.33 -28.83 35.14
C GLY B 234 -30.80 -28.91 34.75
N VAL B 235 -31.50 -29.98 35.15
CA VAL B 235 -32.91 -30.07 34.84
C VAL B 235 -33.66 -29.49 36.04
N ILE B 236 -33.65 -28.17 36.15
CA ILE B 236 -34.27 -27.46 37.26
C ILE B 236 -35.78 -27.57 37.07
N ILE B 237 -36.35 -28.66 37.59
CA ILE B 237 -37.80 -28.82 37.54
C ILE B 237 -38.38 -27.85 38.56
N PRO B 238 -39.27 -26.92 38.16
CA PRO B 238 -39.81 -25.94 39.10
C PRO B 238 -40.72 -26.59 40.15
N PRO B 239 -40.86 -25.96 41.34
CA PRO B 239 -41.94 -26.33 42.25
C PRO B 239 -43.30 -26.24 41.55
N GLU B 240 -44.29 -26.99 42.07
CA GLU B 240 -45.60 -27.05 41.46
C GLU B 240 -46.22 -25.64 41.39
N THR B 241 -45.88 -24.76 42.34
CA THR B 241 -46.55 -23.47 42.50
C THR B 241 -46.05 -22.44 41.49
N TYR B 242 -44.84 -22.65 40.94
CA TYR B 242 -44.17 -21.62 40.16
C TYR B 242 -45.00 -21.19 38.95
N TRP B 243 -45.19 -22.08 37.97
CA TRP B 243 -45.83 -21.67 36.74
C TRP B 243 -47.23 -21.11 36.99
N PRO B 244 -48.08 -21.77 37.82
CA PRO B 244 -49.40 -21.22 38.13
C PRO B 244 -49.33 -19.80 38.67
N LYS B 245 -48.35 -19.55 39.54
CA LYS B 245 -48.17 -18.23 40.13
C LYS B 245 -47.77 -17.24 39.05
N VAL B 246 -46.83 -17.67 38.19
CA VAL B 246 -46.31 -16.84 37.10
C VAL B 246 -47.46 -16.44 36.17
N LYS B 247 -48.36 -17.40 35.88
CA LYS B 247 -49.49 -17.16 35.00
C LYS B 247 -50.36 -16.03 35.54
N GLU B 248 -50.53 -16.00 36.87
CA GLU B 248 -51.38 -15.02 37.51
C GLU B 248 -50.80 -13.60 37.36
N ILE B 249 -49.47 -13.53 37.36
CA ILE B 249 -48.76 -12.28 37.12
C ILE B 249 -48.96 -11.86 35.66
N LEU B 250 -48.67 -12.79 34.72
CA LEU B 250 -48.73 -12.54 33.29
C LEU B 250 -50.06 -11.93 32.88
N ALA B 251 -51.16 -12.37 33.50
CA ALA B 251 -52.49 -11.92 33.13
C ALA B 251 -52.68 -10.44 33.45
N ARG B 252 -52.08 -10.01 34.57
CA ARG B 252 -52.29 -8.67 35.10
C ARG B 252 -51.50 -7.63 34.31
N TYR B 253 -50.39 -8.04 33.68
CA TYR B 253 -49.48 -7.10 33.02
C TYR B 253 -49.47 -7.33 31.51
N ASP B 254 -49.07 -6.28 30.78
CA ASP B 254 -49.19 -6.24 29.34
C ASP B 254 -47.83 -6.48 28.69
N ILE B 255 -47.33 -7.72 28.83
CA ILE B 255 -46.07 -8.10 28.21
C ILE B 255 -46.24 -9.47 27.55
N LEU B 256 -45.30 -9.79 26.63
CA LEU B 256 -45.35 -11.03 25.88
C LEU B 256 -44.64 -12.14 26.66
N PHE B 257 -45.14 -13.37 26.51
CA PHE B 257 -44.52 -14.52 27.15
C PHE B 257 -43.81 -15.35 26.07
N VAL B 258 -42.52 -15.64 26.32
CA VAL B 258 -41.71 -16.43 25.43
C VAL B 258 -41.30 -17.71 26.15
N ALA B 259 -41.85 -18.84 25.68
CA ALA B 259 -41.50 -20.16 26.16
C ALA B 259 -40.40 -20.72 25.25
N ASP B 260 -39.22 -21.00 25.83
CA ASP B 260 -38.14 -21.59 25.06
C ASP B 260 -38.31 -23.11 25.12
N GLU B 261 -38.97 -23.66 24.09
CA GLU B 261 -39.27 -25.09 24.02
C GLU B 261 -38.17 -25.85 23.30
N VAL B 262 -37.01 -25.25 23.07
CA VAL B 262 -35.94 -25.92 22.34
C VAL B 262 -35.74 -27.33 22.90
N ILE B 263 -35.57 -27.46 24.22
CA ILE B 263 -35.40 -28.76 24.87
C ILE B 263 -36.76 -29.43 25.12
N CYS B 264 -37.69 -28.68 25.72
CA CYS B 264 -38.95 -29.23 26.14
C CYS B 264 -39.83 -29.62 24.94
N GLY B 265 -39.47 -29.13 23.74
CA GLY B 265 -40.26 -29.34 22.54
C GLY B 265 -40.09 -30.74 21.96
N PHE B 266 -41.24 -31.34 21.61
CA PHE B 266 -41.35 -32.56 20.83
C PHE B 266 -41.07 -33.78 21.71
N GLY B 267 -41.89 -33.93 22.76
CA GLY B 267 -42.06 -35.21 23.44
C GLY B 267 -41.19 -35.41 24.68
N ARG B 268 -40.36 -34.42 25.02
CA ARG B 268 -39.34 -34.58 26.05
C ARG B 268 -39.96 -34.70 27.44
N THR B 269 -41.12 -34.04 27.66
CA THR B 269 -41.76 -34.06 28.96
C THR B 269 -43.06 -34.86 28.89
N GLY B 270 -43.14 -35.82 27.96
CA GLY B 270 -44.32 -36.67 27.82
C GLY B 270 -45.40 -36.03 26.95
N GLU B 271 -45.62 -34.72 27.08
CA GLU B 271 -46.47 -33.96 26.19
C GLU B 271 -45.65 -33.51 24.98
N TRP B 272 -46.34 -32.92 24.00
CA TRP B 272 -45.68 -32.33 22.84
C TRP B 272 -44.72 -31.24 23.30
N PHE B 273 -45.21 -30.35 24.16
CA PHE B 273 -44.44 -29.22 24.66
C PHE B 273 -44.58 -29.14 26.18
N GLY B 274 -43.60 -28.48 26.81
CA GLY B 274 -43.67 -28.11 28.21
C GLY B 274 -44.83 -27.14 28.47
N SER B 275 -45.13 -26.30 27.46
CA SER B 275 -46.24 -25.36 27.53
C SER B 275 -47.58 -26.10 27.64
N ASP B 276 -47.63 -27.32 27.07
CA ASP B 276 -48.76 -28.21 27.24
C ASP B 276 -48.72 -28.84 28.64
N TYR B 277 -47.52 -29.17 29.11
CA TYR B 277 -47.36 -29.80 30.42
C TYR B 277 -47.91 -28.89 31.51
N TYR B 278 -47.46 -27.62 31.54
CA TYR B 278 -47.87 -26.67 32.57
C TYR B 278 -49.02 -25.79 32.10
N ASP B 279 -49.77 -26.21 31.08
CA ASP B 279 -50.92 -25.47 30.56
C ASP B 279 -50.59 -23.97 30.50
N LEU B 280 -49.53 -23.65 29.75
CA LEU B 280 -49.12 -22.29 29.51
C LEU B 280 -49.70 -21.82 28.18
N LYS B 281 -50.06 -20.54 28.09
N LYS B 281 -50.04 -20.54 28.09
CA LYS B 281 -50.46 -19.93 26.85
CA LYS B 281 -50.47 -19.93 26.85
C LYS B 281 -49.43 -18.88 26.46
C LYS B 281 -49.44 -18.88 26.46
N PRO B 282 -48.27 -19.29 25.89
CA PRO B 282 -47.28 -18.33 25.42
C PRO B 282 -47.69 -17.59 24.14
N ASP B 283 -46.88 -16.59 23.80
CA ASP B 283 -47.03 -15.82 22.58
C ASP B 283 -46.08 -16.35 21.51
N LEU B 284 -44.86 -16.72 21.95
CA LEU B 284 -43.82 -17.18 21.06
C LEU B 284 -43.13 -18.40 21.66
N MET B 285 -42.66 -19.29 20.78
CA MET B 285 -42.16 -20.61 21.17
C MET B 285 -40.89 -20.91 20.37
N THR B 286 -39.74 -20.93 21.05
CA THR B 286 -38.48 -21.25 20.41
C THR B 286 -38.43 -22.77 20.26
N ILE B 287 -37.95 -23.26 19.10
CA ILE B 287 -37.87 -24.69 18.84
C ILE B 287 -36.59 -25.02 18.06
N ALA B 288 -36.18 -26.28 18.20
CA ALA B 288 -35.07 -26.85 17.44
C ALA B 288 -34.91 -28.30 17.88
N LYS B 289 -33.69 -28.84 17.75
CA LYS B 289 -33.30 -30.12 18.33
C LYS B 289 -34.17 -31.27 17.84
N GLY B 290 -35.30 -31.48 18.51
CA GLY B 290 -36.14 -32.65 18.27
C GLY B 290 -37.04 -32.46 17.06
N LEU B 291 -37.11 -31.23 16.54
CA LEU B 291 -37.88 -30.94 15.34
C LEU B 291 -37.51 -31.94 14.24
N THR B 292 -36.21 -32.10 13.98
CA THR B 292 -35.72 -33.06 13.00
C THR B 292 -34.99 -34.22 13.69
N SER B 293 -35.23 -34.43 14.99
CA SER B 293 -34.49 -35.39 15.77
C SER B 293 -32.99 -35.20 15.58
N GLY B 294 -32.58 -34.01 15.14
CA GLY B 294 -31.18 -33.67 14.98
C GLY B 294 -30.50 -34.36 13.80
N TYR B 295 -31.27 -35.13 13.01
CA TYR B 295 -30.74 -35.79 11.83
C TYR B 295 -30.22 -34.76 10.82
N ILE B 296 -30.87 -33.58 10.80
CA ILE B 296 -30.43 -32.47 9.97
C ILE B 296 -30.64 -31.15 10.73
N PRO B 297 -29.71 -30.18 10.61
CA PRO B 297 -29.84 -28.89 11.27
C PRO B 297 -31.12 -28.16 10.93
N MET B 298 -31.88 -27.78 11.96
CA MET B 298 -33.05 -26.93 11.78
C MET B 298 -33.52 -26.39 13.12
N GLY B 299 -34.11 -25.18 13.08
CA GLY B 299 -34.79 -24.59 14.22
C GLY B 299 -35.96 -23.72 13.77
N GLY B 300 -36.56 -22.96 14.69
CA GLY B 300 -37.63 -22.07 14.31
C GLY B 300 -38.28 -21.36 15.48
N VAL B 301 -39.33 -20.58 15.16
CA VAL B 301 -40.11 -19.86 16.15
C VAL B 301 -41.58 -20.04 15.77
N ILE B 302 -42.37 -20.52 16.74
CA ILE B 302 -43.81 -20.65 16.57
C ILE B 302 -44.43 -19.37 17.12
N VAL B 303 -45.37 -18.79 16.36
CA VAL B 303 -45.87 -17.45 16.61
C VAL B 303 -47.38 -17.48 16.73
N ARG B 304 -47.91 -16.86 17.80
CA ARG B 304 -49.33 -16.84 18.07
C ARG B 304 -50.03 -15.93 17.06
N ASP B 305 -51.28 -16.25 16.75
CA ASP B 305 -52.04 -15.55 15.71
C ASP B 305 -52.01 -14.05 15.98
N THR B 306 -52.28 -13.64 17.23
CA THR B 306 -52.42 -12.24 17.57
C THR B 306 -51.08 -11.50 17.39
N VAL B 307 -49.97 -12.18 17.72
CA VAL B 307 -48.65 -11.58 17.57
C VAL B 307 -48.33 -11.48 16.09
N ALA B 308 -49.04 -12.26 15.25
CA ALA B 308 -48.89 -12.08 13.80
C ALA B 308 -49.58 -10.79 13.37
N LYS B 309 -49.46 -9.74 14.20
CA LYS B 309 -49.90 -8.40 13.81
C LYS B 309 -48.69 -7.72 13.17
N VAL B 310 -47.58 -8.45 13.13
CA VAL B 310 -46.39 -8.01 12.41
C VAL B 310 -46.73 -7.99 10.92
N ILE B 311 -47.75 -8.77 10.54
CA ILE B 311 -48.17 -8.85 9.14
C ILE B 311 -48.81 -7.52 8.76
N SER B 312 -49.80 -7.05 9.56
CA SER B 312 -50.49 -5.82 9.24
C SER B 312 -49.50 -4.70 9.55
N GLU B 313 -49.60 -3.58 8.82
CA GLU B 313 -48.76 -2.42 8.99
C GLU B 313 -47.27 -2.74 8.99
N GLY B 314 -46.90 -4.03 9.13
CA GLY B 314 -45.53 -4.40 9.46
C GLY B 314 -44.54 -3.82 8.43
N GLY B 315 -44.95 -3.79 7.17
CA GLY B 315 -44.00 -3.62 6.08
C GLY B 315 -43.17 -4.89 6.00
N ASP B 316 -41.92 -4.76 5.55
CA ASP B 316 -41.00 -5.88 5.55
C ASP B 316 -40.59 -6.19 6.99
N PHE B 317 -40.47 -7.47 7.32
CA PHE B 317 -39.78 -7.88 8.53
C PHE B 317 -38.36 -8.25 8.14
N ASN B 318 -37.46 -7.26 8.14
CA ASN B 318 -36.13 -7.44 7.58
C ASN B 318 -35.33 -8.37 8.49
N HIS B 319 -35.60 -9.68 8.34
CA HIS B 319 -35.01 -10.73 9.15
C HIS B 319 -34.98 -12.02 8.34
N GLY B 320 -34.11 -12.95 8.75
CA GLY B 320 -34.11 -14.30 8.22
C GLY B 320 -32.73 -14.75 7.75
N PHE B 321 -32.61 -16.04 7.46
CA PHE B 321 -31.34 -16.64 7.09
C PHE B 321 -31.53 -17.33 5.74
N THR B 322 -30.43 -17.43 4.99
CA THR B 322 -30.39 -18.15 3.71
C THR B 322 -31.14 -19.49 3.84
N TYR B 323 -30.76 -20.28 4.86
CA TYR B 323 -31.24 -21.64 5.02
C TYR B 323 -32.51 -21.71 5.88
N SER B 324 -33.24 -20.60 6.01
CA SER B 324 -34.55 -20.61 6.65
C SER B 324 -35.44 -21.56 5.86
N GLY B 325 -36.01 -22.55 6.55
CA GLY B 325 -36.91 -23.51 5.94
C GLY B 325 -36.23 -24.28 4.80
N HIS B 326 -34.98 -24.70 5.03
CA HIS B 326 -34.21 -25.39 4.02
C HIS B 326 -34.91 -26.69 3.62
N PRO B 327 -35.18 -26.93 2.32
CA PRO B 327 -36.13 -27.94 1.90
C PRO B 327 -35.78 -29.36 2.35
N VAL B 328 -34.49 -29.69 2.36
CA VAL B 328 -34.06 -31.00 2.80
C VAL B 328 -34.37 -31.14 4.28
N ALA B 329 -34.08 -30.07 5.03
CA ALA B 329 -34.30 -30.03 6.48
C ALA B 329 -35.79 -30.14 6.81
N ALA B 330 -36.65 -29.57 5.97
CA ALA B 330 -38.08 -29.55 6.22
C ALA B 330 -38.71 -30.92 5.97
N ALA B 331 -38.21 -31.62 4.95
CA ALA B 331 -38.69 -32.96 4.63
C ALA B 331 -38.38 -33.92 5.78
N VAL B 332 -37.15 -33.83 6.28
CA VAL B 332 -36.73 -34.61 7.43
C VAL B 332 -37.60 -34.23 8.64
N GLY B 333 -37.95 -32.95 8.75
CA GLY B 333 -38.80 -32.47 9.82
C GLY B 333 -40.23 -33.01 9.69
N LEU B 334 -40.81 -32.86 8.50
CA LEU B 334 -42.18 -33.30 8.23
C LEU B 334 -42.31 -34.79 8.50
N GLU B 335 -41.34 -35.56 7.99
CA GLU B 335 -41.33 -37.01 8.11
C GLU B 335 -41.14 -37.41 9.57
N ASN B 336 -40.37 -36.60 10.31
CA ASN B 336 -40.09 -36.85 11.72
C ASN B 336 -41.37 -36.67 12.55
N LEU B 337 -42.15 -35.63 12.24
CA LEU B 337 -43.40 -35.36 12.97
C LEU B 337 -44.42 -36.45 12.70
N ARG B 338 -44.41 -37.03 11.49
CA ARG B 338 -45.35 -38.08 11.16
C ARG B 338 -45.08 -39.29 12.06
N ILE B 339 -43.80 -39.64 12.20
CA ILE B 339 -43.39 -40.78 13.01
C ILE B 339 -43.76 -40.52 14.48
N LEU B 340 -43.35 -39.36 15.01
CA LEU B 340 -43.65 -38.99 16.39
C LEU B 340 -45.14 -39.14 16.67
N ARG B 341 -45.98 -38.66 15.74
CA ARG B 341 -47.42 -38.58 15.95
C ARG B 341 -48.07 -39.95 15.69
N ASP B 342 -47.94 -40.46 14.45
CA ASP B 342 -48.72 -41.59 13.97
C ASP B 342 -48.23 -42.91 14.58
N GLU B 343 -46.92 -43.03 14.83
CA GLU B 343 -46.38 -44.18 15.54
C GLU B 343 -46.47 -43.98 17.06
N LYS B 344 -47.08 -42.87 17.48
CA LYS B 344 -47.44 -42.64 18.88
C LYS B 344 -46.23 -42.74 19.79
N ILE B 345 -45.11 -42.13 19.38
CA ILE B 345 -43.89 -42.13 20.17
C ILE B 345 -44.04 -41.23 21.40
N VAL B 346 -44.68 -40.05 21.21
CA VAL B 346 -44.94 -39.14 22.30
C VAL B 346 -45.92 -39.79 23.28
N GLU B 347 -46.97 -40.42 22.75
CA GLU B 347 -47.95 -41.12 23.57
C GLU B 347 -47.30 -42.27 24.34
N LYS B 348 -46.46 -43.05 23.63
CA LYS B 348 -45.73 -44.16 24.24
C LYS B 348 -44.73 -43.64 25.27
N ALA B 349 -44.17 -42.45 25.04
CA ALA B 349 -43.25 -41.84 25.99
C ALA B 349 -43.95 -41.56 27.32
N ARG B 350 -45.14 -40.96 27.24
CA ARG B 350 -45.90 -40.56 28.42
C ARG B 350 -46.42 -41.77 29.19
N THR B 351 -46.96 -42.75 28.44
CA THR B 351 -47.69 -43.87 29.03
C THR B 351 -46.73 -44.98 29.46
N GLU B 352 -45.72 -45.29 28.63
CA GLU B 352 -44.97 -46.53 28.76
C GLU B 352 -43.54 -46.28 29.23
N ALA B 353 -42.82 -45.35 28.58
CA ALA B 353 -41.41 -45.14 28.85
C ALA B 353 -41.20 -44.34 30.15
N ALA B 354 -41.88 -43.19 30.25
CA ALA B 354 -41.61 -42.21 31.28
C ALA B 354 -41.81 -42.78 32.69
N PRO B 355 -42.97 -43.42 33.00
CA PRO B 355 -43.20 -43.93 34.35
C PRO B 355 -42.17 -44.99 34.75
N TYR B 356 -41.72 -45.77 33.77
CA TYR B 356 -40.73 -46.80 34.00
C TYR B 356 -39.38 -46.15 34.30
N LEU B 357 -39.02 -45.13 33.50
CA LEU B 357 -37.77 -44.39 33.71
C LEU B 357 -37.79 -43.71 35.07
N GLN B 358 -38.92 -43.08 35.43
CA GLN B 358 -39.00 -42.32 36.66
C GLN B 358 -38.87 -43.23 37.88
N LYS B 359 -39.49 -44.42 37.81
CA LYS B 359 -39.42 -45.40 38.88
C LYS B 359 -37.99 -45.91 39.07
N ARG B 360 -37.39 -46.44 38.00
CA ARG B 360 -36.09 -47.10 38.07
C ARG B 360 -35.00 -46.09 38.47
N LEU B 361 -35.21 -44.81 38.16
CA LEU B 361 -34.23 -43.78 38.47
C LEU B 361 -34.35 -43.35 39.93
N ARG B 362 -35.57 -43.37 40.49
CA ARG B 362 -35.81 -42.91 41.85
C ARG B 362 -35.44 -43.97 42.88
N GLU B 363 -35.02 -45.16 42.45
CA GLU B 363 -34.54 -46.18 43.38
C GLU B 363 -33.07 -45.91 43.70
N LEU B 364 -32.50 -44.87 43.09
CA LEU B 364 -31.16 -44.40 43.41
C LEU B 364 -31.21 -43.41 44.56
N GLN B 365 -32.41 -43.08 45.05
CA GLN B 365 -32.60 -42.20 46.19
C GLN B 365 -31.79 -42.70 47.40
N ASP B 366 -31.70 -44.04 47.55
CA ASP B 366 -31.11 -44.67 48.73
C ASP B 366 -29.59 -44.47 48.78
N HIS B 367 -28.95 -44.35 47.62
CA HIS B 367 -27.50 -44.34 47.50
C HIS B 367 -26.86 -43.23 48.34
N PRO B 368 -25.77 -43.53 49.10
CA PRO B 368 -25.18 -42.56 50.02
C PRO B 368 -24.94 -41.18 49.43
N LEU B 369 -24.59 -41.13 48.14
CA LEU B 369 -24.16 -39.90 47.50
C LEU B 369 -25.36 -39.07 47.05
N VAL B 370 -26.51 -39.72 46.88
CA VAL B 370 -27.65 -39.10 46.22
C VAL B 370 -28.45 -38.32 47.25
N GLY B 371 -28.53 -37.00 47.06
CA GLY B 371 -29.39 -36.15 47.86
C GLY B 371 -30.83 -36.23 47.40
N GLU B 372 -31.02 -36.28 46.08
CA GLU B 372 -32.34 -36.25 45.46
C GLU B 372 -32.28 -36.95 44.11
N VAL B 373 -33.40 -37.56 43.71
CA VAL B 373 -33.63 -37.89 42.32
C VAL B 373 -34.92 -37.20 41.89
N ARG B 374 -34.85 -36.38 40.84
CA ARG B 374 -36.02 -35.76 40.24
C ARG B 374 -35.98 -36.00 38.74
N GLY B 375 -37.16 -36.10 38.15
CA GLY B 375 -37.30 -36.29 36.72
C GLY B 375 -38.75 -36.15 36.30
N LEU B 376 -38.96 -35.86 35.01
CA LEU B 376 -40.28 -35.68 34.47
C LEU B 376 -40.25 -36.20 33.04
N GLY B 377 -41.25 -37.00 32.67
CA GLY B 377 -41.27 -37.58 31.34
C GLY B 377 -39.92 -38.22 31.04
N MET B 378 -39.23 -37.70 30.02
CA MET B 378 -37.95 -38.26 29.59
C MET B 378 -36.83 -37.29 29.94
N LEU B 379 -37.02 -36.58 31.08
CA LEU B 379 -35.97 -35.81 31.73
C LEU B 379 -35.66 -36.44 33.10
N GLY B 380 -34.41 -36.29 33.57
CA GLY B 380 -34.03 -36.83 34.86
C GLY B 380 -32.73 -36.23 35.39
N ALA B 381 -32.73 -35.92 36.70
CA ALA B 381 -31.56 -35.36 37.37
C ALA B 381 -31.30 -36.04 38.72
N ILE B 382 -30.02 -36.21 39.06
CA ILE B 382 -29.61 -36.82 40.32
C ILE B 382 -28.65 -35.86 41.03
N GLU B 383 -29.05 -35.40 42.23
CA GLU B 383 -28.23 -34.47 43.00
C GLU B 383 -27.21 -35.24 43.83
N LEU B 384 -25.93 -34.86 43.70
CA LEU B 384 -24.85 -35.47 44.46
C LEU B 384 -24.49 -34.53 45.62
N VAL B 385 -24.53 -35.06 46.86
CA VAL B 385 -24.41 -34.24 48.05
C VAL B 385 -23.40 -34.84 49.03
N LYS B 386 -22.96 -34.00 49.97
CA LYS B 386 -22.15 -34.44 51.10
C LYS B 386 -23.04 -34.79 52.29
N ASP B 387 -24.22 -34.16 52.38
CA ASP B 387 -25.13 -34.39 53.48
C ASP B 387 -26.57 -34.21 53.00
N LYS B 388 -27.38 -35.27 53.12
CA LYS B 388 -28.71 -35.35 52.55
C LYS B 388 -29.65 -34.31 53.18
N ALA B 389 -29.56 -34.13 54.50
CA ALA B 389 -30.51 -33.33 55.24
C ALA B 389 -30.29 -31.83 55.01
N THR B 390 -29.01 -31.41 54.94
CA THR B 390 -28.65 -30.02 54.67
C THR B 390 -28.64 -29.73 53.18
N ARG B 391 -28.60 -30.78 52.34
CA ARG B 391 -28.48 -30.67 50.90
C ARG B 391 -27.14 -30.04 50.52
N SER B 392 -26.10 -30.28 51.32
CA SER B 392 -24.80 -29.65 51.12
C SER B 392 -24.05 -30.32 49.97
N ARG B 393 -22.99 -29.65 49.50
CA ARG B 393 -22.16 -30.15 48.41
C ARG B 393 -20.73 -30.35 48.90
N TYR B 394 -19.97 -31.15 48.16
CA TYR B 394 -18.54 -31.32 48.40
C TYR B 394 -17.75 -30.14 47.81
N GLU B 395 -17.84 -28.98 48.46
CA GLU B 395 -17.22 -27.75 48.00
C GLU B 395 -16.02 -28.01 47.07
N GLY B 396 -16.14 -27.45 45.86
CA GLY B 396 -15.17 -27.70 44.81
C GLY B 396 -15.13 -29.19 44.49
N LYS B 397 -14.00 -29.83 44.83
CA LYS B 397 -13.77 -31.25 44.57
C LYS B 397 -14.13 -31.69 43.15
N GLY B 398 -15.33 -31.35 42.67
CA GLY B 398 -15.74 -31.60 41.30
C GLY B 398 -16.39 -32.96 41.16
N VAL B 399 -17.22 -33.30 42.14
CA VAL B 399 -17.97 -34.55 42.23
C VAL B 399 -18.57 -34.90 40.86
N GLY B 400 -19.28 -33.92 40.27
CA GLY B 400 -20.06 -34.16 39.06
C GLY B 400 -19.18 -34.62 37.90
N MET B 401 -18.00 -34.00 37.78
CA MET B 401 -17.07 -34.31 36.70
C MET B 401 -16.48 -35.70 36.88
N ILE B 402 -16.42 -36.16 38.14
CA ILE B 402 -15.90 -37.48 38.47
C ILE B 402 -16.88 -38.54 38.00
N CYS B 403 -18.16 -38.38 38.35
CA CYS B 403 -19.21 -39.28 37.90
C CYS B 403 -19.21 -39.35 36.37
N ARG B 404 -19.32 -38.17 35.73
CA ARG B 404 -19.32 -38.09 34.29
C ARG B 404 -18.23 -38.99 33.70
N THR B 405 -17.02 -38.88 34.23
CA THR B 405 -15.86 -39.56 33.68
C THR B 405 -16.00 -41.08 33.85
N PHE B 406 -16.43 -41.52 35.04
CA PHE B 406 -16.76 -42.92 35.26
C PHE B 406 -17.88 -43.31 34.30
N CYS B 407 -18.96 -42.52 34.32
CA CYS B 407 -20.13 -42.74 33.49
C CYS B 407 -19.72 -43.05 32.05
N PHE B 408 -18.80 -42.25 31.49
CA PHE B 408 -18.30 -42.46 30.14
C PHE B 408 -17.61 -43.83 30.03
N GLU B 409 -16.62 -44.06 30.91
CA GLU B 409 -15.77 -45.23 30.81
C GLU B 409 -16.55 -46.54 31.00
N ASN B 410 -17.73 -46.47 31.64
CA ASN B 410 -18.61 -47.62 31.78
C ASN B 410 -19.80 -47.52 30.80
N GLY B 411 -19.58 -46.85 29.66
CA GLY B 411 -20.52 -46.87 28.55
C GLY B 411 -21.86 -46.20 28.88
N LEU B 412 -21.81 -45.01 29.50
CA LEU B 412 -22.99 -44.22 29.73
C LEU B 412 -22.69 -42.74 29.50
N ILE B 413 -23.51 -42.12 28.64
CA ILE B 413 -23.54 -40.67 28.56
C ILE B 413 -24.65 -40.19 29.49
N MET B 414 -24.22 -39.72 30.67
CA MET B 414 -25.04 -39.01 31.64
C MET B 414 -24.21 -37.80 32.05
N ARG B 415 -24.69 -36.59 31.77
CA ARG B 415 -23.87 -35.39 31.87
C ARG B 415 -23.98 -34.77 33.26
N ALA B 416 -22.96 -33.95 33.59
CA ALA B 416 -22.87 -33.26 34.87
C ALA B 416 -23.00 -31.76 34.66
N VAL B 417 -23.99 -31.15 35.33
CA VAL B 417 -24.06 -29.71 35.48
C VAL B 417 -23.77 -29.38 36.94
N GLY B 418 -22.55 -28.91 37.20
CA GLY B 418 -22.07 -28.81 38.57
C GLY B 418 -22.03 -30.18 39.24
N ASP B 419 -22.87 -30.37 40.27
CA ASP B 419 -22.99 -31.65 40.94
C ASP B 419 -24.37 -32.25 40.68
N THR B 420 -25.00 -31.88 39.56
CA THR B 420 -26.25 -32.47 39.14
C THR B 420 -26.02 -33.35 37.91
N MET B 421 -26.12 -34.67 38.10
CA MET B 421 -26.12 -35.61 36.99
C MET B 421 -27.41 -35.46 36.21
N ILE B 422 -27.33 -35.53 34.88
CA ILE B 422 -28.47 -35.26 34.01
C ILE B 422 -28.66 -36.42 33.03
N ILE B 423 -29.93 -36.74 32.73
CA ILE B 423 -30.24 -37.57 31.57
C ILE B 423 -31.45 -37.00 30.81
N ALA B 424 -31.48 -37.29 29.50
CA ALA B 424 -32.63 -37.04 28.65
C ALA B 424 -32.50 -37.92 27.41
N PRO B 425 -32.73 -39.25 27.55
CA PRO B 425 -32.46 -40.20 26.48
C PRO B 425 -33.50 -40.15 25.37
N PRO B 426 -33.30 -40.84 24.23
CA PRO B 426 -34.33 -40.93 23.20
C PRO B 426 -35.65 -41.41 23.77
N LEU B 427 -36.75 -40.93 23.17
CA LEU B 427 -38.10 -41.22 23.64
C LEU B 427 -38.43 -42.70 23.44
N VAL B 428 -37.67 -43.36 22.55
CA VAL B 428 -37.96 -44.72 22.08
C VAL B 428 -37.16 -45.74 22.88
N ILE B 429 -36.60 -45.33 24.02
CA ILE B 429 -35.76 -46.20 24.84
C ILE B 429 -36.62 -47.30 25.45
N SER B 430 -36.14 -48.56 25.35
CA SER B 430 -36.88 -49.70 25.87
C SER B 430 -36.58 -49.90 27.36
N HIS B 431 -37.50 -50.58 28.06
CA HIS B 431 -37.36 -50.88 29.47
C HIS B 431 -36.02 -51.58 29.74
N ALA B 432 -35.58 -52.42 28.80
CA ALA B 432 -34.30 -53.10 28.90
C ALA B 432 -33.15 -52.10 28.92
N GLU B 433 -33.17 -51.13 28.00
CA GLU B 433 -32.13 -50.12 27.89
C GLU B 433 -32.16 -49.17 29.10
N ILE B 434 -33.36 -48.98 29.67
CA ILE B 434 -33.53 -48.21 30.89
C ILE B 434 -32.89 -48.96 32.06
N ASP B 435 -33.02 -50.29 32.06
CA ASP B 435 -32.35 -51.13 33.03
C ASP B 435 -30.85 -50.89 32.93
N GLU B 436 -30.34 -50.93 31.70
CA GLU B 436 -28.92 -50.81 31.43
C GLU B 436 -28.36 -49.49 31.98
N LEU B 437 -29.13 -48.41 31.81
CA LEU B 437 -28.74 -47.09 32.26
C LEU B 437 -28.58 -47.09 33.78
N VAL B 438 -29.65 -47.45 34.48
CA VAL B 438 -29.72 -47.37 35.94
C VAL B 438 -28.64 -48.25 36.58
N GLU B 439 -28.42 -49.43 35.99
CA GLU B 439 -27.39 -50.34 36.45
C GLU B 439 -26.02 -49.66 36.36
N LYS B 440 -25.69 -49.13 35.18
CA LYS B 440 -24.44 -48.42 34.98
C LYS B 440 -24.35 -47.19 35.90
N ALA B 441 -25.49 -46.49 36.08
CA ALA B 441 -25.52 -45.28 36.87
C ALA B 441 -25.11 -45.57 38.31
N ARG B 442 -25.71 -46.60 38.92
CA ARG B 442 -25.40 -46.98 40.28
C ARG B 442 -23.91 -47.31 40.42
N LYS B 443 -23.37 -48.04 39.47
CA LYS B 443 -21.97 -48.47 39.50
C LYS B 443 -21.05 -47.25 39.59
N CYS B 444 -21.39 -46.19 38.85
CA CYS B 444 -20.53 -45.01 38.73
C CYS B 444 -20.70 -44.09 39.94
N LEU B 445 -21.91 -44.03 40.50
CA LEU B 445 -22.16 -43.37 41.77
C LEU B 445 -21.38 -44.03 42.90
N ASP B 446 -21.28 -45.38 42.87
CA ASP B 446 -20.45 -46.12 43.79
C ASP B 446 -18.99 -45.73 43.59
N LEU B 447 -18.53 -45.76 42.33
CA LEU B 447 -17.14 -45.46 42.02
C LEU B 447 -16.82 -44.01 42.40
N THR B 448 -17.76 -43.11 42.15
CA THR B 448 -17.59 -41.70 42.48
C THR B 448 -17.28 -41.60 43.97
N LEU B 449 -18.24 -42.06 44.79
CA LEU B 449 -18.15 -42.04 46.25
C LEU B 449 -16.81 -42.58 46.73
N GLU B 450 -16.34 -43.68 46.13
CA GLU B 450 -15.07 -44.29 46.47
C GLU B 450 -13.94 -43.28 46.29
N ALA B 451 -14.02 -42.46 45.23
CA ALA B 451 -12.94 -41.55 44.87
C ALA B 451 -12.85 -40.36 45.81
N ILE B 452 -13.93 -40.08 46.56
CA ILE B 452 -13.94 -38.94 47.46
C ILE B 452 -13.73 -39.40 48.90
N GLN B 453 -14.83 -39.92 49.48
CA GLN B 453 -14.99 -40.15 50.91
C GLN B 453 -16.07 -41.24 51.13
N ASN C 5 62.51 27.20 -19.67
CA ASN C 5 61.64 28.35 -20.06
C ASN C 5 61.03 28.96 -18.80
N PRO C 6 60.32 30.11 -18.87
CA PRO C 6 59.86 30.79 -17.65
C PRO C 6 58.67 30.09 -17.00
N GLN C 7 58.96 29.10 -16.14
CA GLN C 7 57.98 28.41 -15.32
C GLN C 7 57.20 27.36 -16.13
N THR C 8 57.12 27.51 -17.46
CA THR C 8 56.24 26.68 -18.28
C THR C 8 56.54 25.20 -18.04
N ARG C 9 57.83 24.85 -18.17
CA ARG C 9 58.28 23.47 -18.09
C ARG C 9 57.84 22.84 -16.77
N GLU C 10 57.95 23.63 -15.68
CA GLU C 10 57.53 23.17 -14.36
C GLU C 10 56.03 22.89 -14.36
N TRP C 11 55.25 23.82 -14.93
CA TRP C 11 53.81 23.64 -15.02
C TRP C 11 53.45 22.46 -15.92
N GLN C 12 54.29 22.20 -16.93
CA GLN C 12 54.04 21.15 -17.89
C GLN C 12 54.27 19.77 -17.28
N THR C 13 55.40 19.56 -16.60
CA THR C 13 55.67 18.29 -15.92
C THR C 13 54.61 18.01 -14.86
N LEU C 14 54.05 19.07 -14.27
CA LEU C 14 52.97 18.96 -13.28
C LEU C 14 51.74 18.33 -13.91
N SER C 15 51.25 18.94 -15.00
CA SER C 15 50.07 18.43 -15.70
C SER C 15 50.24 16.92 -15.92
N GLY C 16 51.38 16.55 -16.48
CA GLY C 16 51.70 15.15 -16.75
C GLY C 16 51.50 14.27 -15.53
N GLU C 17 51.96 14.75 -14.36
CA GLU C 17 52.05 13.91 -13.16
C GLU C 17 50.78 13.96 -12.30
N HIS C 18 49.88 14.93 -12.52
CA HIS C 18 48.77 15.13 -11.59
C HIS C 18 47.44 15.55 -12.22
N HIS C 19 47.38 15.83 -13.53
CA HIS C 19 46.19 16.42 -14.12
C HIS C 19 45.65 15.57 -15.27
N LEU C 20 44.32 15.53 -15.36
CA LEU C 20 43.60 14.82 -16.42
C LEU C 20 42.66 15.83 -17.08
N ALA C 21 43.08 16.35 -18.24
CA ALA C 21 42.35 17.41 -18.92
C ALA C 21 41.14 16.88 -19.70
N PRO C 22 40.05 17.69 -19.80
CA PRO C 22 38.90 17.33 -20.64
C PRO C 22 39.27 16.86 -22.05
N PHE C 23 38.63 15.77 -22.50
CA PHE C 23 38.62 15.33 -23.89
C PHE C 23 40.05 15.22 -24.45
N SER C 24 40.95 14.58 -23.71
CA SER C 24 42.38 14.58 -24.05
C SER C 24 42.99 13.18 -24.00
N ASP C 25 44.00 12.97 -24.85
CA ASP C 25 44.83 11.78 -24.83
C ASP C 25 46.03 12.03 -23.93
N TYR C 26 45.96 11.56 -22.68
CA TYR C 26 46.89 11.98 -21.64
C TYR C 26 48.30 11.50 -21.91
N LYS C 27 48.45 10.34 -22.59
CA LYS C 27 49.77 9.85 -22.99
C LYS C 27 50.47 10.87 -23.89
N GLN C 28 49.71 11.36 -24.89
CA GLN C 28 50.19 12.36 -25.85
C GLN C 28 50.49 13.70 -25.16
N LEU C 29 49.49 14.21 -24.45
CA LEU C 29 49.61 15.43 -23.65
C LEU C 29 50.93 15.49 -22.87
N LYS C 30 51.38 14.34 -22.37
CA LYS C 30 52.61 14.25 -21.58
C LYS C 30 53.85 14.39 -22.47
N GLU C 31 53.81 13.81 -23.68
CA GLU C 31 54.95 13.83 -24.58
C GLU C 31 55.21 15.25 -25.10
N LYS C 32 54.14 16.04 -25.29
CA LYS C 32 54.26 17.40 -25.77
C LYS C 32 54.44 18.37 -24.60
N GLY C 33 53.61 18.20 -23.57
CA GLY C 33 53.38 19.24 -22.58
C GLY C 33 52.27 20.17 -23.08
N PRO C 34 51.26 20.49 -22.25
CA PRO C 34 50.19 21.40 -22.68
C PRO C 34 50.64 22.85 -22.81
N ARG C 35 49.78 23.67 -23.42
CA ARG C 35 50.04 25.10 -23.56
C ARG C 35 49.32 25.83 -22.42
N ILE C 36 50.11 26.55 -21.61
CA ILE C 36 49.61 27.26 -20.44
C ILE C 36 49.23 28.70 -20.82
N ILE C 37 47.96 29.06 -20.62
CA ILE C 37 47.50 30.44 -20.76
C ILE C 37 47.40 31.06 -19.37
N THR C 38 47.93 32.28 -19.21
CA THR C 38 48.10 32.89 -17.90
C THR C 38 47.28 34.17 -17.77
N LYS C 39 47.33 35.07 -18.77
CA LYS C 39 46.65 36.36 -18.70
C LYS C 39 45.69 36.50 -19.88
N ALA C 40 44.81 37.51 -19.82
CA ALA C 40 43.99 37.90 -20.96
C ALA C 40 43.41 39.30 -20.78
N GLN C 41 42.99 39.90 -21.90
CA GLN C 41 42.40 41.24 -21.91
C GLN C 41 41.66 41.40 -23.23
N GLY C 42 40.47 42.00 -23.19
CA GLY C 42 39.69 42.20 -24.41
C GLY C 42 39.31 40.88 -25.08
N VAL C 43 39.85 40.66 -26.29
CA VAL C 43 39.63 39.43 -27.04
C VAL C 43 40.94 38.67 -27.17
N HIS C 44 41.98 39.15 -26.49
CA HIS C 44 43.32 38.59 -26.63
C HIS C 44 43.69 37.80 -25.38
N LEU C 45 44.78 37.04 -25.48
CA LEU C 45 45.31 36.33 -24.33
C LEU C 45 46.80 36.04 -24.53
N TRP C 46 47.46 35.73 -23.41
CA TRP C 46 48.90 35.54 -23.39
C TRP C 46 49.22 34.19 -22.78
N ASP C 47 50.23 33.51 -23.36
CA ASP C 47 50.74 32.25 -22.85
C ASP C 47 51.95 32.55 -21.97
N SER C 48 52.45 31.52 -21.27
CA SER C 48 53.52 31.69 -20.30
C SER C 48 54.85 32.04 -20.96
N GLU C 49 54.89 32.04 -22.30
CA GLU C 49 56.07 32.48 -23.05
C GLU C 49 55.90 33.92 -23.57
N GLY C 50 54.76 34.54 -23.26
CA GLY C 50 54.53 35.95 -23.58
C GLY C 50 53.86 36.18 -24.93
N HIS C 51 53.46 35.10 -25.62
CA HIS C 51 52.87 35.22 -26.94
C HIS C 51 51.42 35.69 -26.83
N LYS C 52 51.11 36.80 -27.51
CA LYS C 52 49.74 37.28 -27.60
C LYS C 52 48.95 36.40 -28.56
N ILE C 53 47.69 36.13 -28.24
CA ILE C 53 46.86 35.25 -29.05
C ILE C 53 45.42 35.79 -29.09
N LEU C 54 44.90 36.02 -30.30
CA LEU C 54 43.52 36.43 -30.46
C LEU C 54 42.62 35.21 -30.22
N ASP C 55 41.66 35.35 -29.30
CA ASP C 55 40.77 34.25 -28.96
C ASP C 55 39.46 34.35 -29.74
N GLY C 56 39.37 33.57 -30.82
CA GLY C 56 38.20 33.61 -31.70
C GLY C 56 37.05 32.72 -31.23
N MET C 57 37.25 32.01 -30.11
CA MET C 57 36.27 31.07 -29.60
C MET C 57 35.66 31.54 -28.28
N ALA C 58 36.13 32.71 -27.79
CA ALA C 58 35.66 33.27 -26.52
C ALA C 58 35.83 32.24 -25.39
N GLY C 59 37.08 31.81 -25.20
CA GLY C 59 37.39 30.68 -24.32
C GLY C 59 36.86 29.38 -24.90
N LEU C 60 35.61 29.04 -24.53
CA LEU C 60 34.85 27.96 -25.11
C LEU C 60 33.41 28.43 -25.24
N TRP C 61 33.19 29.37 -26.16
CA TRP C 61 31.87 29.88 -26.51
C TRP C 61 31.22 30.70 -25.40
N CYS C 62 31.97 31.12 -24.37
CA CYS C 62 31.34 31.60 -23.14
C CYS C 62 31.66 33.06 -22.81
N VAL C 63 32.87 33.55 -23.09
CA VAL C 63 33.26 34.90 -22.66
C VAL C 63 32.64 35.96 -23.58
N ALA C 64 31.35 36.23 -23.37
CA ALA C 64 30.58 37.10 -24.25
C ALA C 64 31.13 38.53 -24.24
N VAL C 65 31.28 39.12 -23.05
CA VAL C 65 31.61 40.54 -22.92
C VAL C 65 33.12 40.74 -23.04
N GLY C 66 33.88 39.66 -23.19
CA GLY C 66 35.33 39.77 -23.35
C GLY C 66 36.04 39.71 -22.00
N TYR C 67 37.37 39.60 -22.06
CA TYR C 67 38.19 39.46 -20.87
C TYR C 67 38.49 40.83 -20.27
N GLY C 68 38.35 40.93 -18.94
CA GLY C 68 38.91 42.01 -18.16
C GLY C 68 37.87 43.01 -17.65
N ARG C 69 36.57 42.69 -17.77
CA ARG C 69 35.54 43.59 -17.28
C ARG C 69 35.53 43.57 -15.75
N GLU C 70 35.98 44.68 -15.14
CA GLU C 70 36.16 44.76 -13.71
C GLU C 70 34.82 44.78 -12.98
N GLU C 71 33.75 45.21 -13.66
CA GLU C 71 32.40 45.24 -13.09
C GLU C 71 32.05 43.86 -12.52
N LEU C 72 32.51 42.79 -13.19
CA LEU C 72 32.20 41.43 -12.80
C LEU C 72 33.13 41.00 -11.66
N VAL C 73 34.39 41.47 -11.68
CA VAL C 73 35.36 41.13 -10.64
C VAL C 73 34.88 41.70 -9.30
N GLN C 74 34.29 42.91 -9.34
CA GLN C 74 33.83 43.58 -8.13
C GLN C 74 32.50 43.00 -7.68
N ALA C 75 31.65 42.60 -8.63
CA ALA C 75 30.38 41.96 -8.32
C ALA C 75 30.62 40.68 -7.52
N ALA C 76 31.66 39.94 -7.90
CA ALA C 76 32.04 38.70 -7.24
C ALA C 76 32.54 38.98 -5.83
N GLU C 77 33.59 39.82 -5.76
CA GLU C 77 34.26 40.15 -4.51
C GLU C 77 33.27 40.60 -3.45
N LYS C 78 32.35 41.49 -3.84
CA LYS C 78 31.38 42.06 -2.91
C LYS C 78 30.53 40.93 -2.35
N GLN C 79 29.99 40.10 -3.25
CA GLN C 79 29.05 39.05 -2.89
C GLN C 79 29.75 38.02 -2.01
N MET C 80 30.97 37.63 -2.40
CA MET C 80 31.73 36.61 -1.69
C MET C 80 32.03 37.03 -0.25
N ARG C 81 32.17 38.33 -0.02
CA ARG C 81 32.48 38.86 1.31
C ARG C 81 31.22 38.86 2.16
N GLU C 82 30.14 39.41 1.59
CA GLU C 82 28.86 39.56 2.28
C GLU C 82 28.28 38.18 2.56
N LEU C 83 28.04 37.39 1.50
CA LEU C 83 27.54 36.03 1.63
C LEU C 83 28.22 35.13 0.61
N PRO C 84 29.24 34.33 1.03
CA PRO C 84 29.95 33.45 0.11
C PRO C 84 29.07 32.33 -0.45
N TYR C 85 28.25 31.74 0.42
CA TYR C 85 27.39 30.64 0.03
C TYR C 85 26.22 30.51 0.99
N TYR C 86 25.06 30.16 0.43
CA TYR C 86 24.05 29.45 1.18
C TYR C 86 23.22 28.60 0.22
N ASN C 87 22.77 27.45 0.71
CA ASN C 87 22.04 26.48 -0.11
C ASN C 87 20.65 27.00 -0.45
N LEU C 88 20.04 26.40 -1.48
CA LEU C 88 18.67 26.65 -1.89
C LEU C 88 17.78 25.44 -1.54
N PHE C 89 18.26 24.53 -0.67
CA PHE C 89 17.56 23.32 -0.31
C PHE C 89 16.56 23.54 0.83
N PHE C 90 16.99 24.28 1.86
CA PHE C 90 16.33 24.25 3.16
C PHE C 90 15.12 25.19 3.20
N GLN C 91 14.30 25.17 2.15
CA GLN C 91 13.23 26.14 1.95
C GLN C 91 13.82 27.55 2.09
N THR C 92 15.06 27.70 1.60
CA THR C 92 15.83 28.91 1.78
C THR C 92 16.19 29.48 0.42
N ALA C 93 16.48 30.78 0.39
CA ALA C 93 16.95 31.46 -0.80
C ALA C 93 17.92 32.58 -0.42
N HIS C 94 18.45 33.27 -1.43
CA HIS C 94 19.22 34.48 -1.24
C HIS C 94 18.90 35.47 -2.36
N PRO C 95 19.09 36.80 -2.15
CA PRO C 95 18.65 37.79 -3.13
C PRO C 95 19.25 37.64 -4.53
N PRO C 96 20.57 37.40 -4.68
CA PRO C 96 21.16 37.24 -6.01
C PRO C 96 20.33 36.34 -6.92
N ALA C 97 20.13 35.09 -6.47
CA ALA C 97 19.54 34.04 -7.28
C ALA C 97 18.14 34.40 -7.75
N LEU C 98 17.39 35.13 -6.92
CA LEU C 98 16.01 35.46 -7.24
C LEU C 98 15.97 36.53 -8.33
N GLU C 99 16.82 37.54 -8.20
CA GLU C 99 16.81 38.70 -9.09
C GLU C 99 17.46 38.33 -10.42
N LEU C 100 18.36 37.34 -10.40
CA LEU C 100 18.93 36.79 -11.62
C LEU C 100 17.85 36.04 -12.39
N ALA C 101 17.14 35.13 -11.71
CA ALA C 101 16.03 34.41 -12.32
C ALA C 101 15.08 35.40 -13.00
N LYS C 102 14.80 36.52 -12.34
CA LYS C 102 13.92 37.55 -12.87
C LYS C 102 14.54 38.19 -14.12
N ALA C 103 15.86 38.46 -14.09
CA ALA C 103 16.56 39.07 -15.21
C ALA C 103 16.46 38.19 -16.46
N ILE C 104 16.85 36.92 -16.31
CA ILE C 104 16.85 35.94 -17.41
C ILE C 104 15.47 35.88 -18.05
N THR C 105 14.44 35.67 -17.23
CA THR C 105 13.07 35.48 -17.69
C THR C 105 12.60 36.66 -18.54
N ASP C 106 13.11 37.87 -18.23
CA ASP C 106 12.72 39.08 -18.93
C ASP C 106 13.30 39.11 -20.35
N VAL C 107 14.48 38.54 -20.54
CA VAL C 107 15.13 38.51 -21.85
C VAL C 107 14.77 37.21 -22.58
N ALA C 108 14.03 36.32 -21.90
CA ALA C 108 13.60 35.05 -22.48
C ALA C 108 12.24 35.21 -23.13
N PRO C 109 11.93 34.43 -24.19
CA PRO C 109 10.68 34.56 -24.93
C PRO C 109 9.41 34.48 -24.08
N LYS C 110 8.30 34.90 -24.69
CA LYS C 110 6.99 34.96 -24.05
C LYS C 110 6.67 33.61 -23.42
N GLY C 111 6.38 33.63 -22.11
CA GLY C 111 5.96 32.43 -21.40
C GLY C 111 7.11 31.70 -20.72
N MET C 112 8.36 32.07 -21.02
CA MET C 112 9.51 31.52 -20.30
C MET C 112 9.64 32.28 -18.97
N THR C 113 9.01 31.75 -17.91
CA THR C 113 8.77 32.50 -16.68
C THR C 113 9.56 31.98 -15.48
N HIS C 114 10.31 30.88 -15.60
CA HIS C 114 10.97 30.27 -14.45
C HIS C 114 12.38 29.77 -14.77
N VAL C 115 13.24 29.75 -13.74
CA VAL C 115 14.59 29.26 -13.88
C VAL C 115 14.88 28.26 -12.76
N PHE C 116 15.32 27.05 -13.14
CA PHE C 116 15.95 26.13 -12.20
C PHE C 116 17.46 26.23 -12.43
N PHE C 117 18.23 26.40 -11.34
CA PHE C 117 19.65 26.72 -11.47
C PHE C 117 20.52 25.46 -11.35
N THR C 118 21.56 25.39 -12.20
CA THR C 118 22.56 24.33 -12.17
C THR C 118 23.94 24.95 -12.34
N GLY C 119 24.99 24.13 -12.29
CA GLY C 119 26.35 24.61 -12.32
C GLY C 119 26.97 24.61 -13.72
N SER C 120 26.33 23.90 -14.66
CA SER C 120 26.85 23.69 -16.00
C SER C 120 25.72 23.44 -16.99
N GLY C 121 26.04 23.39 -18.28
CA GLY C 121 25.08 23.03 -19.32
C GLY C 121 24.67 21.56 -19.24
N SER C 122 25.65 20.69 -18.95
CA SER C 122 25.43 19.26 -18.78
C SER C 122 24.42 18.99 -17.67
N GLU C 123 24.69 19.52 -16.47
CA GLU C 123 23.76 19.45 -15.35
C GLU C 123 22.42 20.03 -15.73
N GLY C 124 22.41 21.02 -16.64
CA GLY C 124 21.19 21.58 -17.18
C GLY C 124 20.37 20.53 -17.92
N ASN C 125 21.04 19.77 -18.82
CA ASN C 125 20.35 18.80 -19.65
C ASN C 125 19.90 17.59 -18.82
N ASP C 126 20.69 17.21 -17.82
CA ASP C 126 20.21 16.25 -16.82
C ASP C 126 18.90 16.77 -16.24
N THR C 127 18.85 18.06 -15.94
CA THR C 127 17.70 18.67 -15.29
C THR C 127 16.49 18.56 -16.20
N VAL C 128 16.67 18.84 -17.50
CA VAL C 128 15.59 18.75 -18.48
C VAL C 128 15.07 17.31 -18.56
N LEU C 129 15.98 16.34 -18.43
CA LEU C 129 15.65 14.95 -18.65
C LEU C 129 14.72 14.46 -17.54
N ARG C 130 15.13 14.67 -16.28
CA ARG C 130 14.32 14.27 -15.14
C ARG C 130 13.03 15.09 -15.11
N MET C 131 13.09 16.35 -15.57
CA MET C 131 11.93 17.21 -15.58
C MET C 131 10.88 16.71 -16.56
N VAL C 132 11.29 16.49 -17.81
CA VAL C 132 10.37 16.18 -18.90
C VAL C 132 9.62 14.89 -18.57
N ARG C 133 10.30 13.90 -18.00
CA ARG C 133 9.71 12.59 -17.75
C ARG C 133 8.81 12.65 -16.52
N HIS C 134 9.25 13.41 -15.51
CA HIS C 134 8.46 13.68 -14.33
C HIS C 134 7.19 14.42 -14.75
N TYR C 135 7.33 15.38 -15.67
CA TYR C 135 6.21 16.19 -16.12
C TYR C 135 5.14 15.32 -16.74
N TRP C 136 5.53 14.34 -17.56
CA TRP C 136 4.58 13.47 -18.22
C TRP C 136 3.98 12.45 -17.24
N ALA C 137 4.84 11.86 -16.40
CA ALA C 137 4.41 10.97 -15.33
C ALA C 137 3.38 11.65 -14.43
N LEU C 138 3.55 12.96 -14.19
CA LEU C 138 2.61 13.78 -13.44
C LEU C 138 1.29 13.96 -14.21
N LYS C 139 1.36 14.06 -15.54
CA LYS C 139 0.17 14.26 -16.37
C LYS C 139 -0.53 12.93 -16.65
N GLY C 140 -0.03 11.85 -16.03
CA GLY C 140 -0.68 10.56 -16.04
C GLY C 140 -0.19 9.64 -17.15
N LYS C 141 1.01 9.89 -17.68
CA LYS C 141 1.53 9.14 -18.82
C LYS C 141 2.98 8.70 -18.56
N PRO C 142 3.23 7.87 -17.51
CA PRO C 142 4.59 7.51 -17.12
C PRO C 142 5.34 6.66 -18.14
N HIS C 143 4.61 6.16 -19.14
CA HIS C 143 5.19 5.43 -20.26
C HIS C 143 5.95 6.36 -21.21
N LYS C 144 5.65 7.66 -21.10
CA LYS C 144 6.03 8.65 -22.10
C LYS C 144 7.39 9.22 -21.71
N GLN C 145 8.46 8.63 -22.25
CA GLN C 145 9.79 8.95 -21.79
C GLN C 145 10.78 9.28 -22.89
N THR C 146 10.49 8.91 -24.15
CA THR C 146 11.55 8.86 -25.15
C THR C 146 11.88 10.29 -25.62
N ILE C 147 13.19 10.56 -25.64
CA ILE C 147 13.73 11.84 -26.06
C ILE C 147 14.31 11.66 -27.46
N ILE C 148 13.94 12.56 -28.37
CA ILE C 148 14.50 12.58 -29.71
C ILE C 148 15.57 13.67 -29.74
N GLY C 149 16.82 13.23 -29.98
CA GLY C 149 17.93 14.13 -30.28
C GLY C 149 18.37 13.97 -31.74
N ARG C 150 19.62 14.34 -32.02
CA ARG C 150 20.12 14.33 -33.38
C ARG C 150 21.58 13.92 -33.39
N ILE C 151 22.04 13.40 -34.54
CA ILE C 151 23.42 13.03 -34.73
C ILE C 151 24.25 14.32 -34.70
N ASN C 152 25.45 14.25 -34.13
CA ASN C 152 26.37 15.38 -34.09
C ASN C 152 25.80 16.56 -33.28
N GLY C 153 24.68 16.35 -32.56
CA GLY C 153 24.24 17.25 -31.51
C GLY C 153 25.07 17.06 -30.23
N TYR C 154 25.32 18.16 -29.51
CA TYR C 154 26.04 18.12 -28.24
C TYR C 154 25.15 18.67 -27.14
N HIS C 155 25.07 17.96 -26.02
CA HIS C 155 24.17 18.31 -24.94
C HIS C 155 24.79 18.11 -23.56
N GLY C 156 26.09 17.81 -23.50
CA GLY C 156 26.78 17.69 -22.22
C GLY C 156 27.70 16.48 -22.16
N SER C 157 28.44 16.40 -21.04
CA SER C 157 29.39 15.34 -20.79
C SER C 157 29.05 14.57 -19.51
N THR C 158 27.92 14.91 -18.86
CA THR C 158 27.33 14.00 -17.89
C THR C 158 26.91 12.76 -18.66
N PHE C 159 26.49 11.71 -17.93
CA PHE C 159 26.06 10.50 -18.58
C PHE C 159 24.84 10.82 -19.44
N ALA C 160 23.90 11.58 -18.87
CA ALA C 160 22.69 11.95 -19.58
C ALA C 160 23.03 12.80 -20.81
N GLY C 161 23.93 13.78 -20.65
CA GLY C 161 24.25 14.75 -21.70
C GLY C 161 25.01 14.13 -22.88
N ALA C 162 25.81 13.09 -22.58
CA ALA C 162 26.52 12.34 -23.60
C ALA C 162 25.58 11.38 -24.33
N CYS C 163 24.61 10.80 -23.63
CA CYS C 163 23.63 9.92 -24.25
C CYS C 163 22.60 10.68 -25.07
N LEU C 164 22.41 11.99 -24.81
CA LEU C 164 21.39 12.78 -25.47
C LEU C 164 21.94 13.32 -26.79
N GLY C 165 23.21 13.71 -26.79
CA GLY C 165 23.92 14.13 -27.98
C GLY C 165 24.23 12.95 -28.90
N GLY C 166 24.81 13.25 -30.06
CA GLY C 166 25.06 12.23 -31.08
C GLY C 166 26.52 12.24 -31.54
N MET C 167 27.46 12.40 -30.61
CA MET C 167 28.86 12.14 -30.90
C MET C 167 29.13 10.67 -30.62
N SER C 168 29.57 9.94 -31.65
CA SER C 168 29.94 8.54 -31.53
C SER C 168 31.08 8.36 -30.52
N GLY C 169 32.04 9.30 -30.51
CA GLY C 169 33.21 9.23 -29.65
C GLY C 169 32.84 9.12 -28.17
N MET C 170 31.72 9.76 -27.78
CA MET C 170 31.27 9.74 -26.39
C MET C 170 30.50 8.44 -26.12
N HIS C 171 29.56 8.10 -27.00
CA HIS C 171 28.75 6.89 -26.87
C HIS C 171 29.60 5.63 -26.67
N GLU C 172 30.84 5.65 -27.15
CA GLU C 172 31.74 4.52 -27.03
C GLU C 172 32.37 4.42 -25.63
N GLN C 173 32.07 5.39 -24.75
CA GLN C 173 32.70 5.48 -23.44
C GLN C 173 31.65 5.64 -22.34
N GLY C 174 31.51 4.60 -21.49
CA GLY C 174 30.62 4.64 -20.34
C GLY C 174 29.59 3.50 -20.30
N GLY C 175 29.58 2.62 -21.31
CA GLY C 175 28.75 1.42 -21.28
C GLY C 175 27.30 1.71 -21.68
N LEU C 176 26.41 0.74 -21.37
CA LEU C 176 25.04 0.72 -21.85
C LEU C 176 24.36 2.08 -21.62
N PRO C 177 23.60 2.58 -22.62
CA PRO C 177 23.01 3.92 -22.55
C PRO C 177 21.80 4.00 -21.62
N ILE C 178 21.34 5.23 -21.40
CA ILE C 178 20.08 5.49 -20.72
C ILE C 178 18.95 5.06 -21.65
N PRO C 179 18.04 4.14 -21.25
CA PRO C 179 16.88 3.80 -22.07
C PRO C 179 16.02 5.02 -22.40
N GLY C 180 15.54 5.08 -23.65
CA GLY C 180 14.56 6.06 -24.08
C GLY C 180 15.19 7.30 -24.73
N ILE C 181 16.32 7.11 -25.41
CA ILE C 181 16.96 8.19 -26.17
C ILE C 181 17.25 7.67 -27.58
N VAL C 182 16.72 8.39 -28.58
CA VAL C 182 16.91 8.03 -29.98
C VAL C 182 17.32 9.27 -30.76
N HIS C 183 17.98 9.07 -31.92
CA HIS C 183 18.58 10.15 -32.68
C HIS C 183 18.14 10.14 -34.15
N ILE C 184 17.65 11.30 -34.62
CA ILE C 184 17.39 11.52 -36.03
C ILE C 184 18.61 12.21 -36.66
N PRO C 185 18.74 12.27 -38.01
CA PRO C 185 19.89 12.92 -38.63
C PRO C 185 19.92 14.45 -38.50
N GLN C 186 21.15 14.99 -38.54
CA GLN C 186 21.41 16.42 -38.38
C GLN C 186 21.14 17.13 -39.70
N PRO C 187 20.60 18.38 -39.69
CA PRO C 187 20.43 19.15 -40.93
C PRO C 187 21.72 19.84 -41.38
N TYR C 188 22.74 19.03 -41.67
CA TYR C 188 24.03 19.50 -42.15
C TYR C 188 24.14 19.30 -43.66
N TRP C 189 23.50 20.19 -44.43
CA TRP C 189 23.46 20.10 -45.88
C TRP C 189 24.84 19.86 -46.47
N PHE C 190 25.84 20.62 -46.01
CA PHE C 190 27.13 20.69 -46.70
C PHE C 190 27.80 19.32 -46.74
N GLY C 191 27.70 18.57 -45.63
CA GLY C 191 28.38 17.29 -45.47
C GLY C 191 27.48 16.08 -45.72
N GLU C 192 26.16 16.23 -45.51
CA GLU C 192 25.25 15.09 -45.54
CA GLU C 192 25.25 15.09 -45.54
C GLU C 192 24.31 15.17 -46.75
N GLY C 193 23.70 16.34 -46.99
CA GLY C 193 22.75 16.51 -48.07
C GLY C 193 23.47 16.44 -49.42
N GLY C 194 23.32 15.33 -50.14
CA GLY C 194 24.16 15.02 -51.28
C GLY C 194 23.90 15.94 -52.47
N ASP C 195 22.89 15.59 -53.28
CA ASP C 195 22.55 16.33 -54.49
C ASP C 195 21.27 17.13 -54.28
N MET C 196 20.80 17.22 -53.03
CA MET C 196 19.62 18.00 -52.70
C MET C 196 20.00 19.48 -52.64
N THR C 197 19.06 20.36 -52.99
CA THR C 197 19.23 21.78 -52.72
C THR C 197 19.05 21.99 -51.21
N PRO C 198 19.71 23.00 -50.60
CA PRO C 198 19.60 23.21 -49.16
C PRO C 198 18.17 23.15 -48.63
N ASP C 199 17.28 23.93 -49.27
CA ASP C 199 15.91 24.07 -48.83
C ASP C 199 15.20 22.73 -48.68
N GLU C 200 15.38 21.82 -49.65
CA GLU C 200 14.66 20.56 -49.66
C GLU C 200 15.31 19.56 -48.71
N PHE C 201 16.61 19.75 -48.43
CA PHE C 201 17.28 18.95 -47.40
C PHE C 201 16.71 19.28 -46.03
N GLY C 202 16.61 20.60 -45.74
CA GLY C 202 16.00 21.10 -44.51
C GLY C 202 14.61 20.52 -44.28
N VAL C 203 13.85 20.32 -45.36
CA VAL C 203 12.52 19.73 -45.23
C VAL C 203 12.68 18.24 -44.95
N TRP C 204 13.61 17.58 -45.65
CA TRP C 204 13.87 16.16 -45.43
C TRP C 204 14.22 15.93 -43.97
N ALA C 205 15.23 16.67 -43.49
CA ALA C 205 15.76 16.54 -42.15
C ALA C 205 14.68 16.74 -41.10
N ALA C 206 13.84 17.76 -41.33
CA ALA C 206 12.75 18.08 -40.42
C ALA C 206 11.72 16.95 -40.39
N GLU C 207 11.38 16.38 -41.55
CA GLU C 207 10.33 15.37 -41.65
C GLU C 207 10.80 14.08 -40.99
N GLN C 208 12.13 13.90 -40.85
CA GLN C 208 12.65 12.72 -40.18
C GLN C 208 12.21 12.70 -38.72
N LEU C 209 11.92 13.88 -38.16
CA LEU C 209 11.36 14.00 -36.82
C LEU C 209 10.00 13.30 -36.76
N GLU C 210 9.12 13.61 -37.73
CA GLU C 210 7.80 13.01 -37.79
C GLU C 210 7.91 11.50 -37.98
N LYS C 211 8.91 11.07 -38.77
CA LYS C 211 9.15 9.65 -38.96
C LYS C 211 9.38 8.99 -37.59
N LYS C 212 10.22 9.62 -36.76
CA LYS C 212 10.67 9.03 -35.52
C LYS C 212 9.55 9.04 -34.49
N ILE C 213 8.68 10.05 -34.53
CA ILE C 213 7.55 10.13 -33.61
C ILE C 213 6.66 8.92 -33.83
N LEU C 214 6.29 8.71 -35.11
CA LEU C 214 5.35 7.66 -35.49
C LEU C 214 5.98 6.29 -35.31
N GLU C 215 7.30 6.21 -35.48
CA GLU C 215 8.02 4.96 -35.28
C GLU C 215 7.94 4.56 -33.81
N VAL C 216 8.36 5.46 -32.92
CA VAL C 216 8.50 5.17 -31.50
C VAL C 216 7.11 5.10 -30.85
N GLY C 217 6.20 5.96 -31.34
CA GLY C 217 4.85 6.10 -30.80
C GLY C 217 4.71 7.42 -30.06
N GLU C 218 3.83 8.28 -30.58
CA GLU C 218 3.56 9.59 -29.98
C GLU C 218 3.44 9.46 -28.47
N ASP C 219 2.59 8.52 -28.00
CA ASP C 219 2.30 8.35 -26.59
C ASP C 219 3.51 7.85 -25.81
N ASN C 220 4.63 7.59 -26.51
CA ASN C 220 5.87 7.20 -25.87
C ASN C 220 6.90 8.34 -25.93
N VAL C 221 6.60 9.41 -26.68
CA VAL C 221 7.57 10.46 -26.95
C VAL C 221 7.37 11.59 -25.96
N ALA C 222 8.45 11.89 -25.22
CA ALA C 222 8.43 12.89 -24.15
C ALA C 222 8.80 14.27 -24.69
N ALA C 223 9.83 14.33 -25.53
CA ALA C 223 10.34 15.61 -26.00
C ALA C 223 11.25 15.45 -27.23
N PHE C 224 11.35 16.55 -27.99
CA PHE C 224 12.40 16.74 -28.96
C PHE C 224 13.41 17.74 -28.39
N ILE C 225 14.69 17.36 -28.42
CA ILE C 225 15.76 18.22 -27.95
C ILE C 225 16.67 18.58 -29.11
N ALA C 226 16.96 19.88 -29.26
CA ALA C 226 17.90 20.32 -30.29
C ALA C 226 18.48 21.68 -29.92
N GLU C 227 19.73 21.90 -30.34
CA GLU C 227 20.35 23.22 -30.33
C GLU C 227 19.73 24.00 -31.48
N PRO C 228 19.46 25.33 -31.35
CA PRO C 228 18.99 26.11 -32.49
C PRO C 228 19.98 26.06 -33.66
N ILE C 229 21.27 26.25 -33.34
CA ILE C 229 22.36 26.00 -34.27
C ILE C 229 23.40 25.15 -33.55
N GLN C 230 23.65 23.94 -34.05
CA GLN C 230 24.61 23.04 -33.44
C GLN C 230 25.96 23.75 -33.33
N GLY C 231 26.63 23.56 -32.19
CA GLY C 231 27.87 24.26 -31.87
C GLY C 231 29.07 23.33 -31.92
N ALA C 232 29.15 22.39 -30.98
CA ALA C 232 30.35 21.59 -30.80
C ALA C 232 30.66 20.75 -32.05
N GLY C 233 29.62 20.35 -32.80
CA GLY C 233 29.84 19.52 -33.96
C GLY C 233 29.96 20.33 -35.24
N GLY C 234 30.71 21.44 -35.20
CA GLY C 234 30.72 22.43 -36.26
C GLY C 234 29.54 23.39 -36.09
N VAL C 235 29.54 24.52 -36.79
CA VAL C 235 28.43 25.45 -36.70
C VAL C 235 27.45 25.08 -37.81
N ILE C 236 26.71 23.98 -37.58
CA ILE C 236 25.78 23.47 -38.58
C ILE C 236 24.59 24.42 -38.59
N ILE C 237 24.69 25.47 -39.41
CA ILE C 237 23.57 26.38 -39.59
C ILE C 237 22.55 25.63 -40.43
N PRO C 238 21.29 25.47 -39.95
CA PRO C 238 20.29 24.74 -40.72
C PRO C 238 19.88 25.48 -42.00
N PRO C 239 19.40 24.75 -43.04
CA PRO C 239 18.66 25.39 -44.12
C PRO C 239 17.50 26.21 -43.59
N GLU C 240 17.07 27.22 -44.37
CA GLU C 240 16.02 28.13 -43.94
C GLU C 240 14.73 27.37 -43.62
N THR C 241 14.49 26.24 -44.32
CA THR C 241 13.21 25.53 -44.26
C THR C 241 13.09 24.67 -43.00
N TYR C 242 14.22 24.33 -42.37
CA TYR C 242 14.24 23.33 -41.31
C TYR C 242 13.31 23.72 -40.14
N TRP C 243 13.67 24.78 -39.42
CA TRP C 243 12.94 25.13 -38.21
C TRP C 243 11.46 25.35 -38.50
N PRO C 244 11.09 26.13 -39.55
CA PRO C 244 9.67 26.31 -39.88
C PRO C 244 8.94 24.98 -40.09
N LYS C 245 9.60 24.04 -40.77
CA LYS C 245 9.03 22.73 -41.02
C LYS C 245 8.84 21.99 -39.70
N VAL C 246 9.87 22.04 -38.85
CA VAL C 246 9.87 21.38 -37.56
C VAL C 246 8.70 21.91 -36.71
N LYS C 247 8.48 23.23 -36.75
CA LYS C 247 7.41 23.87 -35.99
C LYS C 247 6.06 23.28 -36.38
N GLU C 248 5.87 23.01 -37.68
CA GLU C 248 4.60 22.49 -38.20
C GLU C 248 4.35 21.08 -37.66
N ILE C 249 5.44 20.32 -37.47
CA ILE C 249 5.36 19.00 -36.89
C ILE C 249 4.98 19.12 -35.40
N LEU C 250 5.72 19.96 -34.66
CA LEU C 250 5.52 20.16 -33.23
C LEU C 250 4.06 20.47 -32.89
N ALA C 251 3.39 21.25 -33.75
CA ALA C 251 2.02 21.67 -33.52
C ALA C 251 1.06 20.47 -33.57
N ARG C 252 1.36 19.51 -34.44
CA ARG C 252 0.48 18.38 -34.70
C ARG C 252 0.53 17.36 -33.56
N TYR C 253 1.68 17.26 -32.87
CA TYR C 253 1.92 16.19 -31.92
C TYR C 253 2.09 16.73 -30.50
N ASP C 254 1.91 15.84 -29.53
CA ASP C 254 1.82 16.24 -28.13
C ASP C 254 3.11 15.85 -27.40
N ILE C 255 4.21 16.55 -27.75
CA ILE C 255 5.48 16.35 -27.07
C ILE C 255 6.11 17.71 -26.75
N LEU C 256 7.10 17.71 -25.83
CA LEU C 256 7.74 18.92 -25.36
C LEU C 256 8.92 19.26 -26.28
N PHE C 257 9.17 20.55 -26.46
CA PHE C 257 10.31 20.99 -27.25
C PHE C 257 11.37 21.56 -26.31
N VAL C 258 12.60 21.06 -26.47
CA VAL C 258 13.74 21.49 -25.68
C VAL C 258 14.75 22.13 -26.62
N ALA C 259 14.93 23.45 -26.47
CA ALA C 259 15.95 24.21 -27.16
C ALA C 259 17.19 24.29 -26.28
N ASP C 260 18.32 23.73 -26.74
CA ASP C 260 19.56 23.82 -26.00
C ASP C 260 20.26 25.11 -26.39
N GLU C 261 20.02 26.17 -25.60
CA GLU C 261 20.56 27.49 -25.86
C GLU C 261 21.92 27.70 -25.19
N VAL C 262 22.57 26.63 -24.70
CA VAL C 262 23.83 26.77 -24.00
C VAL C 262 24.78 27.69 -24.78
N ILE C 263 24.98 27.39 -26.07
CA ILE C 263 25.84 28.19 -26.93
C ILE C 263 25.05 29.37 -27.51
N CYS C 264 23.86 29.10 -28.06
CA CYS C 264 23.08 30.12 -28.74
C CYS C 264 22.59 31.20 -27.77
N GLY C 265 22.64 30.92 -26.46
CA GLY C 265 22.10 31.82 -25.45
C GLY C 265 23.02 33.00 -25.16
N PHE C 266 22.41 34.19 -25.12
CA PHE C 266 23.02 35.43 -24.65
C PHE C 266 23.91 36.01 -25.74
N GLY C 267 23.29 36.31 -26.90
CA GLY C 267 23.83 37.26 -27.86
C GLY C 267 24.63 36.62 -29.00
N ARG C 268 24.79 35.30 -29.01
CA ARG C 268 25.72 34.63 -29.90
C ARG C 268 25.25 34.72 -31.35
N THR C 269 23.93 34.75 -31.59
CA THR C 269 23.38 34.79 -32.93
C THR C 269 22.73 36.14 -33.19
N GLY C 270 23.21 37.19 -32.51
CA GLY C 270 22.69 38.53 -32.73
C GLY C 270 21.48 38.83 -31.85
N GLU C 271 20.58 37.85 -31.71
CA GLU C 271 19.46 37.95 -30.78
C GLU C 271 19.91 37.46 -29.41
N TRP C 272 19.02 37.62 -28.41
CA TRP C 272 19.26 37.10 -27.08
C TRP C 272 19.44 35.58 -27.17
N PHE C 273 18.51 34.92 -27.86
CA PHE C 273 18.52 33.48 -28.01
C PHE C 273 18.34 33.09 -29.48
N GLY C 274 18.78 31.88 -29.81
CA GLY C 274 18.49 31.26 -31.10
C GLY C 274 16.99 31.05 -31.28
N SER C 275 16.29 30.79 -30.17
CA SER C 275 14.84 30.61 -30.17
C SER C 275 14.15 31.89 -30.59
N ASP C 276 14.77 33.04 -30.30
CA ASP C 276 14.33 34.33 -30.80
C ASP C 276 14.65 34.46 -32.28
N TYR C 277 15.84 33.98 -32.67
CA TYR C 277 16.28 34.08 -34.05
C TYR C 277 15.28 33.37 -34.98
N TYR C 278 14.97 32.10 -34.68
CA TYR C 278 14.09 31.30 -35.52
C TYR C 278 12.65 31.31 -35.02
N ASP C 279 12.28 32.31 -34.20
CA ASP C 279 10.93 32.45 -33.69
C ASP C 279 10.39 31.08 -33.26
N LEU C 280 11.12 30.44 -32.35
CA LEU C 280 10.71 29.17 -31.77
C LEU C 280 10.01 29.45 -30.44
N LYS C 281 8.99 28.63 -30.13
CA LYS C 281 8.33 28.68 -28.84
C LYS C 281 8.60 27.37 -28.10
N PRO C 282 9.82 27.19 -27.52
CA PRO C 282 10.11 25.98 -26.75
C PRO C 282 9.40 25.92 -25.40
N ASP C 283 9.53 24.76 -24.75
CA ASP C 283 9.02 24.54 -23.41
C ASP C 283 10.12 24.74 -22.39
N LEU C 284 11.32 24.29 -22.75
CA LEU C 284 12.47 24.31 -21.86
C LEU C 284 13.69 24.81 -22.64
N MET C 285 14.60 25.49 -21.91
CA MET C 285 15.74 26.16 -22.50
C MET C 285 16.97 25.89 -21.62
N THR C 286 17.92 25.12 -22.15
CA THR C 286 19.17 24.86 -21.46
C THR C 286 20.07 26.09 -21.62
N ILE C 287 20.75 26.50 -20.54
CA ILE C 287 21.61 27.68 -20.58
C ILE C 287 22.87 27.45 -19.75
N ALA C 288 23.91 28.21 -20.12
CA ALA C 288 25.17 28.24 -19.39
C ALA C 288 26.10 29.21 -20.10
N LYS C 289 27.42 29.04 -19.92
CA LYS C 289 28.45 29.68 -20.73
C LYS C 289 28.37 31.21 -20.63
N GLY C 290 27.54 31.82 -21.48
CA GLY C 290 27.48 33.27 -21.60
C GLY C 290 26.67 33.92 -20.50
N LEU C 291 25.91 33.11 -19.75
CA LEU C 291 25.15 33.60 -18.61
C LEU C 291 26.04 34.46 -17.72
N THR C 292 27.21 33.93 -17.34
CA THR C 292 28.18 34.66 -16.54
C THR C 292 29.41 35.04 -17.36
N SER C 293 29.30 35.03 -18.69
CA SER C 293 30.44 35.22 -19.58
C SER C 293 31.58 34.30 -19.17
N GLY C 294 31.27 33.22 -18.44
CA GLY C 294 32.27 32.23 -18.06
C GLY C 294 33.24 32.71 -16.99
N TYR C 295 33.04 33.93 -16.47
CA TYR C 295 33.87 34.46 -15.39
C TYR C 295 33.73 33.59 -14.14
N ILE C 296 32.54 33.01 -13.96
CA ILE C 296 32.28 32.10 -12.86
C ILE C 296 31.38 30.96 -13.32
N PRO C 297 31.62 29.70 -12.88
CA PRO C 297 30.78 28.58 -13.27
C PRO C 297 29.31 28.77 -12.91
N MET C 298 28.43 28.62 -13.90
CA MET C 298 27.00 28.62 -13.67
C MET C 298 26.26 28.10 -14.90
N GLY C 299 25.12 27.45 -14.67
CA GLY C 299 24.21 27.06 -15.73
C GLY C 299 22.76 27.10 -15.24
N GLY C 300 21.83 26.58 -16.04
CA GLY C 300 20.45 26.53 -15.61
C GLY C 300 19.49 26.00 -16.67
N VAL C 301 18.20 25.99 -16.31
CA VAL C 301 17.13 25.61 -17.21
C VAL C 301 16.02 26.65 -17.05
N ILE C 302 15.62 27.24 -18.19
CA ILE C 302 14.49 28.16 -18.22
C ILE C 302 13.25 27.33 -18.55
N VAL C 303 12.16 27.55 -17.80
CA VAL C 303 11.00 26.69 -17.83
C VAL C 303 9.74 27.51 -18.14
N ARG C 304 8.95 27.02 -19.10
CA ARG C 304 7.74 27.71 -19.53
C ARG C 304 6.69 27.61 -18.43
N ASP C 305 5.83 28.64 -18.36
CA ASP C 305 4.83 28.76 -17.30
C ASP C 305 4.03 27.47 -17.20
N THR C 306 3.54 26.97 -18.35
CA THR C 306 2.62 25.84 -18.39
C THR C 306 3.31 24.58 -17.88
N VAL C 307 4.60 24.39 -18.21
CA VAL C 307 5.28 23.16 -17.80
C VAL C 307 5.60 23.32 -16.31
N ALA C 308 5.77 24.57 -15.88
CA ALA C 308 6.03 24.86 -14.47
C ALA C 308 4.73 24.74 -13.67
N LYS C 309 3.88 23.79 -14.03
CA LYS C 309 2.70 23.51 -13.22
C LYS C 309 2.98 22.20 -12.51
N VAL C 310 4.17 21.62 -12.74
CA VAL C 310 4.64 20.52 -11.90
C VAL C 310 4.28 20.94 -10.48
N ILE C 311 4.67 22.17 -10.14
CA ILE C 311 4.30 22.83 -8.89
C ILE C 311 3.05 22.17 -8.28
N SER C 312 1.94 22.12 -9.04
CA SER C 312 0.64 21.69 -8.53
C SER C 312 0.64 20.28 -7.93
N GLU C 313 -0.04 19.31 -8.58
CA GLU C 313 -0.10 18.00 -7.96
C GLU C 313 1.31 17.43 -7.77
N GLY C 314 2.36 18.26 -7.88
CA GLY C 314 3.70 17.74 -8.06
C GLY C 314 4.25 17.15 -6.77
N GLY C 315 4.13 17.92 -5.69
CA GLY C 315 4.93 17.65 -4.51
C GLY C 315 6.38 17.98 -4.83
N ASP C 316 7.30 17.29 -4.13
CA ASP C 316 8.70 17.66 -4.16
C ASP C 316 9.31 17.19 -5.48
N PHE C 317 10.15 18.03 -6.08
CA PHE C 317 10.93 17.67 -7.24
C PHE C 317 12.32 17.30 -6.75
N ASN C 318 12.52 16.02 -6.43
CA ASN C 318 13.75 15.56 -5.79
C ASN C 318 14.93 15.71 -6.75
N HIS C 319 15.41 16.96 -6.89
CA HIS C 319 16.47 17.30 -7.83
C HIS C 319 17.23 18.52 -7.32
N GLY C 320 18.46 18.70 -7.81
CA GLY C 320 19.21 19.92 -7.59
C GLY C 320 20.61 19.63 -7.08
N PHE C 321 21.45 20.67 -7.10
CA PHE C 321 22.84 20.56 -6.73
C PHE C 321 23.13 21.55 -5.62
N THR C 322 24.14 21.23 -4.80
CA THR C 322 24.63 22.09 -3.75
C THR C 322 24.69 23.54 -4.24
N TYR C 323 25.42 23.75 -5.34
CA TYR C 323 25.75 25.09 -5.82
C TYR C 323 24.72 25.60 -6.83
N SER C 324 23.50 25.05 -6.79
CA SER C 324 22.39 25.61 -7.56
C SER C 324 22.17 27.03 -7.08
N GLY C 325 22.21 27.99 -8.01
CA GLY C 325 22.01 29.39 -7.71
C GLY C 325 23.03 29.90 -6.69
N HIS C 326 24.29 29.52 -6.86
CA HIS C 326 25.35 29.91 -5.94
C HIS C 326 25.48 31.44 -5.96
N PRO C 327 25.43 32.11 -4.77
CA PRO C 327 25.18 33.54 -4.72
C PRO C 327 26.23 34.39 -5.43
N VAL C 328 27.50 33.95 -5.36
CA VAL C 328 28.58 34.66 -6.02
C VAL C 328 28.36 34.56 -7.52
N ALA C 329 27.99 33.35 -7.97
CA ALA C 329 27.76 33.08 -9.39
C ALA C 329 26.56 33.88 -9.92
N ALA C 330 25.55 34.11 -9.08
CA ALA C 330 24.35 34.81 -9.47
C ALA C 330 24.61 36.31 -9.61
N ALA C 331 25.43 36.87 -8.72
CA ALA C 331 25.80 38.28 -8.75
C ALA C 331 26.58 38.58 -10.03
N VAL C 332 27.53 37.72 -10.36
CA VAL C 332 28.29 37.82 -11.59
C VAL C 332 27.33 37.70 -12.77
N GLY C 333 26.32 36.83 -12.65
CA GLY C 333 25.33 36.65 -13.69
C GLY C 333 24.45 37.89 -13.85
N LEU C 334 23.91 38.38 -12.74
CA LEU C 334 23.01 39.53 -12.74
C LEU C 334 23.73 40.74 -13.33
N GLU C 335 24.98 40.96 -12.87
CA GLU C 335 25.79 42.09 -13.30
C GLU C 335 26.14 41.96 -14.78
N ASN C 336 26.33 40.70 -15.24
CA ASN C 336 26.66 40.41 -16.62
C ASN C 336 25.48 40.75 -17.54
N LEU C 337 24.26 40.41 -17.12
CA LEU C 337 23.07 40.68 -17.92
C LEU C 337 22.82 42.19 -18.01
N ARG C 338 23.18 42.93 -16.95
CA ARG C 338 22.99 44.38 -16.97
C ARG C 338 23.88 44.99 -18.04
N ILE C 339 25.13 44.55 -18.10
CA ILE C 339 26.07 45.03 -19.09
C ILE C 339 25.60 44.67 -20.50
N LEU C 340 25.29 43.39 -20.73
CA LEU C 340 24.80 42.93 -22.02
C LEU C 340 23.64 43.81 -22.50
N ARG C 341 22.70 44.10 -21.60
CA ARG C 341 21.46 44.79 -21.93
C ARG C 341 21.69 46.29 -22.04
N ASP C 342 22.10 46.92 -20.94
CA ASP C 342 22.11 48.37 -20.80
C ASP C 342 23.23 49.02 -21.61
N GLU C 343 24.38 48.33 -21.74
CA GLU C 343 25.46 48.79 -22.61
C GLU C 343 25.23 48.31 -24.06
N LYS C 344 24.10 47.63 -24.30
CA LYS C 344 23.63 47.32 -25.65
C LYS C 344 24.67 46.50 -26.42
N ILE C 345 25.27 45.51 -25.75
CA ILE C 345 26.27 44.65 -26.37
C ILE C 345 25.61 43.70 -27.37
N VAL C 346 24.45 43.16 -27.02
CA VAL C 346 23.71 42.28 -27.92
C VAL C 346 23.24 43.09 -29.13
N GLU C 347 22.72 44.30 -28.88
CA GLU C 347 22.28 45.19 -29.94
C GLU C 347 23.46 45.57 -30.85
N LYS C 348 24.60 45.91 -30.23
CA LYS C 348 25.80 46.27 -30.96
C LYS C 348 26.33 45.06 -31.74
N ALA C 349 26.15 43.85 -31.18
CA ALA C 349 26.57 42.64 -31.87
C ALA C 349 25.79 42.46 -33.17
N ARG C 350 24.47 42.64 -33.12
CA ARG C 350 23.60 42.43 -34.27
C ARG C 350 23.82 43.51 -35.33
N THR C 351 23.91 44.77 -34.89
CA THR C 351 23.90 45.91 -35.78
C THR C 351 25.29 46.20 -36.33
N GLU C 352 26.33 46.11 -35.46
CA GLU C 352 27.63 46.67 -35.78
C GLU C 352 28.69 45.58 -36.02
N ALA C 353 28.78 44.60 -35.10
CA ALA C 353 29.83 43.61 -35.17
C ALA C 353 29.53 42.54 -36.22
N ALA C 354 28.33 41.95 -36.15
CA ALA C 354 27.99 40.76 -36.91
C ALA C 354 28.09 40.98 -38.42
N PRO C 355 27.48 42.04 -39.00
CA PRO C 355 27.54 42.25 -40.44
C PRO C 355 28.97 42.44 -40.95
N TYR C 356 29.80 43.09 -40.11
CA TYR C 356 31.19 43.31 -40.44
C TYR C 356 31.94 41.98 -40.42
N LEU C 357 31.70 41.16 -39.38
CA LEU C 357 32.32 39.85 -39.26
C LEU C 357 31.91 38.97 -40.45
N GLN C 358 30.62 38.99 -40.79
CA GLN C 358 30.10 38.11 -41.83
C GLN C 358 30.70 38.47 -43.19
N LYS C 359 30.84 39.78 -43.46
CA LYS C 359 31.41 40.26 -44.71
C LYS C 359 32.88 39.86 -44.83
N ARG C 360 33.70 40.24 -43.83
CA ARG C 360 35.14 40.04 -43.90
C ARG C 360 35.48 38.55 -43.94
N LEU C 361 34.61 37.71 -43.37
CA LEU C 361 34.86 36.28 -43.32
C LEU C 361 34.49 35.62 -44.65
N ARG C 362 33.47 36.16 -45.34
CA ARG C 362 32.99 35.56 -46.57
C ARG C 362 33.85 35.94 -47.78
N GLU C 363 34.86 36.80 -47.58
CA GLU C 363 35.79 37.10 -48.66
C GLU C 363 36.89 36.04 -48.71
N LEU C 364 36.81 35.05 -47.81
CA LEU C 364 37.66 33.87 -47.84
C LEU C 364 37.08 32.81 -48.77
N GLN C 365 35.89 33.06 -49.31
CA GLN C 365 35.25 32.16 -50.26
C GLN C 365 36.16 31.85 -51.44
N ASP C 366 36.96 32.83 -51.86
CA ASP C 366 37.79 32.74 -53.06
C ASP C 366 38.95 31.75 -52.88
N HIS C 367 39.43 31.57 -51.64
CA HIS C 367 40.63 30.80 -51.36
C HIS C 367 40.52 29.35 -51.87
N PRO C 368 41.57 28.80 -52.54
CA PRO C 368 41.50 27.48 -53.13
C PRO C 368 40.95 26.39 -52.23
N LEU C 369 41.25 26.49 -50.92
CA LEU C 369 40.94 25.43 -49.98
C LEU C 369 39.50 25.53 -49.49
N VAL C 370 38.91 26.72 -49.61
CA VAL C 370 37.63 27.01 -48.99
C VAL C 370 36.52 26.57 -49.93
N GLY C 371 35.72 25.59 -49.48
CA GLY C 371 34.52 25.18 -50.18
C GLY C 371 33.37 26.16 -49.92
N GLU C 372 33.27 26.62 -48.67
CA GLU C 372 32.16 27.45 -48.23
C GLU C 372 32.62 28.30 -47.06
N VAL C 373 32.02 29.49 -46.93
CA VAL C 373 32.04 30.23 -45.68
C VAL C 373 30.58 30.48 -45.30
N ARG C 374 30.21 30.05 -44.08
CA ARG C 374 28.91 30.36 -43.52
C ARG C 374 29.10 30.92 -42.12
N GLY C 375 28.20 31.81 -41.72
CA GLY C 375 28.20 32.33 -40.36
C GLY C 375 26.93 33.11 -40.10
N LEU C 376 26.61 33.28 -38.81
CA LEU C 376 25.41 33.96 -38.39
C LEU C 376 25.72 34.70 -37.10
N GLY C 377 25.32 35.98 -37.03
CA GLY C 377 25.66 36.80 -35.88
C GLY C 377 27.14 36.66 -35.56
N MET C 378 27.46 36.12 -34.38
CA MET C 378 28.84 35.99 -33.93
C MET C 378 29.23 34.51 -33.94
N LEU C 379 28.67 33.76 -34.91
CA LEU C 379 29.10 32.42 -35.26
C LEU C 379 29.69 32.44 -36.68
N GLY C 380 30.64 31.54 -36.96
CA GLY C 380 31.23 31.44 -38.29
C GLY C 380 31.96 30.12 -38.51
N ALA C 381 31.80 29.56 -39.71
CA ALA C 381 32.46 28.32 -40.10
C ALA C 381 33.02 28.41 -41.51
N ILE C 382 34.17 27.75 -41.74
CA ILE C 382 34.82 27.68 -43.03
C ILE C 382 35.04 26.22 -43.40
N GLU C 383 34.45 25.78 -44.52
CA GLU C 383 34.60 24.41 -44.97
C GLU C 383 35.87 24.27 -45.80
N LEU C 384 36.72 23.31 -45.43
CA LEU C 384 37.95 23.01 -46.16
C LEU C 384 37.70 21.78 -47.03
N VAL C 385 37.96 21.90 -48.34
CA VAL C 385 37.57 20.89 -49.31
C VAL C 385 38.73 20.57 -50.24
N LYS C 386 38.61 19.41 -50.91
N LYS C 386 38.62 19.41 -50.92
CA LYS C 386 39.51 19.03 -52.00
CA LYS C 386 39.51 19.03 -52.00
C LYS C 386 38.95 19.48 -53.35
C LYS C 386 38.94 19.47 -53.35
N ASP C 387 37.62 19.61 -53.43
CA ASP C 387 36.96 20.00 -54.67
C ASP C 387 35.65 20.73 -54.32
N LYS C 388 35.53 21.98 -54.78
CA LYS C 388 34.44 22.86 -54.37
C LYS C 388 33.10 22.38 -54.92
N ALA C 389 33.09 21.89 -56.16
CA ALA C 389 31.86 21.54 -56.85
C ALA C 389 31.25 20.25 -56.29
N THR C 390 32.08 19.26 -55.96
CA THR C 390 31.63 18.01 -55.36
C THR C 390 31.48 18.14 -53.84
N ARG C 391 32.08 19.18 -53.25
CA ARG C 391 32.13 19.37 -51.80
C ARG C 391 32.91 18.23 -51.13
N SER C 392 33.90 17.68 -51.83
CA SER C 392 34.68 16.57 -51.32
C SER C 392 35.66 17.04 -50.25
N ARG C 393 36.20 16.05 -49.51
CA ARG C 393 37.21 16.27 -48.49
C ARG C 393 38.45 15.47 -48.85
N TYR C 394 39.57 15.74 -48.19
CA TYR C 394 40.79 14.98 -48.36
C TYR C 394 40.73 13.64 -47.61
N GLU C 395 39.68 13.47 -46.79
CA GLU C 395 39.28 12.17 -46.27
C GLU C 395 40.33 11.65 -45.31
N GLY C 396 41.27 10.82 -45.79
CA GLY C 396 42.32 10.29 -44.96
CA GLY C 396 42.31 10.28 -44.95
C GLY C 396 43.14 11.37 -44.25
N LYS C 397 43.11 12.60 -44.79
CA LYS C 397 44.01 13.66 -44.36
C LYS C 397 43.31 14.56 -43.34
N GLY C 398 44.10 15.06 -42.39
CA GLY C 398 43.57 15.73 -41.21
C GLY C 398 43.66 17.23 -41.38
N VAL C 399 43.13 17.72 -42.51
CA VAL C 399 43.22 19.11 -42.91
C VAL C 399 42.90 20.05 -41.76
N GLY C 400 41.79 19.79 -41.06
CA GLY C 400 41.29 20.69 -40.03
C GLY C 400 42.31 20.88 -38.90
N MET C 401 42.95 19.78 -38.51
CA MET C 401 43.93 19.78 -37.44
C MET C 401 45.19 20.55 -37.85
N ILE C 402 45.46 20.58 -39.17
CA ILE C 402 46.61 21.27 -39.72
C ILE C 402 46.38 22.78 -39.61
N CYS C 403 45.21 23.25 -40.06
CA CYS C 403 44.85 24.65 -39.96
C CYS C 403 44.92 25.09 -38.50
N ARG C 404 44.19 24.37 -37.64
CA ARG C 404 44.19 24.65 -36.21
C ARG C 404 45.60 24.93 -35.72
N THR C 405 46.55 24.05 -36.07
CA THR C 405 47.90 24.11 -35.53
C THR C 405 48.63 25.36 -36.04
N PHE C 406 48.47 25.66 -37.33
CA PHE C 406 48.97 26.91 -37.90
C PHE C 406 48.28 28.06 -37.18
N CYS C 407 46.94 28.00 -37.18
CA CYS C 407 46.11 29.02 -36.56
C CYS C 407 46.64 29.41 -35.17
N PHE C 408 46.98 28.40 -34.36
CA PHE C 408 47.52 28.63 -33.02
C PHE C 408 48.86 29.36 -33.11
N GLU C 409 49.81 28.80 -33.89
CA GLU C 409 51.17 29.30 -33.92
C GLU C 409 51.24 30.72 -34.48
N ASN C 410 50.22 31.17 -35.23
CA ASN C 410 50.12 32.54 -35.71
C ASN C 410 49.10 33.33 -34.91
N GLY C 411 48.94 32.96 -33.63
CA GLY C 411 48.18 33.75 -32.66
C GLY C 411 46.70 33.86 -33.01
N LEU C 412 46.08 32.73 -33.35
CA LEU C 412 44.63 32.70 -33.56
C LEU C 412 44.05 31.40 -33.00
N ILE C 413 43.04 31.55 -32.14
CA ILE C 413 42.21 30.42 -31.75
C ILE C 413 41.00 30.38 -32.67
N MET C 414 41.07 29.45 -33.63
CA MET C 414 39.96 29.08 -34.48
C MET C 414 39.97 27.55 -34.49
N ARG C 415 38.89 26.92 -34.03
CA ARG C 415 38.89 25.48 -33.77
C ARG C 415 38.44 24.69 -34.99
N ALA C 416 38.81 23.40 -35.01
CA ALA C 416 38.53 22.50 -36.13
C ALA C 416 37.61 21.39 -35.67
N VAL C 417 36.44 21.28 -36.33
CA VAL C 417 35.57 20.14 -36.16
C VAL C 417 35.58 19.36 -37.47
N GLY C 418 36.32 18.25 -37.48
CA GLY C 418 36.63 17.58 -38.73
C GLY C 418 37.44 18.51 -39.63
N ASP C 419 36.87 18.88 -40.77
CA ASP C 419 37.49 19.82 -41.69
C ASP C 419 36.65 21.09 -41.75
N THR C 420 35.94 21.40 -40.66
CA THR C 420 35.21 22.66 -40.54
C THR C 420 35.91 23.54 -39.50
N MET C 421 36.54 24.62 -39.98
CA MET C 421 37.09 25.64 -39.10
C MET C 421 35.94 26.41 -38.48
N ILE C 422 36.07 26.73 -37.19
CA ILE C 422 35.00 27.37 -36.44
C ILE C 422 35.50 28.64 -35.75
N ILE C 423 34.63 29.66 -35.69
CA ILE C 423 34.85 30.79 -34.79
C ILE C 423 33.55 31.16 -34.09
N ALA C 424 33.71 31.74 -32.89
CA ALA C 424 32.62 32.37 -32.15
C ALA C 424 33.24 33.32 -31.13
N PRO C 425 33.78 34.48 -31.59
CA PRO C 425 34.54 35.38 -30.72
C PRO C 425 33.65 36.15 -29.75
N PRO C 426 34.24 36.89 -28.78
CA PRO C 426 33.45 37.78 -27.94
C PRO C 426 32.60 38.74 -28.76
N LEU C 427 31.44 39.11 -28.21
CA LEU C 427 30.47 39.97 -28.90
C LEU C 427 31.02 41.38 -29.04
N VAL C 428 32.03 41.71 -28.22
CA VAL C 428 32.55 43.06 -28.10
C VAL C 428 33.78 43.27 -29.01
N ILE C 429 33.99 42.35 -29.95
CA ILE C 429 35.13 42.39 -30.85
C ILE C 429 35.00 43.60 -31.77
N SER C 430 36.09 44.37 -31.90
CA SER C 430 36.11 45.57 -32.73
C SER C 430 36.44 45.20 -34.17
N HIS C 431 36.05 46.09 -35.10
CA HIS C 431 36.32 45.91 -36.53
C HIS C 431 37.83 45.66 -36.75
N ALA C 432 38.68 46.32 -35.96
CA ALA C 432 40.11 46.15 -36.04
C ALA C 432 40.52 44.71 -35.71
N GLU C 433 39.95 44.17 -34.62
CA GLU C 433 40.26 42.82 -34.16
C GLU C 433 39.67 41.79 -35.13
N ILE C 434 38.58 42.14 -35.80
CA ILE C 434 38.00 41.31 -36.86
C ILE C 434 38.95 41.28 -38.07
N ASP C 435 39.58 42.44 -38.35
CA ASP C 435 40.60 42.50 -39.38
C ASP C 435 41.70 41.51 -39.02
N GLU C 436 42.16 41.56 -37.77
CA GLU C 436 43.27 40.74 -37.30
C GLU C 436 42.98 39.25 -37.48
N LEU C 437 41.73 38.84 -37.21
CA LEU C 437 41.30 37.47 -37.35
C LEU C 437 41.44 37.02 -38.80
N VAL C 438 40.75 37.74 -39.70
CA VAL C 438 40.64 37.37 -41.11
C VAL C 438 42.03 37.33 -41.76
N GLU C 439 42.88 38.30 -41.40
CA GLU C 439 44.25 38.36 -41.88
C GLU C 439 44.98 37.07 -41.49
N LYS C 440 44.97 36.74 -40.19
CA LYS C 440 45.61 35.53 -39.70
C LYS C 440 44.97 34.28 -40.33
N ALA C 441 43.64 34.31 -40.51
CA ALA C 441 42.92 33.16 -41.03
C ALA C 441 43.42 32.81 -42.44
N ARG C 442 43.49 33.83 -43.31
CA ARG C 442 43.94 33.63 -44.68
C ARG C 442 45.35 33.06 -44.70
N LYS C 443 46.23 33.59 -43.85
CA LYS C 443 47.62 33.16 -43.80
C LYS C 443 47.72 31.66 -43.52
N CYS C 444 46.85 31.17 -42.63
CA CYS C 444 46.92 29.79 -42.15
C CYS C 444 46.26 28.84 -43.16
N LEU C 445 45.21 29.32 -43.84
CA LEU C 445 44.62 28.61 -44.97
C LEU C 445 45.63 28.45 -46.11
N ASP C 446 46.44 29.48 -46.35
CA ASP C 446 47.55 29.40 -47.28
C ASP C 446 48.55 28.35 -46.82
N LEU C 447 48.96 28.43 -45.56
CA LEU C 447 49.94 27.51 -45.01
C LEU C 447 49.39 26.08 -45.04
N THR C 448 48.11 25.93 -44.71
CA THR C 448 47.47 24.62 -44.70
C THR C 448 47.64 23.99 -46.09
N LEU C 449 47.10 24.68 -47.10
CA LEU C 449 47.14 24.24 -48.49
C LEU C 449 48.54 23.83 -48.91
N GLU C 450 49.54 24.60 -48.50
CA GLU C 450 50.93 24.31 -48.81
C GLU C 450 51.32 22.93 -48.25
N ALA C 451 50.82 22.61 -47.05
CA ALA C 451 51.20 21.40 -46.34
C ALA C 451 50.60 20.14 -46.96
N ILE C 452 49.57 20.30 -47.81
CA ILE C 452 48.99 19.15 -48.49
C ILE C 452 49.57 19.07 -49.90
N GLN C 453 49.27 20.08 -50.72
CA GLN C 453 49.75 20.16 -52.10
C GLN C 453 49.67 21.63 -52.56
N ASN D 5 8.72 41.90 6.06
CA ASN D 5 8.55 43.34 6.38
C ASN D 5 9.17 44.17 5.26
N PRO D 6 10.53 44.27 5.15
CA PRO D 6 11.14 45.23 4.23
C PRO D 6 11.09 44.75 2.78
N GLN D 7 12.25 44.33 2.25
CA GLN D 7 12.37 43.83 0.89
C GLN D 7 11.88 42.39 0.82
N THR D 8 11.77 41.72 1.97
CA THR D 8 11.52 40.29 2.02
C THR D 8 10.34 39.90 1.11
N ARG D 9 9.21 40.56 1.35
CA ARG D 9 7.94 40.23 0.69
C ARG D 9 8.13 40.28 -0.83
N GLU D 10 8.84 41.31 -1.31
CA GLU D 10 9.13 41.47 -2.72
C GLU D 10 9.96 40.29 -3.21
N TRP D 11 10.99 39.92 -2.45
CA TRP D 11 11.85 38.79 -2.81
C TRP D 11 11.07 37.49 -2.76
N GLN D 12 10.07 37.41 -1.87
CA GLN D 12 9.29 36.19 -1.69
C GLN D 12 8.33 35.96 -2.86
N THR D 13 7.58 37.01 -3.26
CA THR D 13 6.67 36.90 -4.40
C THR D 13 7.46 36.57 -5.66
N LEU D 14 8.72 37.06 -5.74
CA LEU D 14 9.61 36.77 -6.85
C LEU D 14 9.90 35.28 -6.95
N SER D 15 10.38 34.66 -5.86
CA SER D 15 10.67 33.24 -5.85
C SER D 15 9.48 32.48 -6.43
N GLY D 16 8.28 32.78 -5.91
CA GLY D 16 7.05 32.18 -6.37
C GLY D 16 6.90 32.27 -7.89
N GLU D 17 7.20 33.44 -8.46
CA GLU D 17 6.87 33.71 -9.85
C GLU D 17 7.99 33.34 -10.83
N HIS D 18 9.22 33.08 -10.34
CA HIS D 18 10.36 32.93 -11.25
C HIS D 18 11.40 31.89 -10.83
N HIS D 19 11.28 31.26 -9.66
CA HIS D 19 12.33 30.40 -9.15
C HIS D 19 11.81 28.99 -8.84
N LEU D 20 12.65 28.00 -9.14
CA LEU D 20 12.37 26.60 -8.86
C LEU D 20 13.54 26.06 -8.04
N ALA D 21 13.35 25.95 -6.73
CA ALA D 21 14.44 25.58 -5.82
C ALA D 21 14.68 24.07 -5.80
N PRO D 22 15.94 23.64 -5.59
CA PRO D 22 16.25 22.24 -5.31
C PRO D 22 15.33 21.56 -4.29
N PHE D 23 14.88 20.34 -4.61
CA PHE D 23 14.25 19.43 -3.66
C PHE D 23 13.07 20.10 -2.94
N SER D 24 12.20 20.78 -3.69
CA SER D 24 11.16 21.61 -3.10
C SER D 24 9.78 21.37 -3.72
N ASP D 25 8.75 21.52 -2.88
CA ASP D 25 7.36 21.54 -3.31
C ASP D 25 6.97 23.00 -3.56
N TYR D 26 7.00 23.39 -4.84
CA TYR D 26 6.94 24.79 -5.24
C TYR D 26 5.56 25.40 -4.92
N LYS D 27 4.50 24.58 -4.94
CA LYS D 27 3.16 25.03 -4.57
C LYS D 27 3.17 25.54 -3.13
N GLN D 28 3.78 24.73 -2.23
CA GLN D 28 3.89 25.04 -0.81
C GLN D 28 4.78 26.26 -0.60
N LEU D 29 6.00 26.21 -1.14
CA LEU D 29 6.96 27.31 -1.10
C LEU D 29 6.29 28.66 -1.39
N LYS D 30 5.32 28.68 -2.32
CA LYS D 30 4.64 29.91 -2.71
C LYS D 30 3.67 30.37 -1.62
N GLU D 31 2.98 29.42 -0.97
CA GLU D 31 1.98 29.74 0.05
C GLU D 31 2.64 30.34 1.30
N LYS D 32 3.85 29.87 1.63
CA LYS D 32 4.58 30.33 2.79
C LYS D 32 5.43 31.55 2.43
N GLY D 33 6.14 31.46 1.29
CA GLY D 33 7.26 32.33 1.00
C GLY D 33 8.53 31.75 1.63
N PRO D 34 9.65 31.64 0.88
CA PRO D 34 10.90 31.13 1.45
C PRO D 34 11.54 32.08 2.45
N ARG D 35 12.56 31.56 3.18
CA ARG D 35 13.40 32.37 4.03
C ARG D 35 14.62 32.85 3.24
N ILE D 36 14.76 34.18 3.15
CA ILE D 36 15.90 34.81 2.48
C ILE D 36 17.03 35.03 3.48
N ILE D 37 18.20 34.46 3.17
CA ILE D 37 19.44 34.72 3.89
C ILE D 37 20.26 35.71 3.07
N THR D 38 20.78 36.76 3.72
CA THR D 38 21.42 37.88 3.02
C THR D 38 22.89 38.00 3.40
N LYS D 39 23.23 37.92 4.69
CA LYS D 39 24.60 38.09 5.16
C LYS D 39 25.06 36.84 5.91
N ALA D 40 26.37 36.72 6.12
CA ALA D 40 26.93 35.70 7.01
C ALA D 40 28.35 36.08 7.43
N GLN D 41 28.78 35.50 8.55
CA GLN D 41 30.07 35.77 9.15
C GLN D 41 30.35 34.67 10.16
N GLY D 42 31.59 34.16 10.18
CA GLY D 42 31.96 33.09 11.10
C GLY D 42 31.14 31.83 10.85
N VAL D 43 30.32 31.45 11.84
CA VAL D 43 29.44 30.29 11.75
C VAL D 43 27.98 30.75 11.76
N HIS D 44 27.77 32.07 11.71
CA HIS D 44 26.45 32.64 11.85
C HIS D 44 25.97 33.16 10.50
N LEU D 45 24.67 33.49 10.43
CA LEU D 45 24.11 34.13 9.27
C LEU D 45 22.86 34.92 9.65
N TRP D 46 22.45 35.82 8.75
CA TRP D 46 21.37 36.76 9.02
C TRP D 46 20.34 36.65 7.91
N ASP D 47 19.06 36.72 8.30
CA ASP D 47 17.95 36.74 7.34
C ASP D 47 17.55 38.20 7.11
N SER D 48 16.67 38.40 6.12
CA SER D 48 16.31 39.74 5.69
C SER D 48 15.51 40.49 6.74
N GLU D 49 15.14 39.81 7.84
CA GLU D 49 14.48 40.44 8.98
C GLU D 49 15.46 40.74 10.12
N GLY D 50 16.76 40.43 9.91
CA GLY D 50 17.80 40.80 10.85
C GLY D 50 18.11 39.73 11.91
N HIS D 51 17.46 38.55 11.81
CA HIS D 51 17.66 37.49 12.78
C HIS D 51 19.00 36.80 12.54
N LYS D 52 19.84 36.76 13.57
CA LYS D 52 21.08 36.00 13.52
C LYS D 52 20.74 34.51 13.68
N ILE D 53 21.44 33.65 12.94
CA ILE D 53 21.17 32.22 12.95
C ILE D 53 22.49 31.45 12.90
N LEU D 54 22.70 30.56 13.87
CA LEU D 54 23.88 29.71 13.89
C LEU D 54 23.68 28.63 12.83
N ASP D 55 24.66 28.51 11.93
CA ASP D 55 24.60 27.53 10.86
C ASP D 55 25.37 26.27 11.24
N GLY D 56 24.64 25.24 11.69
CA GLY D 56 25.25 24.00 12.15
C GLY D 56 25.54 23.00 11.03
N MET D 57 25.18 23.37 9.79
CA MET D 57 25.34 22.48 8.65
C MET D 57 26.40 23.00 7.68
N ALA D 58 27.00 24.15 8.00
CA ALA D 58 28.03 24.76 7.16
C ALA D 58 27.51 24.98 5.75
N GLY D 59 26.41 25.73 5.64
CA GLY D 59 25.68 25.85 4.39
C GLY D 59 24.98 24.54 4.06
N LEU D 60 25.70 23.70 3.29
CA LEU D 60 25.31 22.32 3.01
C LEU D 60 26.59 21.47 3.03
N TRP D 61 27.15 21.32 4.24
CA TRP D 61 28.32 20.47 4.50
C TRP D 61 29.60 21.01 3.85
N CYS D 62 29.63 22.27 3.40
CA CYS D 62 30.69 22.72 2.50
C CYS D 62 31.56 23.84 3.07
N VAL D 63 31.01 24.78 3.85
CA VAL D 63 31.78 25.93 4.31
C VAL D 63 32.69 25.52 5.47
N ALA D 64 33.81 24.87 5.14
CA ALA D 64 34.72 24.31 6.14
C ALA D 64 35.32 25.40 7.00
N VAL D 65 35.92 26.41 6.38
CA VAL D 65 36.71 27.41 7.10
C VAL D 65 35.80 28.50 7.67
N GLY D 66 34.49 28.42 7.41
CA GLY D 66 33.55 29.40 7.94
C GLY D 66 33.37 30.58 6.99
N TYR D 67 32.37 31.42 7.27
CA TYR D 67 32.03 32.54 6.41
C TYR D 67 32.91 33.76 6.73
N GLY D 68 33.45 34.38 5.67
CA GLY D 68 34.03 35.71 5.77
C GLY D 68 35.56 35.74 5.69
N ARG D 69 36.20 34.61 5.35
CA ARG D 69 37.66 34.57 5.23
C ARG D 69 38.08 35.36 3.99
N GLU D 70 38.72 36.51 4.22
CA GLU D 70 39.10 37.45 3.19
C GLU D 70 40.19 36.88 2.27
N GLU D 71 41.01 35.96 2.80
CA GLU D 71 42.07 35.35 2.02
C GLU D 71 41.51 34.73 0.73
N LEU D 72 40.28 34.21 0.81
CA LEU D 72 39.66 33.57 -0.33
C LEU D 72 39.04 34.62 -1.26
N VAL D 73 38.53 35.71 -0.68
CA VAL D 73 37.93 36.78 -1.46
C VAL D 73 39.01 37.42 -2.35
N GLN D 74 40.23 37.54 -1.81
CA GLN D 74 41.34 38.17 -2.52
C GLN D 74 41.93 37.19 -3.54
N ALA D 75 41.95 35.89 -3.20
CA ALA D 75 42.43 34.86 -4.11
C ALA D 75 41.58 34.86 -5.38
N ALA D 76 40.26 35.06 -5.21
CA ALA D 76 39.32 35.08 -6.32
C ALA D 76 39.56 36.33 -7.17
N GLU D 77 39.48 37.50 -6.52
CA GLU D 77 39.59 38.80 -7.16
C GLU D 77 40.81 38.86 -8.04
N LYS D 78 41.95 38.43 -7.48
CA LYS D 78 43.22 38.52 -8.19
C LYS D 78 43.16 37.67 -9.45
N GLN D 79 42.69 36.42 -9.30
CA GLN D 79 42.65 35.47 -10.40
C GLN D 79 41.68 35.94 -11.48
N MET D 80 40.51 36.41 -11.05
CA MET D 80 39.46 36.84 -11.97
C MET D 80 39.90 38.01 -12.83
N ARG D 81 40.79 38.86 -12.28
CA ARG D 81 41.28 40.02 -13.00
C ARG D 81 42.32 39.59 -14.02
N GLU D 82 43.29 38.79 -13.56
CA GLU D 82 44.40 38.33 -14.37
C GLU D 82 43.88 37.44 -15.49
N LEU D 83 43.23 36.32 -15.10
CA LEU D 83 42.65 35.40 -16.06
C LEU D 83 41.31 34.90 -15.53
N PRO D 84 40.17 35.46 -16.00
CA PRO D 84 38.85 35.02 -15.55
C PRO D 84 38.52 33.59 -15.94
N TYR D 85 38.88 33.21 -17.17
CA TYR D 85 38.57 31.88 -17.66
C TYR D 85 39.49 31.52 -18.83
N TYR D 86 39.89 30.25 -18.88
CA TYR D 86 40.21 29.62 -20.15
C TYR D 86 39.97 28.12 -20.01
N ASN D 87 39.58 27.47 -21.13
CA ASN D 87 39.21 26.06 -21.12
C ASN D 87 40.45 25.19 -20.91
N LEU D 88 40.21 23.92 -20.51
CA LEU D 88 41.23 22.90 -20.40
C LEU D 88 41.06 21.83 -21.48
N PHE D 89 40.32 22.15 -22.55
CA PHE D 89 40.04 21.22 -23.63
C PHE D 89 41.15 21.24 -24.68
N PHE D 90 41.60 22.44 -25.07
CA PHE D 90 42.32 22.63 -26.32
C PHE D 90 43.80 22.30 -26.16
N GLN D 91 44.13 21.18 -25.47
CA GLN D 91 45.48 20.86 -25.05
C GLN D 91 46.09 22.07 -24.35
N THR D 92 45.23 22.76 -23.59
CA THR D 92 45.57 24.01 -22.94
C THR D 92 45.41 23.83 -21.44
N ALA D 93 46.09 24.69 -20.67
CA ALA D 93 46.02 24.67 -19.22
C ALA D 93 46.18 26.08 -18.67
N HIS D 94 46.05 26.20 -17.34
CA HIS D 94 46.42 27.41 -16.62
C HIS D 94 47.03 27.02 -15.28
N PRO D 95 47.89 27.88 -14.68
CA PRO D 95 48.64 27.52 -13.47
C PRO D 95 47.77 27.10 -12.28
N PRO D 96 46.67 27.84 -11.94
CA PRO D 96 45.83 27.46 -10.81
C PRO D 96 45.53 25.96 -10.78
N ALA D 97 44.91 25.47 -11.85
CA ALA D 97 44.37 24.12 -11.91
C ALA D 97 45.45 23.07 -11.68
N LEU D 98 46.67 23.34 -12.15
CA LEU D 98 47.75 22.37 -12.06
C LEU D 98 48.27 22.27 -10.63
N GLU D 99 48.42 23.42 -9.98
CA GLU D 99 48.98 23.50 -8.63
C GLU D 99 47.96 23.05 -7.60
N LEU D 100 46.67 23.21 -7.93
CA LEU D 100 45.59 22.69 -7.10
C LEU D 100 45.60 21.17 -7.14
N ALA D 101 45.62 20.60 -8.36
CA ALA D 101 45.71 19.16 -8.53
C ALA D 101 46.85 18.60 -7.68
N LYS D 102 47.99 19.31 -7.68
CA LYS D 102 49.15 18.90 -6.91
C LYS D 102 48.88 18.99 -5.40
N ALA D 103 48.18 20.04 -4.97
CA ALA D 103 47.84 20.24 -3.56
C ALA D 103 46.97 19.10 -3.05
N ILE D 104 45.87 18.82 -3.76
CA ILE D 104 44.91 17.78 -3.39
C ILE D 104 45.63 16.43 -3.23
N THR D 105 46.40 16.05 -4.26
CA THR D 105 47.07 14.76 -4.31
C THR D 105 47.99 14.58 -3.09
N ASP D 106 48.55 15.68 -2.57
CA ASP D 106 49.46 15.64 -1.44
C ASP D 106 48.72 15.33 -0.14
N VAL D 107 47.46 15.77 -0.02
CA VAL D 107 46.67 15.52 1.16
C VAL D 107 45.86 14.23 1.00
N ALA D 108 45.92 13.62 -0.20
CA ALA D 108 45.21 12.39 -0.50
C ALA D 108 46.10 11.19 -0.19
N PRO D 109 45.51 10.02 0.15
CA PRO D 109 46.31 8.82 0.46
C PRO D 109 47.29 8.40 -0.64
N LYS D 110 48.20 7.48 -0.33
CA LYS D 110 49.49 7.37 -1.00
C LYS D 110 49.42 7.37 -2.54
N GLY D 111 48.66 6.45 -3.17
CA GLY D 111 48.68 6.30 -4.61
C GLY D 111 47.66 7.17 -5.35
N MET D 112 46.99 8.07 -4.62
CA MET D 112 46.07 9.03 -5.21
C MET D 112 46.88 10.16 -5.84
N THR D 113 47.20 10.02 -7.13
CA THR D 113 48.20 10.86 -7.80
C THR D 113 47.60 11.80 -8.85
N HIS D 114 46.29 11.72 -9.15
CA HIS D 114 45.72 12.50 -10.24
C HIS D 114 44.35 13.08 -9.89
N VAL D 115 44.01 14.21 -10.51
CA VAL D 115 42.71 14.85 -10.32
C VAL D 115 42.12 15.19 -11.69
N PHE D 116 40.89 14.71 -11.92
CA PHE D 116 40.06 15.19 -13.01
C PHE D 116 39.06 16.18 -12.40
N PHE D 117 38.92 17.37 -13.01
CA PHE D 117 38.16 18.46 -12.41
C PHE D 117 36.74 18.49 -12.96
N THR D 118 35.76 18.74 -12.07
CA THR D 118 34.36 18.93 -12.41
C THR D 118 33.81 20.09 -11.59
N GLY D 119 32.54 20.44 -11.80
CA GLY D 119 31.94 21.62 -11.18
C GLY D 119 31.17 21.30 -9.89
N SER D 120 30.88 20.00 -9.68
CA SER D 120 30.04 19.55 -8.58
C SER D 120 30.38 18.10 -8.23
N GLY D 121 29.78 17.61 -7.15
CA GLY D 121 29.91 16.21 -6.75
C GLY D 121 29.22 15.27 -7.73
N SER D 122 28.03 15.67 -8.18
CA SER D 122 27.24 14.92 -9.15
C SER D 122 28.02 14.69 -10.44
N GLU D 123 28.52 15.79 -11.04
CA GLU D 123 29.39 15.71 -12.20
C GLU D 123 30.62 14.84 -11.91
N GLY D 124 31.05 14.83 -10.65
CA GLY D 124 32.12 13.95 -10.20
C GLY D 124 31.76 12.48 -10.37
N ASN D 125 30.55 12.11 -9.91
CA ASN D 125 30.13 10.71 -9.93
C ASN D 125 29.83 10.24 -11.35
N ASP D 126 29.29 11.14 -12.19
CA ASP D 126 29.22 10.88 -13.61
C ASP D 126 30.61 10.52 -14.12
N THR D 127 31.62 11.28 -13.66
CA THR D 127 32.98 11.11 -14.14
C THR D 127 33.48 9.72 -13.77
N VAL D 128 33.21 9.29 -12.53
CA VAL D 128 33.64 7.99 -12.04
C VAL D 128 32.99 6.88 -12.88
N LEU D 129 31.73 7.11 -13.29
CA LEU D 129 30.95 6.07 -13.94
C LEU D 129 31.52 5.77 -15.32
N ARG D 130 31.72 6.81 -16.13
CA ARG D 130 32.32 6.67 -17.45
C ARG D 130 33.75 6.17 -17.31
N MET D 131 34.45 6.58 -16.26
CA MET D 131 35.84 6.20 -16.05
C MET D 131 35.95 4.69 -15.76
N VAL D 132 35.17 4.22 -14.78
CA VAL D 132 35.28 2.85 -14.29
C VAL D 132 35.03 1.85 -15.43
N ARG D 133 34.03 2.16 -16.26
CA ARG D 133 33.60 1.24 -17.31
C ARG D 133 34.58 1.29 -18.49
N HIS D 134 35.07 2.50 -18.78
CA HIS D 134 36.11 2.70 -19.78
C HIS D 134 37.37 1.95 -19.34
N TYR D 135 37.69 2.03 -18.03
CA TYR D 135 38.89 1.41 -17.49
C TYR D 135 38.85 -0.11 -17.74
N TRP D 136 37.69 -0.72 -17.51
CA TRP D 136 37.54 -2.16 -17.67
C TRP D 136 37.53 -2.55 -19.15
N ALA D 137 36.77 -1.80 -19.96
CA ALA D 137 36.75 -1.98 -21.41
C ALA D 137 38.17 -1.89 -21.99
N LEU D 138 39.00 -1.01 -21.42
CA LEU D 138 40.40 -0.86 -21.80
C LEU D 138 41.22 -2.08 -21.37
N LYS D 139 40.89 -2.71 -20.24
CA LYS D 139 41.60 -3.88 -19.75
C LYS D 139 41.09 -5.16 -20.42
N GLY D 140 40.24 -5.01 -21.44
CA GLY D 140 39.51 -6.12 -22.02
C GLY D 140 38.07 -5.92 -21.55
N LYS D 141 37.40 -6.99 -21.13
CA LYS D 141 36.29 -6.96 -20.19
C LYS D 141 35.30 -5.80 -20.35
N PRO D 142 34.82 -5.46 -21.58
CA PRO D 142 33.80 -4.45 -21.76
C PRO D 142 32.42 -4.82 -21.19
N HIS D 143 32.26 -6.11 -20.87
CA HIS D 143 31.05 -6.64 -20.28
C HIS D 143 30.96 -6.25 -18.80
N LYS D 144 32.10 -5.84 -18.22
CA LYS D 144 32.23 -5.61 -16.79
C LYS D 144 31.78 -4.19 -16.47
N GLN D 145 30.52 -4.02 -16.09
CA GLN D 145 29.95 -2.69 -15.98
C GLN D 145 29.21 -2.42 -14.67
N THR D 146 28.82 -3.45 -13.92
CA THR D 146 27.83 -3.26 -12.87
C THR D 146 28.44 -2.57 -11.66
N ILE D 147 27.75 -1.52 -11.20
CA ILE D 147 28.16 -0.74 -10.05
C ILE D 147 27.28 -1.13 -8.88
N ILE D 148 27.92 -1.41 -7.74
CA ILE D 148 27.20 -1.71 -6.52
C ILE D 148 27.21 -0.44 -5.66
N GLY D 149 26.01 0.09 -5.40
CA GLY D 149 25.80 1.15 -4.42
C GLY D 149 25.02 0.61 -3.22
N ARG D 150 24.37 1.51 -2.48
CA ARG D 150 23.67 1.12 -1.27
C ARG D 150 22.38 1.93 -1.14
N ILE D 151 21.43 1.38 -0.37
CA ILE D 151 20.19 2.08 -0.08
C ILE D 151 20.54 3.28 0.80
N ASN D 152 19.82 4.40 0.58
CA ASN D 152 19.99 5.62 1.37
C ASN D 152 21.40 6.21 1.21
N GLY D 153 22.19 5.69 0.25
CA GLY D 153 23.38 6.38 -0.23
C GLY D 153 23.00 7.53 -1.18
N TYR D 154 23.79 8.61 -1.15
CA TYR D 154 23.58 9.77 -2.00
C TYR D 154 24.86 9.99 -2.81
N HIS D 155 24.69 10.18 -4.13
CA HIS D 155 25.84 10.29 -5.01
C HIS D 155 25.64 11.37 -6.08
N GLY D 156 24.56 12.16 -5.98
CA GLY D 156 24.36 13.26 -6.90
C GLY D 156 22.91 13.35 -7.40
N SER D 157 22.65 14.41 -8.17
CA SER D 157 21.33 14.70 -8.70
C SER D 157 21.39 14.81 -10.23
N THR D 158 22.55 14.50 -10.83
CA THR D 158 22.58 14.17 -12.26
C THR D 158 21.80 12.87 -12.42
N PHE D 159 21.56 12.47 -13.67
CA PHE D 159 20.85 11.23 -13.91
C PHE D 159 21.68 10.08 -13.33
N ALA D 160 22.97 10.09 -13.61
CA ALA D 160 23.87 9.06 -13.12
C ALA D 160 23.91 9.04 -11.59
N GLY D 161 24.02 10.23 -10.97
CA GLY D 161 24.18 10.36 -9.54
C GLY D 161 22.93 9.97 -8.74
N ALA D 162 21.76 10.17 -9.34
CA ALA D 162 20.49 9.76 -8.76
C ALA D 162 20.28 8.26 -8.91
N CYS D 163 20.74 7.68 -10.02
CA CYS D 163 20.64 6.24 -10.24
C CYS D 163 21.64 5.45 -9.40
N LEU D 164 22.72 6.10 -8.95
CA LEU D 164 23.79 5.43 -8.21
C LEU D 164 23.45 5.37 -6.72
N GLY D 165 22.84 6.45 -6.22
CA GLY D 165 22.34 6.51 -4.86
C GLY D 165 21.07 5.67 -4.69
N GLY D 166 20.59 5.58 -3.44
CA GLY D 166 19.47 4.71 -3.13
C GLY D 166 18.36 5.45 -2.38
N MET D 167 18.01 6.65 -2.86
CA MET D 167 17.06 7.47 -2.12
C MET D 167 15.61 7.17 -2.52
N SER D 168 15.38 6.51 -3.65
CA SER D 168 14.05 6.07 -4.04
C SER D 168 13.13 7.25 -4.30
N GLY D 169 13.17 8.30 -3.46
CA GLY D 169 12.50 9.56 -3.76
C GLY D 169 12.90 10.14 -5.13
N MET D 170 14.17 9.94 -5.46
CA MET D 170 14.72 10.37 -6.74
C MET D 170 14.38 9.36 -7.84
N HIS D 171 14.61 8.07 -7.56
CA HIS D 171 14.37 6.99 -8.50
C HIS D 171 12.97 7.06 -9.13
N GLU D 172 12.00 7.62 -8.40
CA GLU D 172 10.62 7.71 -8.88
C GLU D 172 10.43 8.89 -9.82
N GLN D 173 11.50 9.64 -10.12
CA GLN D 173 11.40 10.81 -10.98
C GLN D 173 12.51 10.74 -12.04
N GLY D 174 12.10 10.59 -13.31
CA GLY D 174 13.03 10.71 -14.45
C GLY D 174 13.09 9.48 -15.35
N GLY D 175 12.23 8.47 -15.10
CA GLY D 175 12.07 7.36 -16.04
C GLY D 175 13.15 6.29 -15.89
N LEU D 176 13.22 5.40 -16.88
CA LEU D 176 13.95 4.13 -16.75
C LEU D 176 15.39 4.40 -16.32
N PRO D 177 15.95 3.59 -15.40
CA PRO D 177 17.29 3.81 -14.88
C PRO D 177 18.41 3.42 -15.86
N ILE D 178 19.63 3.79 -15.49
CA ILE D 178 20.83 3.42 -16.21
C ILE D 178 21.07 1.92 -15.98
N PRO D 179 21.17 1.09 -17.03
CA PRO D 179 21.53 -0.32 -16.87
C PRO D 179 22.85 -0.51 -16.11
N GLY D 180 22.87 -1.49 -15.20
CA GLY D 180 24.10 -1.94 -14.57
C GLY D 180 24.38 -1.26 -13.22
N ILE D 181 23.31 -0.90 -12.49
CA ILE D 181 23.43 -0.33 -11.16
C ILE D 181 22.52 -1.11 -10.22
N VAL D 182 23.10 -1.64 -9.15
CA VAL D 182 22.37 -2.42 -8.16
C VAL D 182 22.75 -1.93 -6.76
N HIS D 183 21.87 -2.18 -5.78
CA HIS D 183 22.01 -1.62 -4.44
C HIS D 183 21.91 -2.69 -3.36
N ILE D 184 22.92 -2.71 -2.47
CA ILE D 184 22.90 -3.54 -1.27
C ILE D 184 22.40 -2.69 -0.11
N PRO D 185 22.00 -3.29 1.04
CA PRO D 185 21.47 -2.51 2.18
C PRO D 185 22.53 -1.67 2.91
N GLN D 186 22.07 -0.57 3.52
CA GLN D 186 22.92 0.38 4.22
C GLN D 186 23.27 -0.15 5.61
N PRO D 187 24.50 0.07 6.13
CA PRO D 187 24.84 -0.32 7.50
C PRO D 187 24.35 0.69 8.54
N TYR D 188 23.02 0.87 8.61
CA TYR D 188 22.37 1.75 9.56
C TYR D 188 21.79 0.94 10.70
N TRP D 189 22.64 0.51 11.64
CA TRP D 189 22.23 -0.33 12.77
C TRP D 189 20.99 0.22 13.45
N PHE D 190 20.97 1.53 13.74
CA PHE D 190 19.98 2.10 14.63
C PHE D 190 18.56 1.88 14.11
N GLY D 191 18.39 2.03 12.79
CA GLY D 191 17.07 1.98 12.16
C GLY D 191 16.78 0.63 11.48
N GLU D 192 17.82 -0.10 11.07
CA GLU D 192 17.65 -1.30 10.25
C GLU D 192 18.02 -2.57 11.04
N GLY D 193 19.18 -2.55 11.72
CA GLY D 193 19.67 -3.70 12.46
C GLY D 193 18.79 -3.96 13.68
N GLY D 194 17.95 -4.99 13.62
CA GLY D 194 16.87 -5.16 14.58
C GLY D 194 17.37 -5.51 15.97
N ASP D 195 17.59 -6.81 16.20
CA ASP D 195 18.03 -7.33 17.48
C ASP D 195 19.49 -7.75 17.41
N MET D 196 20.18 -7.39 16.32
CA MET D 196 21.60 -7.64 16.19
C MET D 196 22.37 -6.62 17.03
N THR D 197 23.54 -7.02 17.57
CA THR D 197 24.47 -6.09 18.18
C THR D 197 25.12 -5.32 17.04
N PRO D 198 25.54 -4.03 17.24
CA PRO D 198 26.13 -3.25 16.16
C PRO D 198 27.20 -3.99 15.36
N ASP D 199 28.16 -4.58 16.08
CA ASP D 199 29.31 -5.24 15.47
C ASP D 199 28.89 -6.31 14.48
N GLU D 200 27.89 -7.13 14.83
CA GLU D 200 27.51 -8.25 13.98
C GLU D 200 26.61 -7.78 12.83
N PHE D 201 25.93 -6.64 13.01
CA PHE D 201 25.19 -6.03 11.92
C PHE D 201 26.16 -5.54 10.84
N GLY D 202 27.21 -4.83 11.29
CA GLY D 202 28.26 -4.35 10.40
C GLY D 202 28.88 -5.47 9.58
N VAL D 203 28.99 -6.67 10.17
CA VAL D 203 29.52 -7.82 9.45
C VAL D 203 28.46 -8.28 8.44
N TRP D 204 27.19 -8.34 8.89
CA TRP D 204 26.11 -8.74 8.02
C TRP D 204 26.06 -7.83 6.79
N ALA D 205 25.99 -6.52 7.05
CA ALA D 205 25.86 -5.50 6.02
C ALA D 205 27.01 -5.58 5.02
N ALA D 206 28.22 -5.78 5.54
CA ALA D 206 29.41 -5.90 4.71
C ALA D 206 29.34 -7.14 3.83
N GLU D 207 28.89 -8.27 4.39
CA GLU D 207 28.87 -9.54 3.66
CA GLU D 207 28.86 -9.54 3.68
C GLU D 207 27.83 -9.50 2.54
N GLN D 208 26.85 -8.60 2.66
CA GLN D 208 25.84 -8.43 1.62
CA GLN D 208 25.83 -8.42 1.63
C GLN D 208 26.50 -7.99 0.31
N LEU D 209 27.66 -7.33 0.42
CA LEU D 209 28.45 -6.95 -0.75
C LEU D 209 28.90 -8.21 -1.48
N GLU D 210 29.45 -9.18 -0.74
CA GLU D 210 29.90 -10.43 -1.32
C GLU D 210 28.72 -11.20 -1.93
N LYS D 211 27.56 -11.12 -1.30
CA LYS D 211 26.36 -11.73 -1.85
C LYS D 211 26.10 -11.18 -3.24
N LYS D 212 26.20 -9.85 -3.38
CA LYS D 212 25.82 -9.18 -4.61
C LYS D 212 26.85 -9.45 -5.72
N ILE D 213 28.13 -9.57 -5.34
CA ILE D 213 29.17 -9.87 -6.29
C ILE D 213 28.88 -11.21 -6.95
N LEU D 214 28.63 -12.22 -6.11
CA LEU D 214 28.43 -13.60 -6.56
C LEU D 214 27.11 -13.70 -7.32
N GLU D 215 26.12 -12.89 -6.92
CA GLU D 215 24.83 -12.86 -7.60
C GLU D 215 25.02 -12.39 -9.04
N VAL D 216 25.62 -11.21 -9.20
CA VAL D 216 25.72 -10.53 -10.48
C VAL D 216 26.78 -11.22 -11.34
N GLY D 217 27.85 -11.69 -10.67
CA GLY D 217 29.02 -12.25 -11.34
C GLY D 217 30.21 -11.30 -11.25
N GLU D 218 31.27 -11.76 -10.57
CA GLU D 218 32.51 -11.00 -10.43
C GLU D 218 32.89 -10.33 -11.75
N ASP D 219 32.96 -11.15 -12.80
CA ASP D 219 33.36 -10.75 -14.15
C ASP D 219 32.43 -9.69 -14.75
N ASN D 220 31.31 -9.41 -14.06
CA ASN D 220 30.36 -8.40 -14.50
C ASN D 220 30.42 -7.16 -13.60
N VAL D 221 31.17 -7.24 -12.50
CA VAL D 221 31.17 -6.18 -11.49
C VAL D 221 32.34 -5.24 -11.75
N ALA D 222 31.99 -3.96 -11.94
CA ALA D 222 32.96 -2.93 -12.29
C ALA D 222 33.52 -2.26 -11.03
N ALA D 223 32.64 -1.95 -10.06
CA ALA D 223 33.06 -1.21 -8.89
C ALA D 223 32.02 -1.27 -7.77
N PHE D 224 32.52 -1.07 -6.54
CA PHE D 224 31.68 -0.74 -5.40
C PHE D 224 31.83 0.75 -5.11
N ILE D 225 30.70 1.45 -4.97
CA ILE D 225 30.69 2.86 -4.65
C ILE D 225 30.01 3.06 -3.30
N ALA D 226 30.66 3.83 -2.41
CA ALA D 226 30.09 4.14 -1.11
C ALA D 226 30.73 5.40 -0.53
N GLU D 227 29.92 6.14 0.25
CA GLU D 227 30.43 7.22 1.09
C GLU D 227 31.09 6.55 2.29
N PRO D 228 32.22 7.07 2.84
CA PRO D 228 32.77 6.53 4.06
C PRO D 228 31.78 6.59 5.22
N ILE D 229 31.12 7.74 5.36
CA ILE D 229 29.99 7.91 6.26
C ILE D 229 28.87 8.59 5.47
N GLN D 230 27.74 7.88 5.29
CA GLN D 230 26.62 8.44 4.55
C GLN D 230 26.21 9.77 5.17
N GLY D 231 25.92 10.75 4.30
CA GLY D 231 25.67 12.13 4.72
C GLY D 231 24.20 12.50 4.57
N ALA D 232 23.74 12.62 3.33
CA ALA D 232 22.42 13.15 3.03
C ALA D 232 21.32 12.31 3.70
N GLY D 233 21.54 11.00 3.85
CA GLY D 233 20.52 10.12 4.39
C GLY D 233 20.67 9.93 5.89
N GLY D 234 20.95 11.02 6.64
CA GLY D 234 21.36 10.94 8.03
C GLY D 234 22.85 10.68 8.10
N VAL D 235 23.47 10.85 9.28
CA VAL D 235 24.89 10.58 9.43
C VAL D 235 25.03 9.13 9.88
N ILE D 236 24.80 8.19 8.95
CA ILE D 236 24.86 6.77 9.27
C ILE D 236 26.30 6.40 9.50
N ILE D 237 26.75 6.55 10.75
CA ILE D 237 28.10 6.14 11.10
C ILE D 237 28.08 4.62 11.17
N PRO D 238 28.94 3.92 10.39
CA PRO D 238 28.91 2.46 10.35
C PRO D 238 29.36 1.85 11.67
N PRO D 239 28.92 0.61 11.98
CA PRO D 239 29.56 -0.19 13.01
C PRO D 239 31.06 -0.31 12.77
N GLU D 240 31.83 -0.56 13.84
CA GLU D 240 33.28 -0.66 13.75
C GLU D 240 33.69 -1.75 12.75
N THR D 241 32.88 -2.81 12.64
CA THR D 241 33.26 -4.01 11.90
C THR D 241 33.07 -3.83 10.40
N TYR D 242 32.22 -2.88 9.98
CA TYR D 242 31.79 -2.78 8.59
C TYR D 242 32.97 -2.62 7.65
N TRP D 243 33.66 -1.47 7.70
CA TRP D 243 34.69 -1.18 6.73
C TRP D 243 35.77 -2.25 6.74
N PRO D 244 36.29 -2.68 7.91
CA PRO D 244 37.29 -3.75 7.94
C PRO D 244 36.83 -5.00 7.22
N LYS D 245 35.56 -5.37 7.42
CA LYS D 245 34.99 -6.54 6.79
C LYS D 245 34.94 -6.33 5.28
N VAL D 246 34.50 -5.14 4.87
CA VAL D 246 34.36 -4.78 3.46
C VAL D 246 35.73 -4.89 2.78
N LYS D 247 36.78 -4.40 3.46
CA LYS D 247 38.13 -4.43 2.93
C LYS D 247 38.55 -5.86 2.60
N GLU D 248 38.17 -6.81 3.46
CA GLU D 248 38.55 -8.21 3.30
C GLU D 248 37.90 -8.80 2.06
N ILE D 249 36.67 -8.34 1.77
CA ILE D 249 35.97 -8.74 0.56
C ILE D 249 36.67 -8.14 -0.66
N LEU D 250 36.92 -6.82 -0.63
CA LEU D 250 37.54 -6.09 -1.74
C LEU D 250 38.84 -6.75 -2.21
N ALA D 251 39.63 -7.29 -1.28
CA ALA D 251 40.91 -7.89 -1.60
C ALA D 251 40.73 -9.16 -2.43
N ARG D 252 39.65 -9.91 -2.14
CA ARG D 252 39.42 -11.20 -2.75
C ARG D 252 38.92 -11.06 -4.19
N TYR D 253 38.27 -9.93 -4.51
CA TYR D 253 37.62 -9.75 -5.80
C TYR D 253 38.33 -8.66 -6.61
N ASP D 254 38.14 -8.75 -7.94
CA ASP D 254 38.83 -7.89 -8.88
C ASP D 254 37.88 -6.81 -9.38
N ILE D 255 37.53 -5.88 -8.50
CA ILE D 255 36.65 -4.77 -8.81
C ILE D 255 37.22 -3.49 -8.18
N LEU D 256 36.75 -2.34 -8.68
CA LEU D 256 37.26 -1.04 -8.26
C LEU D 256 36.47 -0.55 -7.06
N PHE D 257 37.13 0.19 -6.17
CA PHE D 257 36.47 0.79 -5.02
C PHE D 257 36.36 2.30 -5.25
N VAL D 258 35.14 2.81 -5.09
CA VAL D 258 34.88 4.24 -5.22
C VAL D 258 34.39 4.77 -3.87
N ALA D 259 35.23 5.60 -3.25
CA ALA D 259 34.88 6.32 -2.03
C ALA D 259 34.33 7.69 -2.39
N ASP D 260 33.07 7.95 -2.03
CA ASP D 260 32.49 9.26 -2.27
C ASP D 260 32.81 10.16 -1.09
N GLU D 261 33.90 10.93 -1.22
CA GLU D 261 34.39 11.80 -0.16
C GLU D 261 33.79 13.21 -0.26
N VAL D 262 32.74 13.40 -1.06
CA VAL D 262 32.15 14.72 -1.23
C VAL D 262 31.95 15.40 0.13
N ILE D 263 31.28 14.70 1.07
CA ILE D 263 31.05 15.22 2.41
C ILE D 263 32.26 14.94 3.30
N CYS D 264 32.74 13.70 3.30
CA CYS D 264 33.80 13.28 4.20
C CYS D 264 35.13 13.97 3.88
N GLY D 265 35.22 14.56 2.68
CA GLY D 265 36.47 15.15 2.21
C GLY D 265 36.74 16.52 2.84
N PHE D 266 37.99 16.68 3.29
CA PHE D 266 38.56 17.96 3.72
C PHE D 266 38.07 18.29 5.14
N GLY D 267 38.42 17.39 6.08
CA GLY D 267 38.48 17.72 7.49
C GLY D 267 37.22 17.38 8.28
N ARG D 268 36.19 16.85 7.63
CA ARG D 268 34.87 16.71 8.22
C ARG D 268 34.87 15.65 9.33
N THR D 269 35.72 14.63 9.20
CA THR D 269 35.77 13.53 10.16
C THR D 269 37.08 13.59 10.94
N GLY D 270 37.66 14.79 11.09
CA GLY D 270 38.89 14.97 11.85
C GLY D 270 40.13 14.73 11.00
N GLU D 271 40.10 13.69 10.15
CA GLU D 271 41.16 13.43 9.19
C GLU D 271 40.86 14.24 7.92
N TRP D 272 41.83 14.23 6.99
CA TRP D 272 41.63 14.84 5.68
C TRP D 272 40.44 14.20 4.97
N PHE D 273 40.42 12.86 4.95
CA PHE D 273 39.37 12.10 4.30
C PHE D 273 38.86 11.01 5.22
N GLY D 274 37.63 10.54 4.94
CA GLY D 274 37.07 9.36 5.58
C GLY D 274 37.89 8.12 5.24
N SER D 275 38.47 8.10 4.03
CA SER D 275 39.30 7.01 3.58
C SER D 275 40.56 6.90 4.44
N ASP D 276 41.00 8.05 4.98
CA ASP D 276 42.08 8.08 5.96
C ASP D 276 41.57 7.59 7.31
N TYR D 277 40.33 7.97 7.65
CA TYR D 277 39.75 7.60 8.93
C TYR D 277 39.69 6.08 9.06
N TYR D 278 39.09 5.42 8.07
CA TYR D 278 38.91 3.97 8.10
C TYR D 278 40.01 3.23 7.35
N ASP D 279 41.16 3.88 7.14
CA ASP D 279 42.29 3.26 6.46
C ASP D 279 41.81 2.46 5.25
N LEU D 280 41.10 3.16 4.34
CA LEU D 280 40.64 2.58 3.10
C LEU D 280 41.63 2.91 1.99
N LYS D 281 41.79 1.97 1.05
CA LYS D 281 42.63 2.17 -0.11
C LYS D 281 41.76 2.19 -1.35
N PRO D 282 41.01 3.28 -1.64
CA PRO D 282 40.17 3.34 -2.82
C PRO D 282 40.95 3.53 -4.12
N ASP D 283 40.22 3.40 -5.23
CA ASP D 283 40.76 3.63 -6.56
C ASP D 283 40.41 5.04 -7.01
N LEU D 284 39.17 5.48 -6.69
CA LEU D 284 38.67 6.79 -7.08
C LEU D 284 37.97 7.45 -5.91
N MET D 285 38.03 8.79 -5.90
CA MET D 285 37.57 9.59 -4.76
C MET D 285 36.79 10.79 -5.30
N THR D 286 35.47 10.81 -5.07
CA THR D 286 34.63 11.91 -5.47
C THR D 286 34.83 13.04 -4.46
N ILE D 287 34.94 14.29 -4.95
CA ILE D 287 35.15 15.43 -4.07
C ILE D 287 34.37 16.64 -4.55
N ALA D 288 34.09 17.54 -3.60
CA ALA D 288 33.44 18.81 -3.86
C ALA D 288 33.29 19.55 -2.52
N LYS D 289 32.33 20.47 -2.43
CA LYS D 289 31.90 21.07 -1.18
C LYS D 289 33.04 21.81 -0.47
N GLY D 290 33.81 21.07 0.33
CA GLY D 290 34.82 21.65 1.20
C GLY D 290 36.11 21.98 0.44
N LEU D 291 36.24 21.46 -0.78
CA LEU D 291 37.39 21.75 -1.61
C LEU D 291 37.63 23.27 -1.67
N THR D 292 36.56 24.03 -1.96
CA THR D 292 36.64 25.49 -1.98
C THR D 292 35.86 26.09 -0.83
N SER D 293 35.58 25.30 0.21
CA SER D 293 34.72 25.73 1.31
C SER D 293 33.40 26.30 0.77
N GLY D 294 33.06 25.96 -0.48
CA GLY D 294 31.80 26.39 -1.07
C GLY D 294 31.76 27.88 -1.44
N TYR D 295 32.88 28.59 -1.27
CA TYR D 295 32.97 29.99 -1.65
C TYR D 295 32.76 30.14 -3.15
N ILE D 296 33.20 29.12 -3.91
CA ILE D 296 33.06 29.11 -5.35
C ILE D 296 32.77 27.68 -5.82
N PRO D 297 31.87 27.50 -6.82
CA PRO D 297 31.53 26.17 -7.30
C PRO D 297 32.72 25.39 -7.84
N MET D 298 32.94 24.19 -7.31
CA MET D 298 33.97 23.31 -7.85
C MET D 298 33.79 21.90 -7.29
N GLY D 299 34.16 20.89 -8.09
CA GLY D 299 34.23 19.50 -7.67
C GLY D 299 35.35 18.78 -8.40
N GLY D 300 35.41 17.45 -8.27
CA GLY D 300 36.46 16.71 -8.95
C GLY D 300 36.44 15.22 -8.63
N VAL D 301 37.40 14.50 -9.24
CA VAL D 301 37.65 13.11 -8.97
C VAL D 301 39.15 12.92 -8.79
N ILE D 302 39.55 12.32 -7.68
CA ILE D 302 40.93 11.95 -7.43
C ILE D 302 41.10 10.51 -7.90
N VAL D 303 42.18 10.26 -8.66
CA VAL D 303 42.35 9.01 -9.39
C VAL D 303 43.68 8.37 -9.00
N ARG D 304 43.64 7.07 -8.67
CA ARG D 304 44.80 6.32 -8.26
C ARG D 304 45.72 6.13 -9.47
N ASP D 305 47.03 6.04 -9.21
CA ASP D 305 48.03 5.96 -10.25
C ASP D 305 47.69 4.81 -11.20
N THR D 306 47.40 3.63 -10.64
CA THR D 306 47.20 2.43 -11.45
C THR D 306 45.95 2.57 -12.32
N VAL D 307 44.91 3.22 -11.81
CA VAL D 307 43.67 3.38 -12.57
C VAL D 307 43.90 4.42 -13.66
N ALA D 308 44.95 5.24 -13.51
CA ALA D 308 45.29 6.17 -14.57
C ALA D 308 46.02 5.42 -15.69
N LYS D 309 45.58 4.19 -15.99
CA LYS D 309 46.07 3.45 -17.14
C LYS D 309 45.19 3.83 -18.33
N VAL D 310 44.14 4.59 -18.05
CA VAL D 310 43.30 5.17 -19.10
C VAL D 310 44.21 5.98 -20.02
N ILE D 311 45.28 6.54 -19.43
CA ILE D 311 46.26 7.30 -20.20
C ILE D 311 46.76 6.50 -21.40
N SER D 312 46.88 5.16 -21.28
CA SER D 312 47.44 4.37 -22.36
C SER D 312 46.46 4.32 -23.52
N GLU D 313 46.39 3.17 -24.21
CA GLU D 313 45.64 3.07 -25.46
C GLU D 313 44.15 3.30 -25.20
N GLY D 314 43.85 4.15 -24.21
CA GLY D 314 42.55 4.78 -24.12
C GLY D 314 42.25 5.62 -25.35
N GLY D 315 43.28 6.28 -25.89
CA GLY D 315 43.06 7.39 -26.79
C GLY D 315 42.49 8.55 -25.99
N ASP D 316 41.65 9.36 -26.62
CA ASP D 316 41.00 10.48 -25.97
C ASP D 316 39.96 9.94 -24.99
N PHE D 317 39.88 10.57 -23.82
CA PHE D 317 38.81 10.31 -22.86
C PHE D 317 37.73 11.37 -23.07
N ASN D 318 36.77 11.07 -23.95
CA ASN D 318 35.75 12.01 -24.36
C ASN D 318 34.86 12.38 -23.17
N HIS D 319 35.38 13.27 -22.31
CA HIS D 319 34.71 13.65 -21.08
C HIS D 319 35.18 15.05 -20.67
N GLY D 320 34.36 15.73 -19.86
CA GLY D 320 34.78 16.98 -19.26
C GLY D 320 33.74 18.07 -19.46
N PHE D 321 33.88 19.15 -18.69
CA PHE D 321 32.92 20.25 -18.71
C PHE D 321 33.69 21.53 -18.99
N THR D 322 32.99 22.51 -19.59
CA THR D 322 33.54 23.81 -19.91
C THR D 322 34.35 24.33 -18.72
N TYR D 323 33.69 24.38 -17.55
CA TYR D 323 34.22 25.01 -16.37
C TYR D 323 34.99 24.03 -15.48
N SER D 324 35.49 22.93 -16.06
CA SER D 324 36.13 21.88 -15.26
C SER D 324 37.05 22.44 -14.18
N GLY D 325 38.29 22.80 -14.55
CA GLY D 325 39.24 23.37 -13.61
C GLY D 325 39.26 24.88 -13.76
N HIS D 326 38.10 25.50 -13.49
CA HIS D 326 37.92 26.92 -13.74
C HIS D 326 38.91 27.73 -12.90
N PRO D 327 39.71 28.64 -13.51
CA PRO D 327 40.88 29.19 -12.85
C PRO D 327 40.59 29.97 -11.56
N VAL D 328 39.45 30.67 -11.54
CA VAL D 328 39.06 31.42 -10.35
C VAL D 328 38.76 30.41 -9.24
N ALA D 329 38.05 29.35 -9.61
CA ALA D 329 37.66 28.30 -8.67
C ALA D 329 38.88 27.56 -8.11
N ALA D 330 39.93 27.41 -8.93
CA ALA D 330 41.13 26.68 -8.53
C ALA D 330 41.96 27.50 -7.54
N ALA D 331 42.03 28.82 -7.76
CA ALA D 331 42.76 29.72 -6.89
C ALA D 331 42.13 29.72 -5.50
N VAL D 332 40.80 29.81 -5.46
CA VAL D 332 40.05 29.72 -4.22
C VAL D 332 40.30 28.36 -3.57
N GLY D 333 40.40 27.31 -4.40
CA GLY D 333 40.69 25.97 -3.90
C GLY D 333 42.09 25.87 -3.31
N LEU D 334 43.09 26.32 -4.08
CA LEU D 334 44.48 26.24 -3.68
C LEU D 334 44.68 27.01 -2.38
N GLU D 335 44.11 28.22 -2.31
CA GLU D 335 44.25 29.11 -1.16
C GLU D 335 43.54 28.51 0.04
N ASN D 336 42.42 27.79 -0.21
CA ASN D 336 41.65 27.15 0.82
C ASN D 336 42.44 26.01 1.47
N LEU D 337 43.14 25.22 0.64
CA LEU D 337 43.93 24.10 1.14
C LEU D 337 45.12 24.60 1.96
N ARG D 338 45.67 25.77 1.59
CA ARG D 338 46.80 26.34 2.31
C ARG D 338 46.35 26.66 3.74
N ILE D 339 45.18 27.29 3.87
CA ILE D 339 44.64 27.66 5.17
C ILE D 339 44.35 26.40 6.00
N LEU D 340 43.62 25.45 5.41
CA LEU D 340 43.30 24.21 6.10
C LEU D 340 44.56 23.55 6.66
N ARG D 341 45.63 23.52 5.85
CA ARG D 341 46.84 22.79 6.18
C ARG D 341 47.71 23.62 7.12
N ASP D 342 48.15 24.79 6.66
CA ASP D 342 49.20 25.57 7.31
C ASP D 342 48.70 26.25 8.59
N GLU D 343 47.42 26.66 8.63
CA GLU D 343 46.81 27.17 9.85
C GLU D 343 46.28 26.02 10.72
N LYS D 344 46.50 24.77 10.27
CA LYS D 344 46.23 23.59 11.07
C LYS D 344 44.75 23.52 11.50
N ILE D 345 43.83 23.85 10.60
CA ILE D 345 42.41 23.81 10.88
C ILE D 345 41.91 22.37 11.00
N VAL D 346 42.40 21.47 10.14
CA VAL D 346 42.03 20.07 10.20
C VAL D 346 42.59 19.46 11.48
N GLU D 347 43.85 19.80 11.80
CA GLU D 347 44.49 19.34 13.03
C GLU D 347 43.75 19.89 14.25
N LYS D 348 43.38 21.18 14.22
CA LYS D 348 42.63 21.82 15.29
C LYS D 348 41.24 21.21 15.40
N ALA D 349 40.66 20.78 14.27
CA ALA D 349 39.36 20.14 14.27
C ALA D 349 39.42 18.82 15.05
N ARG D 350 40.45 18.00 14.78
CA ARG D 350 40.58 16.69 15.40
C ARG D 350 40.91 16.81 16.89
N THR D 351 41.84 17.72 17.22
CA THR D 351 42.40 17.81 18.56
C THR D 351 41.51 18.66 19.48
N GLU D 352 40.99 19.78 18.97
CA GLU D 352 40.41 20.81 19.82
C GLU D 352 38.88 20.90 19.68
N ALA D 353 38.39 20.96 18.45
CA ALA D 353 36.97 21.20 18.20
C ALA D 353 36.15 19.92 18.42
N ALA D 354 36.58 18.82 17.77
CA ALA D 354 35.78 17.60 17.68
C ALA D 354 35.47 17.01 19.05
N PRO D 355 36.48 16.81 19.94
CA PRO D 355 36.21 16.20 21.25
C PRO D 355 35.26 17.05 22.08
N TYR D 356 35.36 18.37 21.94
CA TYR D 356 34.50 19.29 22.66
C TYR D 356 33.07 19.18 22.11
N LEU D 357 32.93 19.14 20.78
CA LEU D 357 31.63 19.00 20.14
C LEU D 357 31.00 17.66 20.53
N GLN D 358 31.79 16.59 20.52
CA GLN D 358 31.27 15.24 20.77
C GLN D 358 30.78 15.14 22.22
N LYS D 359 31.52 15.73 23.16
CA LYS D 359 31.16 15.72 24.58
C LYS D 359 29.85 16.49 24.79
N ARG D 360 29.81 17.76 24.38
CA ARG D 360 28.69 18.64 24.65
C ARG D 360 27.42 18.13 23.97
N LEU D 361 27.56 17.39 22.88
CA LEU D 361 26.42 16.88 22.14
C LEU D 361 25.89 15.61 22.79
N ARG D 362 26.77 14.80 23.39
CA ARG D 362 26.37 13.53 23.98
C ARG D 362 25.77 13.70 25.37
N GLU D 363 25.71 14.94 25.89
CA GLU D 363 25.04 15.24 27.13
C GLU D 363 23.53 15.33 26.90
N LEU D 364 23.12 15.25 25.62
CA LEU D 364 21.72 15.22 25.23
C LEU D 364 21.17 13.80 25.28
N GLN D 365 22.05 12.82 25.56
CA GLN D 365 21.65 11.42 25.69
C GLN D 365 20.51 11.26 26.69
N ASP D 366 20.52 12.06 27.76
CA ASP D 366 19.60 11.90 28.88
C ASP D 366 18.18 12.33 28.52
N HIS D 367 18.04 13.26 27.56
CA HIS D 367 16.76 13.89 27.23
C HIS D 367 15.70 12.86 26.82
N PRO D 368 14.44 12.95 27.33
CA PRO D 368 13.44 11.92 27.09
C PRO D 368 13.29 11.51 25.62
N LEU D 369 13.46 12.48 24.72
CA LEU D 369 13.17 12.27 23.30
C LEU D 369 14.34 11.60 22.59
N VAL D 370 15.53 11.70 23.18
CA VAL D 370 16.75 11.28 22.50
C VAL D 370 16.96 9.78 22.75
N GLY D 371 16.93 9.00 21.67
CA GLY D 371 17.26 7.59 21.74
C GLY D 371 18.78 7.38 21.74
N GLU D 372 19.47 8.20 20.94
CA GLU D 372 20.90 8.08 20.74
C GLU D 372 21.49 9.44 20.37
N VAL D 373 22.74 9.66 20.76
CA VAL D 373 23.55 10.70 20.16
C VAL D 373 24.80 10.01 19.64
N ARG D 374 25.06 10.18 18.33
CA ARG D 374 26.25 9.68 17.70
C ARG D 374 26.87 10.80 16.89
N GLY D 375 28.20 10.80 16.82
CA GLY D 375 28.92 11.79 16.05
C GLY D 375 30.40 11.43 15.97
N LEU D 376 31.07 11.99 14.97
CA LEU D 376 32.47 11.69 14.73
C LEU D 376 33.10 12.95 14.14
N GLY D 377 34.26 13.33 14.67
CA GLY D 377 34.90 14.56 14.22
C GLY D 377 33.87 15.70 14.24
N MET D 378 33.58 16.27 13.07
CA MET D 378 32.69 17.41 12.97
C MET D 378 31.38 16.97 12.31
N LEU D 379 31.01 15.71 12.56
CA LEU D 379 29.69 15.17 12.22
C LEU D 379 28.93 14.83 13.51
N GLY D 380 27.60 14.91 13.48
CA GLY D 380 26.79 14.59 14.64
C GLY D 380 25.32 14.35 14.30
N ALA D 381 24.73 13.33 14.91
CA ALA D 381 23.33 12.98 14.72
C ALA D 381 22.65 12.67 16.05
N ILE D 382 21.37 13.05 16.16
CA ILE D 382 20.56 12.80 17.34
C ILE D 382 19.30 12.06 16.91
N GLU D 383 19.12 10.82 17.41
CA GLU D 383 17.95 10.02 17.08
C GLU D 383 16.79 10.38 18.02
N LEU D 384 15.64 10.71 17.42
CA LEU D 384 14.44 11.03 18.16
C LEU D 384 13.52 9.81 18.16
N VAL D 385 13.13 9.35 19.36
CA VAL D 385 12.45 8.08 19.52
C VAL D 385 11.22 8.24 20.43
N LYS D 386 10.35 7.24 20.36
CA LYS D 386 9.23 7.08 21.27
C LYS D 386 9.63 6.20 22.46
N ASP D 387 10.59 5.30 22.26
CA ASP D 387 11.04 4.39 23.30
C ASP D 387 12.51 4.03 23.04
N LYS D 388 13.38 4.32 24.02
CA LYS D 388 14.83 4.22 23.85
C LYS D 388 15.27 2.77 23.67
N ALA D 389 14.66 1.85 24.44
CA ALA D 389 15.10 0.46 24.48
C ALA D 389 14.71 -0.30 23.20
N THR D 390 13.52 -0.02 22.66
CA THR D 390 13.04 -0.63 21.41
C THR D 390 13.58 0.13 20.19
N ARG D 391 14.05 1.37 20.40
CA ARG D 391 14.48 2.26 19.33
C ARG D 391 13.31 2.61 18.41
N SER D 392 12.10 2.65 18.97
CA SER D 392 10.90 2.92 18.19
C SER D 392 10.81 4.40 17.82
N ARG D 393 9.94 4.69 16.85
CA ARG D 393 9.70 6.05 16.36
C ARG D 393 8.22 6.36 16.56
N TYR D 394 7.86 7.64 16.43
CA TYR D 394 6.47 8.05 16.39
C TYR D 394 5.93 7.91 14.96
N GLU D 395 6.12 6.74 14.35
CA GLU D 395 5.78 6.44 12.95
C GLU D 395 5.11 7.61 12.24
N GLY D 396 3.79 7.53 12.00
CA GLY D 396 3.07 8.62 11.41
C GLY D 396 3.15 9.84 12.31
N LYS D 397 3.91 10.85 11.86
CA LYS D 397 4.33 11.98 12.69
C LYS D 397 5.54 12.64 12.03
N GLY D 398 5.69 13.95 12.29
CA GLY D 398 6.77 14.75 11.73
C GLY D 398 8.05 14.65 12.55
N VAL D 399 7.91 14.63 13.88
CA VAL D 399 9.00 14.73 14.85
C VAL D 399 10.22 15.48 14.32
N GLY D 400 10.94 14.95 13.32
CA GLY D 400 12.15 15.59 12.82
C GLY D 400 11.88 17.02 12.31
N MET D 401 10.78 17.14 11.56
CA MET D 401 10.37 18.38 10.96
C MET D 401 9.92 19.37 12.02
N ILE D 402 9.52 18.88 13.19
CA ILE D 402 9.11 19.73 14.31
C ILE D 402 10.31 20.55 14.81
N CYS D 403 11.44 19.89 15.07
CA CYS D 403 12.66 20.63 15.35
C CYS D 403 13.07 21.47 14.17
N ARG D 404 13.04 20.91 12.95
CA ARG D 404 13.35 21.67 11.74
C ARG D 404 12.84 23.11 11.87
N THR D 405 11.59 23.27 12.34
CA THR D 405 11.07 24.61 12.62
C THR D 405 11.73 25.13 13.89
N PHE D 406 11.35 24.58 15.04
CA PHE D 406 11.87 24.98 16.34
C PHE D 406 13.35 25.37 16.27
N CYS D 407 14.19 24.38 15.93
CA CYS D 407 15.63 24.59 15.87
C CYS D 407 15.92 25.83 15.03
N PHE D 408 15.53 25.83 13.75
CA PHE D 408 15.81 26.95 12.86
C PHE D 408 15.30 28.26 13.49
N GLU D 409 14.09 28.22 14.07
CA GLU D 409 13.48 29.41 14.64
C GLU D 409 14.29 29.94 15.84
N ASN D 410 14.60 29.07 16.80
CA ASN D 410 15.37 29.46 17.98
C ASN D 410 16.82 29.76 17.59
N GLY D 411 17.09 29.97 16.28
CA GLY D 411 18.37 30.40 15.77
C GLY D 411 19.34 29.26 15.47
N LEU D 412 18.87 28.06 15.04
CA LEU D 412 19.82 26.98 14.82
C LEU D 412 19.48 26.17 13.57
N ILE D 413 20.38 26.15 12.59
CA ILE D 413 20.28 25.21 11.49
C ILE D 413 20.86 23.87 11.96
N MET D 414 19.95 22.97 12.34
CA MET D 414 20.23 21.56 12.55
C MET D 414 19.16 20.83 11.76
N ARG D 415 19.56 20.03 10.76
CA ARG D 415 18.61 19.51 9.79
C ARG D 415 18.06 18.16 10.22
N ALA D 416 16.90 17.79 9.65
CA ALA D 416 16.21 16.55 9.96
C ALA D 416 16.19 15.63 8.74
N VAL D 417 16.72 14.41 8.90
CA VAL D 417 16.54 13.35 7.93
C VAL D 417 15.65 12.29 8.58
N GLY D 418 14.38 12.28 8.19
CA GLY D 418 13.37 11.52 8.92
C GLY D 418 13.26 12.04 10.35
N ASP D 419 13.62 11.18 11.32
CA ASP D 419 13.64 11.54 12.73
C ASP D 419 15.07 11.54 13.25
N THR D 420 16.04 11.79 12.36
CA THR D 420 17.43 11.95 12.75
C THR D 420 17.83 13.41 12.56
N MET D 421 18.01 14.12 13.67
CA MET D 421 18.57 15.47 13.65
C MET D 421 20.05 15.37 13.29
N ILE D 422 20.53 16.31 12.46
CA ILE D 422 21.88 16.24 11.92
C ILE D 422 22.61 17.56 12.17
N ILE D 423 23.92 17.48 12.43
CA ILE D 423 24.78 18.66 12.36
C ILE D 423 26.11 18.30 11.69
N ALA D 424 26.71 19.32 11.06
CA ALA D 424 28.06 19.25 10.53
C ALA D 424 28.56 20.69 10.36
N PRO D 425 28.88 21.39 11.47
CA PRO D 425 29.18 22.82 11.42
C PRO D 425 30.58 23.09 10.85
N PRO D 426 30.93 24.37 10.58
CA PRO D 426 32.30 24.70 10.17
C PRO D 426 33.33 24.14 11.13
N LEU D 427 34.51 23.80 10.59
CA LEU D 427 35.57 23.15 11.35
C LEU D 427 36.17 24.15 12.37
N VAL D 428 35.94 25.44 12.13
CA VAL D 428 36.59 26.53 12.86
C VAL D 428 35.69 27.02 13.99
N ILE D 429 34.64 26.24 14.32
CA ILE D 429 33.66 26.64 15.32
C ILE D 429 34.34 26.65 16.70
N SER D 430 34.09 27.74 17.45
CA SER D 430 34.70 27.91 18.77
C SER D 430 33.85 27.21 19.83
N HIS D 431 34.50 26.87 20.96
CA HIS D 431 33.83 26.21 22.08
C HIS D 431 32.59 27.01 22.50
N ALA D 432 32.68 28.35 22.42
CA ALA D 432 31.56 29.23 22.74
C ALA D 432 30.39 28.98 21.80
N GLU D 433 30.66 28.91 20.48
CA GLU D 433 29.62 28.72 19.48
C GLU D 433 29.04 27.29 19.57
N ILE D 434 29.87 26.33 20.04
CA ILE D 434 29.43 24.97 20.32
C ILE D 434 28.47 24.99 21.50
N ASP D 435 28.78 25.82 22.50
CA ASP D 435 27.89 26.02 23.64
C ASP D 435 26.55 26.51 23.12
N GLU D 436 26.58 27.51 22.24
CA GLU D 436 25.38 28.15 21.71
C GLU D 436 24.47 27.14 21.02
N LEU D 437 25.09 26.23 20.26
CA LEU D 437 24.37 25.19 19.53
C LEU D 437 23.63 24.29 20.51
N VAL D 438 24.38 23.66 21.42
CA VAL D 438 23.86 22.66 22.34
C VAL D 438 22.76 23.24 23.23
N GLU D 439 22.96 24.49 23.66
CA GLU D 439 21.96 25.21 24.45
C GLU D 439 20.66 25.31 23.66
N LYS D 440 20.74 25.84 22.44
CA LYS D 440 19.57 25.96 21.57
C LYS D 440 19.00 24.58 21.25
N ALA D 441 19.86 23.57 21.07
CA ALA D 441 19.42 22.23 20.70
C ALA D 441 18.52 21.65 21.79
N ARG D 442 18.96 21.73 23.05
CA ARG D 442 18.18 21.23 24.17
C ARG D 442 16.82 21.91 24.22
N LYS D 443 16.80 23.23 24.05
CA LYS D 443 15.58 24.03 24.13
C LYS D 443 14.54 23.50 23.14
N CYS D 444 15.00 23.15 21.93
CA CYS D 444 14.12 22.79 20.84
C CYS D 444 13.68 21.33 20.96
N LEU D 445 14.55 20.47 21.51
CA LEU D 445 14.20 19.10 21.87
C LEU D 445 13.11 19.10 22.95
N ASP D 446 13.21 20.03 23.90
CA ASP D 446 12.17 20.23 24.90
C ASP D 446 10.88 20.67 24.23
N LEU D 447 10.98 21.69 23.36
CA LEU D 447 9.79 22.21 22.68
C LEU D 447 9.18 21.14 21.78
N THR D 448 10.03 20.36 21.11
CA THR D 448 9.57 19.29 20.24
C THR D 448 8.69 18.35 21.06
N LEU D 449 9.29 17.75 22.11
CA LEU D 449 8.62 16.82 23.01
C LEU D 449 7.28 17.36 23.50
N GLU D 450 7.23 18.64 23.83
CA GLU D 450 6.00 19.29 24.26
C GLU D 450 4.93 19.17 23.16
N ALA D 451 5.34 19.32 21.91
CA ALA D 451 4.41 19.37 20.78
C ALA D 451 3.82 17.99 20.46
N ILE D 452 4.44 16.92 20.96
CA ILE D 452 3.92 15.58 20.75
C ILE D 452 3.12 15.16 21.99
N GLN D 453 3.78 15.07 23.15
CA GLN D 453 3.15 14.67 24.40
C GLN D 453 4.11 15.09 25.55
P PO4 E . -4.89 -10.91 -10.35
O1 PO4 E . -4.07 -11.58 -11.44
O2 PO4 E . -4.57 -11.57 -9.00
O3 PO4 E . -4.54 -9.42 -10.28
O4 PO4 E . -6.38 -11.05 -10.65
P PO4 F . -26.79 -16.35 6.43
O1 PO4 F . -25.46 -15.65 6.19
O2 PO4 F . -27.08 -16.39 7.91
O3 PO4 F . -27.92 -15.57 5.71
O4 PO4 F . -26.69 -17.77 5.88
P PO4 G . -28.55 -12.31 0.85
O1 PO4 G . -27.37 -11.36 0.72
O2 PO4 G . -28.38 -13.16 2.12
O3 PO4 G . -29.86 -11.50 0.92
O4 PO4 G . -28.56 -13.21 -0.37
P PO4 H . -28.94 -24.42 19.80
O1 PO4 H . -27.62 -24.96 19.26
O2 PO4 H . -29.09 -24.76 21.29
O3 PO4 H . -28.98 -22.91 19.64
O4 PO4 H . -30.10 -25.03 19.03
P PO4 I . 29.05 22.12 -19.81
O1 PO4 I . 30.16 22.74 -18.96
O2 PO4 I . 28.19 21.22 -18.94
O3 PO4 I . 28.18 23.22 -20.42
O4 PO4 I . 29.66 21.27 -20.93
P PO4 J . 26.77 18.11 -5.54
O1 PO4 J . 28.19 18.64 -5.52
O2 PO4 J . 26.07 18.49 -4.25
O3 PO4 J . 26.01 18.72 -6.72
O4 PO4 J . 26.80 16.58 -5.66
P PO4 K . 25.41 3.65 16.77
O1 PO4 K . 26.23 4.84 17.27
O2 PO4 K . 24.72 2.96 17.94
O3 PO4 K . 24.35 4.15 15.79
O4 PO4 K . 26.32 2.65 16.06
C1 EDO L . 13.25 -0.64 8.80
O1 EDO L . 12.63 -1.88 9.06
C2 EDO L . 14.51 -0.76 8.02
O2 EDO L . 15.34 0.39 8.14
#